data_1BKF
# 
_entry.id   1BKF 
# 
_audit_conform.dict_name       mmcif_pdbx.dic 
_audit_conform.dict_version    5.385 
_audit_conform.dict_location   http://mmcif.pdb.org/dictionaries/ascii/mmcif_pdbx.dic 
# 
loop_
_database_2.database_id 
_database_2.database_code 
_database_2.pdbx_database_accession 
_database_2.pdbx_DOI 
PDB   1BKF         pdb_00001bkf 10.2210/pdb1bkf/pdb 
WWPDB D_1000171859 ?            ?                   
# 
loop_
_pdbx_audit_revision_history.ordinal 
_pdbx_audit_revision_history.data_content_type 
_pdbx_audit_revision_history.major_revision 
_pdbx_audit_revision_history.minor_revision 
_pdbx_audit_revision_history.revision_date 
1 'Structure model' 1 0 1996-08-01 
2 'Structure model' 1 1 2008-03-24 
3 'Structure model' 1 2 2011-07-13 
4 'Structure model' 1 3 2018-03-21 
5 'Structure model' 1 4 2021-11-03 
6 'Structure model' 1 5 2024-02-07 
# 
_pdbx_audit_revision_details.ordinal             1 
_pdbx_audit_revision_details.revision_ordinal    1 
_pdbx_audit_revision_details.data_content_type   'Structure model' 
_pdbx_audit_revision_details.provider            repository 
_pdbx_audit_revision_details.type                'Initial release' 
_pdbx_audit_revision_details.description         ? 
_pdbx_audit_revision_details.details             ? 
# 
loop_
_pdbx_audit_revision_group.ordinal 
_pdbx_audit_revision_group.revision_ordinal 
_pdbx_audit_revision_group.data_content_type 
_pdbx_audit_revision_group.group 
1 2 'Structure model' 'Version format compliance' 
2 3 'Structure model' 'Version format compliance' 
3 4 'Structure model' 'Data collection'           
4 4 'Structure model' Other                       
5 5 'Structure model' 'Database references'       
6 5 'Structure model' 'Derived calculations'      
7 6 'Structure model' 'Data collection'           
# 
loop_
_pdbx_audit_revision_category.ordinal 
_pdbx_audit_revision_category.revision_ordinal 
_pdbx_audit_revision_category.data_content_type 
_pdbx_audit_revision_category.category 
1 4 'Structure model' diffrn_detector      
2 4 'Structure model' pdbx_database_status 
3 5 'Structure model' database_2           
4 5 'Structure model' struct_ref_seq_dif   
5 5 'Structure model' struct_site          
6 6 'Structure model' chem_comp_atom       
7 6 'Structure model' chem_comp_bond       
# 
loop_
_pdbx_audit_revision_item.ordinal 
_pdbx_audit_revision_item.revision_ordinal 
_pdbx_audit_revision_item.data_content_type 
_pdbx_audit_revision_item.item 
1 4 'Structure model' '_diffrn_detector.pdbx_collection_date' 
2 4 'Structure model' '_pdbx_database_status.process_site'    
3 5 'Structure model' '_database_2.pdbx_DOI'                  
4 5 'Structure model' '_database_2.pdbx_database_accession'   
5 5 'Structure model' '_struct_ref_seq_dif.details'           
6 5 'Structure model' '_struct_site.pdbx_auth_asym_id'        
7 5 'Structure model' '_struct_site.pdbx_auth_comp_id'        
8 5 'Structure model' '_struct_site.pdbx_auth_seq_id'         
# 
_pdbx_database_status.status_code                     REL 
_pdbx_database_status.entry_id                        1BKF 
_pdbx_database_status.recvd_initial_deposition_date   1995-10-18 
_pdbx_database_status.deposit_site                    ? 
_pdbx_database_status.process_site                    BNL 
_pdbx_database_status.status_code_sf                  REL 
_pdbx_database_status.status_code_mr                  ? 
_pdbx_database_status.SG_entry                        ? 
_pdbx_database_status.pdb_format_compatible           Y 
_pdbx_database_status.status_code_cs                  ? 
_pdbx_database_status.methods_development_category    ? 
_pdbx_database_status.status_code_nmr_data            ? 
# 
loop_
_audit_author.name 
_audit_author.pdbx_ordinal 
'Itoh, S.'         1 
'Decenzo, M.T.'    2 
'Livingston, D.J.' 3 
'Pearlman, D.A.'   4 
'Navia, M.A.'      5 
# 
_citation.id                        primary 
_citation.title                     
'Conformation of Fk506 in X-Ray Structures of its Complexes with Human Recombinant Fkbp12 Mutants' 
_citation.journal_abbrev            Bioorg.Med.Chem.Lett. 
_citation.journal_volume            5 
_citation.page_first                1983 
_citation.page_last                 ? 
_citation.year                      1995 
_citation.journal_id_ASTM           BMCLE8 
_citation.country                   UK 
_citation.journal_id_ISSN           0960-894X 
_citation.journal_id_CSD            1127 
_citation.book_publisher            ? 
_citation.pdbx_database_id_PubMed   -1 
_citation.pdbx_database_id_DOI      ? 
# 
loop_
_citation_author.citation_id 
_citation_author.name 
_citation_author.ordinal 
_citation_author.identifier_ORCID 
primary 'Itoh, S.'         1 ? 
primary 'Decenzo, M.T.'    2 ? 
primary 'Livingston, D.J.' 3 ? 
primary 'Pearlman, D.A.'   4 ? 
primary 'Navia, M.A.'      5 ? 
# 
loop_
_entity.id 
_entity.type 
_entity.src_method 
_entity.pdbx_description 
_entity.formula_weight 
_entity.pdbx_number_of_molecules 
_entity.pdbx_ec 
_entity.pdbx_mutation 
_entity.pdbx_fragment 
_entity.details 
1 polymer     man 'FK506 BINDING PROTEIN'              11769.478 1  5.2.1.8 'R42K, H87V' ? 
'COMPLEXED WITH IMMUNOSUPPRESSANT FK506' 
2 non-polymer syn '8-DEETHYL-8-[BUT-3-ENYL]-ASCOMYCIN' 804.018   1  ?       ?            ? ? 
3 water       nat water                                18.015    64 ?       ?            ? ? 
# 
_entity_name_com.entity_id   1 
_entity_name_com.name        FKBP 
# 
_entity_poly.entity_id                      1 
_entity_poly.type                           'polypeptide(L)' 
_entity_poly.nstd_linkage                   no 
_entity_poly.nstd_monomer                   no 
_entity_poly.pdbx_seq_one_letter_code       
;GVQVETISPGDGRTFPKRGQTCVVHYTGMLEDGKKFDSSRDKNKPFKFMLGKQEVIRGWEEGVAQMSVGQRAKLTISPDY
AYGATGVPGIIPPHATLVFDVELLKLE
;
_entity_poly.pdbx_seq_one_letter_code_can   
;GVQVETISPGDGRTFPKRGQTCVVHYTGMLEDGKKFDSSRDKNKPFKFMLGKQEVIRGWEEGVAQMSVGQRAKLTISPDY
AYGATGVPGIIPPHATLVFDVELLKLE
;
_entity_poly.pdbx_strand_id                 A 
_entity_poly.pdbx_target_identifier         ? 
# 
loop_
_pdbx_entity_nonpoly.entity_id 
_pdbx_entity_nonpoly.name 
_pdbx_entity_nonpoly.comp_id 
2 '8-DEETHYL-8-[BUT-3-ENYL]-ASCOMYCIN' FK5 
3 water                                HOH 
# 
loop_
_entity_poly_seq.entity_id 
_entity_poly_seq.num 
_entity_poly_seq.mon_id 
_entity_poly_seq.hetero 
1 1   GLY n 
1 2   VAL n 
1 3   GLN n 
1 4   VAL n 
1 5   GLU n 
1 6   THR n 
1 7   ILE n 
1 8   SER n 
1 9   PRO n 
1 10  GLY n 
1 11  ASP n 
1 12  GLY n 
1 13  ARG n 
1 14  THR n 
1 15  PHE n 
1 16  PRO n 
1 17  LYS n 
1 18  ARG n 
1 19  GLY n 
1 20  GLN n 
1 21  THR n 
1 22  CYS n 
1 23  VAL n 
1 24  VAL n 
1 25  HIS n 
1 26  TYR n 
1 27  THR n 
1 28  GLY n 
1 29  MET n 
1 30  LEU n 
1 31  GLU n 
1 32  ASP n 
1 33  GLY n 
1 34  LYS n 
1 35  LYS n 
1 36  PHE n 
1 37  ASP n 
1 38  SER n 
1 39  SER n 
1 40  ARG n 
1 41  ASP n 
1 42  LYS n 
1 43  ASN n 
1 44  LYS n 
1 45  PRO n 
1 46  PHE n 
1 47  LYS n 
1 48  PHE n 
1 49  MET n 
1 50  LEU n 
1 51  GLY n 
1 52  LYS n 
1 53  GLN n 
1 54  GLU n 
1 55  VAL n 
1 56  ILE n 
1 57  ARG n 
1 58  GLY n 
1 59  TRP n 
1 60  GLU n 
1 61  GLU n 
1 62  GLY n 
1 63  VAL n 
1 64  ALA n 
1 65  GLN n 
1 66  MET n 
1 67  SER n 
1 68  VAL n 
1 69  GLY n 
1 70  GLN n 
1 71  ARG n 
1 72  ALA n 
1 73  LYS n 
1 74  LEU n 
1 75  THR n 
1 76  ILE n 
1 77  SER n 
1 78  PRO n 
1 79  ASP n 
1 80  TYR n 
1 81  ALA n 
1 82  TYR n 
1 83  GLY n 
1 84  ALA n 
1 85  THR n 
1 86  GLY n 
1 87  VAL n 
1 88  PRO n 
1 89  GLY n 
1 90  ILE n 
1 91  ILE n 
1 92  PRO n 
1 93  PRO n 
1 94  HIS n 
1 95  ALA n 
1 96  THR n 
1 97  LEU n 
1 98  VAL n 
1 99  PHE n 
1 100 ASP n 
1 101 VAL n 
1 102 GLU n 
1 103 LEU n 
1 104 LEU n 
1 105 LYS n 
1 106 LEU n 
1 107 GLU n 
# 
_entity_src_gen.entity_id                          1 
_entity_src_gen.pdbx_src_id                        1 
_entity_src_gen.pdbx_alt_source_flag               sample 
_entity_src_gen.pdbx_seq_type                      ? 
_entity_src_gen.pdbx_beg_seq_num                   ? 
_entity_src_gen.pdbx_end_seq_num                   ? 
_entity_src_gen.gene_src_common_name               human 
_entity_src_gen.gene_src_genus                     Homo 
_entity_src_gen.pdbx_gene_src_gene                 ? 
_entity_src_gen.gene_src_species                   ? 
_entity_src_gen.gene_src_strain                    ? 
_entity_src_gen.gene_src_tissue                    ? 
_entity_src_gen.gene_src_tissue_fraction           ? 
_entity_src_gen.gene_src_details                   ? 
_entity_src_gen.pdbx_gene_src_fragment             ? 
_entity_src_gen.pdbx_gene_src_scientific_name      'Homo sapiens' 
_entity_src_gen.pdbx_gene_src_ncbi_taxonomy_id     9606 
_entity_src_gen.pdbx_gene_src_variant              ? 
_entity_src_gen.pdbx_gene_src_cell_line            ? 
_entity_src_gen.pdbx_gene_src_atcc                 ? 
_entity_src_gen.pdbx_gene_src_organ                ? 
_entity_src_gen.pdbx_gene_src_organelle            ? 
_entity_src_gen.pdbx_gene_src_cell                 ? 
_entity_src_gen.pdbx_gene_src_cellular_location    ? 
_entity_src_gen.host_org_common_name               ? 
_entity_src_gen.pdbx_host_org_scientific_name      'Escherichia coli' 
_entity_src_gen.pdbx_host_org_ncbi_taxonomy_id     562 
_entity_src_gen.host_org_genus                     Escherichia 
_entity_src_gen.pdbx_host_org_gene                 ? 
_entity_src_gen.pdbx_host_org_organ                ? 
_entity_src_gen.host_org_species                   ? 
_entity_src_gen.pdbx_host_org_tissue               ? 
_entity_src_gen.pdbx_host_org_tissue_fraction      ? 
_entity_src_gen.pdbx_host_org_strain               ? 
_entity_src_gen.pdbx_host_org_variant              ? 
_entity_src_gen.pdbx_host_org_cell_line            ? 
_entity_src_gen.pdbx_host_org_atcc                 ? 
_entity_src_gen.pdbx_host_org_culture_collection   ? 
_entity_src_gen.pdbx_host_org_cell                 ? 
_entity_src_gen.pdbx_host_org_organelle            ? 
_entity_src_gen.pdbx_host_org_cellular_location    ? 
_entity_src_gen.pdbx_host_org_vector_type          ? 
_entity_src_gen.pdbx_host_org_vector               ? 
_entity_src_gen.host_org_details                   ? 
_entity_src_gen.expression_system_id               ? 
_entity_src_gen.plasmid_name                       ? 
_entity_src_gen.plasmid_details                    ? 
_entity_src_gen.pdbx_description                   ? 
# 
loop_
_chem_comp.id 
_chem_comp.type 
_chem_comp.mon_nstd_flag 
_chem_comp.name 
_chem_comp.pdbx_synonyms 
_chem_comp.formula 
_chem_comp.formula_weight 
ALA 'L-peptide linking' y ALANINE                              ?    'C3 H7 N O2'     89.093  
ARG 'L-peptide linking' y ARGININE                             ?    'C6 H15 N4 O2 1' 175.209 
ASN 'L-peptide linking' y ASPARAGINE                           ?    'C4 H8 N2 O3'    132.118 
ASP 'L-peptide linking' y 'ASPARTIC ACID'                      ?    'C4 H7 N O4'     133.103 
CYS 'L-peptide linking' y CYSTEINE                             ?    'C3 H7 N O2 S'   121.158 
FK5 non-polymer         . '8-DEETHYL-8-[BUT-3-ENYL]-ASCOMYCIN' K506 'C44 H69 N O12'  804.018 
GLN 'L-peptide linking' y GLUTAMINE                            ?    'C5 H10 N2 O3'   146.144 
GLU 'L-peptide linking' y 'GLUTAMIC ACID'                      ?    'C5 H9 N O4'     147.129 
GLY 'peptide linking'   y GLYCINE                              ?    'C2 H5 N O2'     75.067  
HIS 'L-peptide linking' y HISTIDINE                            ?    'C6 H10 N3 O2 1' 156.162 
HOH non-polymer         . WATER                                ?    'H2 O'           18.015  
ILE 'L-peptide linking' y ISOLEUCINE                           ?    'C6 H13 N O2'    131.173 
LEU 'L-peptide linking' y LEUCINE                              ?    'C6 H13 N O2'    131.173 
LYS 'L-peptide linking' y LYSINE                               ?    'C6 H15 N2 O2 1' 147.195 
MET 'L-peptide linking' y METHIONINE                           ?    'C5 H11 N O2 S'  149.211 
PHE 'L-peptide linking' y PHENYLALANINE                        ?    'C9 H11 N O2'    165.189 
PRO 'L-peptide linking' y PROLINE                              ?    'C5 H9 N O2'     115.130 
SER 'L-peptide linking' y SERINE                               ?    'C3 H7 N O3'     105.093 
THR 'L-peptide linking' y THREONINE                            ?    'C4 H9 N O3'     119.119 
TRP 'L-peptide linking' y TRYPTOPHAN                           ?    'C11 H12 N2 O2'  204.225 
TYR 'L-peptide linking' y TYROSINE                             ?    'C9 H11 N O3'    181.189 
VAL 'L-peptide linking' y VALINE                               ?    'C5 H11 N O2'    117.146 
# 
loop_
_pdbx_poly_seq_scheme.asym_id 
_pdbx_poly_seq_scheme.entity_id 
_pdbx_poly_seq_scheme.seq_id 
_pdbx_poly_seq_scheme.mon_id 
_pdbx_poly_seq_scheme.ndb_seq_num 
_pdbx_poly_seq_scheme.pdb_seq_num 
_pdbx_poly_seq_scheme.auth_seq_num 
_pdbx_poly_seq_scheme.pdb_mon_id 
_pdbx_poly_seq_scheme.auth_mon_id 
_pdbx_poly_seq_scheme.pdb_strand_id 
_pdbx_poly_seq_scheme.pdb_ins_code 
_pdbx_poly_seq_scheme.hetero 
A 1 1   GLY 1   1   1   GLY GLY A . n 
A 1 2   VAL 2   2   2   VAL VAL A . n 
A 1 3   GLN 3   3   3   GLN GLN A . n 
A 1 4   VAL 4   4   4   VAL VAL A . n 
A 1 5   GLU 5   5   5   GLU GLU A . n 
A 1 6   THR 6   6   6   THR THR A . n 
A 1 7   ILE 7   7   7   ILE ILE A . n 
A 1 8   SER 8   8   8   SER SER A . n 
A 1 9   PRO 9   9   9   PRO PRO A . n 
A 1 10  GLY 10  10  10  GLY GLY A . n 
A 1 11  ASP 11  11  11  ASP ASP A . n 
A 1 12  GLY 12  12  12  GLY GLY A . n 
A 1 13  ARG 13  13  13  ARG ARG A . n 
A 1 14  THR 14  14  14  THR THR A . n 
A 1 15  PHE 15  15  15  PHE PHE A . n 
A 1 16  PRO 16  16  16  PRO PRO A . n 
A 1 17  LYS 17  17  17  LYS LYS A . n 
A 1 18  ARG 18  18  18  ARG ARG A . n 
A 1 19  GLY 19  19  19  GLY GLY A . n 
A 1 20  GLN 20  20  20  GLN GLN A . n 
A 1 21  THR 21  21  21  THR THR A . n 
A 1 22  CYS 22  22  22  CYS CYS A . n 
A 1 23  VAL 23  23  23  VAL VAL A . n 
A 1 24  VAL 24  24  24  VAL VAL A . n 
A 1 25  HIS 25  25  25  HIS HIS A . n 
A 1 26  TYR 26  26  26  TYR TYR A . n 
A 1 27  THR 27  27  27  THR THR A . n 
A 1 28  GLY 28  28  28  GLY GLY A . n 
A 1 29  MET 29  29  29  MET MET A . n 
A 1 30  LEU 30  30  30  LEU LEU A . n 
A 1 31  GLU 31  31  31  GLU GLU A . n 
A 1 32  ASP 32  32  32  ASP ASP A . n 
A 1 33  GLY 33  33  33  GLY GLY A . n 
A 1 34  LYS 34  34  34  LYS LYS A . n 
A 1 35  LYS 35  35  35  LYS LYS A . n 
A 1 36  PHE 36  36  36  PHE PHE A . n 
A 1 37  ASP 37  37  37  ASP ASP A . n 
A 1 38  SER 38  38  38  SER SER A . n 
A 1 39  SER 39  39  39  SER SER A . n 
A 1 40  ARG 40  40  40  ARG ARG A . n 
A 1 41  ASP 41  41  41  ASP ASP A . n 
A 1 42  LYS 42  42  42  LYS LYS A . n 
A 1 43  ASN 43  43  43  ASN ASN A . n 
A 1 44  LYS 44  44  44  LYS LYS A . n 
A 1 45  PRO 45  45  45  PRO PRO A . n 
A 1 46  PHE 46  46  46  PHE PHE A . n 
A 1 47  LYS 47  47  47  LYS LYS A . n 
A 1 48  PHE 48  48  48  PHE PHE A . n 
A 1 49  MET 49  49  49  MET MET A . n 
A 1 50  LEU 50  50  50  LEU LEU A . n 
A 1 51  GLY 51  51  51  GLY GLY A . n 
A 1 52  LYS 52  52  52  LYS LYS A . n 
A 1 53  GLN 53  53  53  GLN GLN A . n 
A 1 54  GLU 54  54  54  GLU GLU A . n 
A 1 55  VAL 55  55  55  VAL VAL A . n 
A 1 56  ILE 56  56  56  ILE ILE A . n 
A 1 57  ARG 57  57  57  ARG ARG A . n 
A 1 58  GLY 58  58  58  GLY GLY A . n 
A 1 59  TRP 59  59  59  TRP TRP A . n 
A 1 60  GLU 60  60  60  GLU GLU A . n 
A 1 61  GLU 61  61  61  GLU GLU A . n 
A 1 62  GLY 62  62  62  GLY GLY A . n 
A 1 63  VAL 63  63  63  VAL VAL A . n 
A 1 64  ALA 64  64  64  ALA ALA A . n 
A 1 65  GLN 65  65  65  GLN GLN A . n 
A 1 66  MET 66  66  66  MET MET A . n 
A 1 67  SER 67  67  67  SER SER A . n 
A 1 68  VAL 68  68  68  VAL VAL A . n 
A 1 69  GLY 69  69  69  GLY GLY A . n 
A 1 70  GLN 70  70  70  GLN GLN A . n 
A 1 71  ARG 71  71  71  ARG ARG A . n 
A 1 72  ALA 72  72  72  ALA ALA A . n 
A 1 73  LYS 73  73  73  LYS LYS A . n 
A 1 74  LEU 74  74  74  LEU LEU A . n 
A 1 75  THR 75  75  75  THR THR A . n 
A 1 76  ILE 76  76  76  ILE ILE A . n 
A 1 77  SER 77  77  77  SER SER A . n 
A 1 78  PRO 78  78  78  PRO PRO A . n 
A 1 79  ASP 79  79  79  ASP ASP A . n 
A 1 80  TYR 80  80  80  TYR TYR A . n 
A 1 81  ALA 81  81  81  ALA ALA A . n 
A 1 82  TYR 82  82  82  TYR TYR A . n 
A 1 83  GLY 83  83  83  GLY GLY A . n 
A 1 84  ALA 84  84  84  ALA ALA A . n 
A 1 85  THR 85  85  85  THR THR A . n 
A 1 86  GLY 86  86  86  GLY GLY A . n 
A 1 87  VAL 87  87  87  VAL VAL A . n 
A 1 88  PRO 88  88  88  PRO PRO A . n 
A 1 89  GLY 89  89  89  GLY GLY A . n 
A 1 90  ILE 90  90  90  ILE ILE A . n 
A 1 91  ILE 91  91  91  ILE ILE A . n 
A 1 92  PRO 92  92  92  PRO PRO A . n 
A 1 93  PRO 93  93  93  PRO PRO A . n 
A 1 94  HIS 94  94  94  HIS HIS A . n 
A 1 95  ALA 95  95  95  ALA ALA A . n 
A 1 96  THR 96  96  96  THR THR A . n 
A 1 97  LEU 97  97  97  LEU LEU A . n 
A 1 98  VAL 98  98  98  VAL VAL A . n 
A 1 99  PHE 99  99  99  PHE PHE A . n 
A 1 100 ASP 100 100 100 ASP ASP A . n 
A 1 101 VAL 101 101 101 VAL VAL A . n 
A 1 102 GLU 102 102 102 GLU GLU A . n 
A 1 103 LEU 103 103 103 LEU LEU A . n 
A 1 104 LEU 104 104 104 LEU LEU A . n 
A 1 105 LYS 105 105 105 LYS LYS A . n 
A 1 106 LEU 106 106 106 LEU LEU A . n 
A 1 107 GLU 107 107 107 GLU GLU A . n 
# 
loop_
_pdbx_nonpoly_scheme.asym_id 
_pdbx_nonpoly_scheme.entity_id 
_pdbx_nonpoly_scheme.mon_id 
_pdbx_nonpoly_scheme.ndb_seq_num 
_pdbx_nonpoly_scheme.pdb_seq_num 
_pdbx_nonpoly_scheme.auth_seq_num 
_pdbx_nonpoly_scheme.pdb_mon_id 
_pdbx_nonpoly_scheme.auth_mon_id 
_pdbx_nonpoly_scheme.pdb_strand_id 
_pdbx_nonpoly_scheme.pdb_ins_code 
B 2 FK5 1  108 108 FK5 FK5 A . 
C 3 HOH 1  109 109 HOH HOH A . 
C 3 HOH 2  110 110 HOH HOH A . 
C 3 HOH 3  111 111 HOH HOH A . 
C 3 HOH 4  112 112 HOH HOH A . 
C 3 HOH 5  113 113 HOH HOH A . 
C 3 HOH 6  114 114 HOH HOH A . 
C 3 HOH 7  115 115 HOH HOH A . 
C 3 HOH 8  116 116 HOH HOH A . 
C 3 HOH 9  117 117 HOH HOH A . 
C 3 HOH 10 118 118 HOH HOH A . 
C 3 HOH 11 119 119 HOH HOH A . 
C 3 HOH 12 120 120 HOH HOH A . 
C 3 HOH 13 121 121 HOH HOH A . 
C 3 HOH 14 122 122 HOH HOH A . 
C 3 HOH 15 123 123 HOH HOH A . 
C 3 HOH 16 124 124 HOH HOH A . 
C 3 HOH 17 125 125 HOH HOH A . 
C 3 HOH 18 126 126 HOH HOH A . 
C 3 HOH 19 127 127 HOH HOH A . 
C 3 HOH 20 128 128 HOH HOH A . 
C 3 HOH 21 129 129 HOH HOH A . 
C 3 HOH 22 130 130 HOH HOH A . 
C 3 HOH 23 131 131 HOH HOH A . 
C 3 HOH 24 132 132 HOH HOH A . 
C 3 HOH 25 133 133 HOH HOH A . 
C 3 HOH 26 134 134 HOH HOH A . 
C 3 HOH 27 135 135 HOH HOH A . 
C 3 HOH 28 136 136 HOH HOH A . 
C 3 HOH 29 137 137 HOH HOH A . 
C 3 HOH 30 138 138 HOH HOH A . 
C 3 HOH 31 139 139 HOH HOH A . 
C 3 HOH 32 140 140 HOH HOH A . 
C 3 HOH 33 141 141 HOH HOH A . 
C 3 HOH 34 142 142 HOH HOH A . 
C 3 HOH 35 143 143 HOH HOH A . 
C 3 HOH 36 144 144 HOH HOH A . 
C 3 HOH 37 145 145 HOH HOH A . 
C 3 HOH 38 146 146 HOH HOH A . 
C 3 HOH 39 147 147 HOH HOH A . 
C 3 HOH 40 148 148 HOH HOH A . 
C 3 HOH 41 149 149 HOH HOH A . 
C 3 HOH 42 150 150 HOH HOH A . 
C 3 HOH 43 151 151 HOH HOH A . 
C 3 HOH 44 152 152 HOH HOH A . 
C 3 HOH 45 153 153 HOH HOH A . 
C 3 HOH 46 154 154 HOH HOH A . 
C 3 HOH 47 155 155 HOH HOH A . 
C 3 HOH 48 156 156 HOH HOH A . 
C 3 HOH 49 157 157 HOH HOH A . 
C 3 HOH 50 158 158 HOH HOH A . 
C 3 HOH 51 160 160 HOH HOH A . 
C 3 HOH 52 161 161 HOH HOH A . 
C 3 HOH 53 162 162 HOH HOH A . 
C 3 HOH 54 163 163 HOH HOH A . 
C 3 HOH 55 164 164 HOH HOH A . 
C 3 HOH 56 165 165 HOH HOH A . 
C 3 HOH 57 166 166 HOH HOH A . 
C 3 HOH 58 167 167 HOH HOH A . 
C 3 HOH 59 168 168 HOH HOH A . 
C 3 HOH 60 169 169 HOH HOH A . 
C 3 HOH 61 170 170 HOH HOH A . 
C 3 HOH 62 171 171 HOH HOH A . 
C 3 HOH 63 172 172 HOH HOH A . 
C 3 HOH 64 173 173 HOH HOH A . 
# 
loop_
_software.name 
_software.classification 
_software.version 
_software.citation_id 
_software.pdbx_ordinal 
X-PLOR 'model building' 3.0 ? 1 
X-PLOR refinement       3.0 ? 2 
XENGEN 'data reduction' .   ? 3 
X-PLOR phasing          3.0 ? 4 
# 
_cell.entry_id           1BKF 
_cell.length_a           58.360 
_cell.length_b           58.360 
_cell.length_c           56.040 
_cell.angle_alpha        90.00 
_cell.angle_beta         90.00 
_cell.angle_gamma        90.00 
_cell.Z_PDB              8 
_cell.pdbx_unique_axis   ? 
# 
_symmetry.entry_id                         1BKF 
_symmetry.space_group_name_H-M             'P 42 21 2' 
_symmetry.pdbx_full_space_group_name_H-M   ? 
_symmetry.cell_setting                     ? 
_symmetry.Int_Tables_number                94 
# 
_exptl.entry_id          1BKF 
_exptl.method            'X-RAY DIFFRACTION' 
_exptl.crystals_number   ? 
# 
_exptl_crystal.id                    1 
_exptl_crystal.density_meas          ? 
_exptl_crystal.density_Matthews      2.03 
_exptl_crystal.density_percent_sol   39.29 
_exptl_crystal.description           ? 
# 
_diffrn.id                     1 
_diffrn.ambient_temp           ? 
_diffrn.ambient_temp_details   ? 
_diffrn.crystal_id             1 
# 
_diffrn_detector.diffrn_id              1 
_diffrn_detector.detector               ? 
_diffrn_detector.type                   SIEMENS 
_diffrn_detector.pdbx_collection_date   ? 
_diffrn_detector.details                ? 
# 
_diffrn_radiation.diffrn_id                        1 
_diffrn_radiation.wavelength_id                    1 
_diffrn_radiation.pdbx_monochromatic_or_laue_m_l   M 
_diffrn_radiation.monochromator                    ? 
_diffrn_radiation.pdbx_diffrn_protocol             ? 
_diffrn_radiation.pdbx_scattering_type             x-ray 
# 
_diffrn_radiation_wavelength.id           1 
_diffrn_radiation_wavelength.wavelength   1.5418 
_diffrn_radiation_wavelength.wt           1.0 
# 
_diffrn_source.diffrn_id                   1 
_diffrn_source.source                      ? 
_diffrn_source.type                        ? 
_diffrn_source.pdbx_synchrotron_site       ? 
_diffrn_source.pdbx_synchrotron_beamline   ? 
_diffrn_source.pdbx_wavelength             1.5418 
_diffrn_source.pdbx_wavelength_list        ? 
# 
_reflns.entry_id                     1BKF 
_reflns.observed_criterion_sigma_I   3. 
_reflns.observed_criterion_sigma_F   ? 
_reflns.d_resolution_low             6.0 
_reflns.d_resolution_high            1.6 
_reflns.number_obs                   11511 
_reflns.number_all                   ? 
_reflns.percent_possible_obs         88.5 
_reflns.pdbx_Rmerge_I_obs            0.0348000 
_reflns.pdbx_Rsym_value              ? 
_reflns.pdbx_netI_over_sigmaI        3. 
_reflns.B_iso_Wilson_estimate        ? 
_reflns.pdbx_redundancy              ? 
_reflns.pdbx_diffrn_id               1 
_reflns.pdbx_ordinal                 1 
# 
_refine.entry_id                                 1BKF 
_refine.ls_number_reflns_obs                     11511 
_refine.ls_number_reflns_all                     ? 
_refine.pdbx_ls_sigma_I                          ? 
_refine.pdbx_ls_sigma_F                          3. 
_refine.pdbx_data_cutoff_high_absF               ? 
_refine.pdbx_data_cutoff_low_absF                ? 
_refine.pdbx_data_cutoff_high_rms_absF           ? 
_refine.ls_d_res_low                             6.0 
_refine.ls_d_res_high                            1.6 
_refine.ls_percent_reflns_obs                    ? 
_refine.ls_R_factor_obs                          0.1870000 
_refine.ls_R_factor_all                          ? 
_refine.ls_R_factor_R_work                       0.1870000 
_refine.ls_R_factor_R_free                       ? 
_refine.ls_R_factor_R_free_error                 ? 
_refine.ls_R_factor_R_free_error_details         ? 
_refine.ls_percent_reflns_R_free                 ? 
_refine.ls_number_reflns_R_free                  ? 
_refine.ls_number_parameters                     ? 
_refine.ls_number_restraints                     ? 
_refine.occupancy_min                            ? 
_refine.occupancy_max                            ? 
_refine.B_iso_mean                               ? 
_refine.aniso_B[1][1]                            ? 
_refine.aniso_B[2][2]                            ? 
_refine.aniso_B[3][3]                            ? 
_refine.aniso_B[1][2]                            ? 
_refine.aniso_B[1][3]                            ? 
_refine.aniso_B[2][3]                            ? 
_refine.solvent_model_details                    ? 
_refine.solvent_model_param_ksol                 ? 
_refine.solvent_model_param_bsol                 ? 
_refine.pdbx_ls_cross_valid_method               ? 
_refine.details                                  ? 
_refine.pdbx_starting_model                      ? 
_refine.pdbx_method_to_determine_struct          ? 
_refine.pdbx_isotropic_thermal_model             ? 
_refine.pdbx_stereochemistry_target_values       ? 
_refine.pdbx_stereochem_target_val_spec_case     ? 
_refine.pdbx_R_Free_selection_details            ? 
_refine.pdbx_overall_ESU_R                       ? 
_refine.pdbx_overall_ESU_R_Free                  ? 
_refine.overall_SU_ML                            ? 
_refine.overall_SU_B                             ? 
_refine.pdbx_refine_id                           'X-RAY DIFFRACTION' 
_refine.pdbx_diffrn_id                           1 
_refine.pdbx_TLS_residual_ADP_flag               ? 
_refine.correlation_coeff_Fo_to_Fc               ? 
_refine.correlation_coeff_Fo_to_Fc_free          ? 
_refine.pdbx_solvent_vdw_probe_radii             ? 
_refine.pdbx_solvent_ion_probe_radii             ? 
_refine.pdbx_solvent_shrinkage_radii             ? 
_refine.pdbx_overall_phase_error                 ? 
_refine.overall_SU_R_Cruickshank_DPI             ? 
_refine.pdbx_overall_SU_R_free_Cruickshank_DPI   ? 
_refine.pdbx_overall_SU_R_Blow_DPI               ? 
_refine.pdbx_overall_SU_R_free_Blow_DPI          ? 
# 
_refine_hist.pdbx_refine_id                   'X-RAY DIFFRACTION' 
_refine_hist.cycle_id                         LAST 
_refine_hist.pdbx_number_atoms_protein        827 
_refine_hist.pdbx_number_atoms_nucleic_acid   0 
_refine_hist.pdbx_number_atoms_ligand         57 
_refine_hist.number_atoms_solvent             65 
_refine_hist.number_atoms_total               949 
_refine_hist.d_res_high                       1.6 
_refine_hist.d_res_low                        6.0 
# 
loop_
_refine_ls_restr.type 
_refine_ls_restr.dev_ideal 
_refine_ls_restr.dev_ideal_target 
_refine_ls_restr.weight 
_refine_ls_restr.number 
_refine_ls_restr.pdbx_refine_id 
_refine_ls_restr.pdbx_restraint_function 
x_bond_d                0.02 ? ? ? 'X-RAY DIFFRACTION' ? 
x_bond_d_na             ?    ? ? ? 'X-RAY DIFFRACTION' ? 
x_bond_d_prot           ?    ? ? ? 'X-RAY DIFFRACTION' ? 
x_angle_d               ?    ? ? ? 'X-RAY DIFFRACTION' ? 
x_angle_d_na            ?    ? ? ? 'X-RAY DIFFRACTION' ? 
x_angle_d_prot          ?    ? ? ? 'X-RAY DIFFRACTION' ? 
x_angle_deg             3.35 ? ? ? 'X-RAY DIFFRACTION' ? 
x_angle_deg_na          ?    ? ? ? 'X-RAY DIFFRACTION' ? 
x_angle_deg_prot        ?    ? ? ? 'X-RAY DIFFRACTION' ? 
x_dihedral_angle_d      1.98 ? ? ? 'X-RAY DIFFRACTION' ? 
x_dihedral_angle_d_na   ?    ? ? ? 'X-RAY DIFFRACTION' ? 
x_dihedral_angle_d_prot ?    ? ? ? 'X-RAY DIFFRACTION' ? 
x_improper_angle_d      ?    ? ? ? 'X-RAY DIFFRACTION' ? 
x_improper_angle_d_na   ?    ? ? ? 'X-RAY DIFFRACTION' ? 
x_improper_angle_d_prot ?    ? ? ? 'X-RAY DIFFRACTION' ? 
x_mcbond_it             ?    ? ? ? 'X-RAY DIFFRACTION' ? 
x_mcangle_it            ?    ? ? ? 'X-RAY DIFFRACTION' ? 
x_scbond_it             ?    ? ? ? 'X-RAY DIFFRACTION' ? 
x_scangle_it            ?    ? ? ? 'X-RAY DIFFRACTION' ? 
# 
loop_
_pdbx_xplor_file.serial_no 
_pdbx_xplor_file.param_file 
_pdbx_xplor_file.topol_file 
_pdbx_xplor_file.pdbx_refine_id 
1 PARAM19X.PRO ? 'X-RAY DIFFRACTION' 
2 ?            ? 'X-RAY DIFFRACTION' 
# 
_struct.entry_id                  1BKF 
_struct.title                     'FK506 BINDING PROTEIN FKBP MUTANT R42K/H87V COMPLEX WITH IMMUNOSUPPRESSANT FK506' 
_struct.pdbx_model_details        ? 
_struct.pdbx_CASP_flag            ? 
_struct.pdbx_model_type_details   ? 
# 
_struct_keywords.entry_id        1BKF 
_struct_keywords.pdbx_keywords   ISOMERASE 
_struct_keywords.text            'ISOMERASE, ROTAMASE' 
# 
loop_
_struct_asym.id 
_struct_asym.pdbx_blank_PDB_chainid_flag 
_struct_asym.pdbx_modified 
_struct_asym.entity_id 
_struct_asym.details 
A N N 1 ? 
B N N 2 ? 
C N N 3 ? 
# 
_struct_ref.id                         1 
_struct_ref.db_name                    UNP 
_struct_ref.db_code                    FKB1A_HUMAN 
_struct_ref.entity_id                  1 
_struct_ref.pdbx_db_accession          P62942 
_struct_ref.pdbx_align_begin           1 
_struct_ref.pdbx_seq_one_letter_code   
;GVQVETISPGDGRTFPKRGQTCVVHYTGMLEDGKKFDSSRDRNKPFKFMLGKQEVIRGWEEGVAQMSVGQRAKLTISPDY
AYGATGHPGIIPPHATLVFDVELLKLE
;
_struct_ref.pdbx_db_isoform            ? 
# 
_struct_ref_seq.align_id                      1 
_struct_ref_seq.ref_id                        1 
_struct_ref_seq.pdbx_PDB_id_code              1BKF 
_struct_ref_seq.pdbx_strand_id                A 
_struct_ref_seq.seq_align_beg                 1 
_struct_ref_seq.pdbx_seq_align_beg_ins_code   ? 
_struct_ref_seq.seq_align_end                 107 
_struct_ref_seq.pdbx_seq_align_end_ins_code   ? 
_struct_ref_seq.pdbx_db_accession             P62942 
_struct_ref_seq.db_align_beg                  1 
_struct_ref_seq.pdbx_db_align_beg_ins_code    ? 
_struct_ref_seq.db_align_end                  107 
_struct_ref_seq.pdbx_db_align_end_ins_code    ? 
_struct_ref_seq.pdbx_auth_seq_align_beg       1 
_struct_ref_seq.pdbx_auth_seq_align_end       107 
# 
loop_
_struct_ref_seq_dif.align_id 
_struct_ref_seq_dif.pdbx_pdb_id_code 
_struct_ref_seq_dif.mon_id 
_struct_ref_seq_dif.pdbx_pdb_strand_id 
_struct_ref_seq_dif.seq_num 
_struct_ref_seq_dif.pdbx_pdb_ins_code 
_struct_ref_seq_dif.pdbx_seq_db_name 
_struct_ref_seq_dif.pdbx_seq_db_accession_code 
_struct_ref_seq_dif.db_mon_id 
_struct_ref_seq_dif.pdbx_seq_db_seq_num 
_struct_ref_seq_dif.details 
_struct_ref_seq_dif.pdbx_auth_seq_num 
_struct_ref_seq_dif.pdbx_ordinal 
1 1BKF LYS A 42 ? UNP P62942 ARG 42 'engineered mutation' 42 1 
1 1BKF VAL A 87 ? UNP P62942 HIS 87 'engineered mutation' 87 2 
# 
_pdbx_struct_assembly.id                   1 
_pdbx_struct_assembly.details              author_defined_assembly 
_pdbx_struct_assembly.method_details       ? 
_pdbx_struct_assembly.oligomeric_details   dimeric 
_pdbx_struct_assembly.oligomeric_count     2 
# 
_pdbx_struct_assembly_gen.assembly_id       1 
_pdbx_struct_assembly_gen.oper_expression   1,2 
_pdbx_struct_assembly_gen.asym_id_list      A,B,C 
# 
loop_
_pdbx_struct_oper_list.id 
_pdbx_struct_oper_list.type 
_pdbx_struct_oper_list.name 
_pdbx_struct_oper_list.symmetry_operation 
_pdbx_struct_oper_list.matrix[1][1] 
_pdbx_struct_oper_list.matrix[1][2] 
_pdbx_struct_oper_list.matrix[1][3] 
_pdbx_struct_oper_list.vector[1] 
_pdbx_struct_oper_list.matrix[2][1] 
_pdbx_struct_oper_list.matrix[2][2] 
_pdbx_struct_oper_list.matrix[2][3] 
_pdbx_struct_oper_list.vector[2] 
_pdbx_struct_oper_list.matrix[3][1] 
_pdbx_struct_oper_list.matrix[3][2] 
_pdbx_struct_oper_list.matrix[3][3] 
_pdbx_struct_oper_list.vector[3] 
1 'identity operation'         1_555 x,y,z    1.0000000000  0.0000000000 0.0000000000 0.0000000000 0.0000000000 1.0000000000  0.0000000000 0.0000000000  0.0000000000 0.0000000000 1.0000000000 0.0000000000   
2 'crystal symmetry operation' 7_556 y,x,-z+1 -0.3000062579 0.2740900358 0.9137126996 7.8973734176 0.2740900358 -0.8926771153 0.3577739792 25.6241746822 0.9137126996 0.3577739792 0.1926833732 -13.7367499987 
# 
_struct_biol.id   1 
# 
loop_
_struct_conf.conf_type_id 
_struct_conf.id 
_struct_conf.pdbx_PDB_helix_id 
_struct_conf.beg_label_comp_id 
_struct_conf.beg_label_asym_id 
_struct_conf.beg_label_seq_id 
_struct_conf.pdbx_beg_PDB_ins_code 
_struct_conf.end_label_comp_id 
_struct_conf.end_label_asym_id 
_struct_conf.end_label_seq_id 
_struct_conf.pdbx_end_PDB_ins_code 
_struct_conf.beg_auth_comp_id 
_struct_conf.beg_auth_asym_id 
_struct_conf.beg_auth_seq_id 
_struct_conf.end_auth_comp_id 
_struct_conf.end_auth_asym_id 
_struct_conf.end_auth_seq_id 
_struct_conf.pdbx_PDB_helix_class 
_struct_conf.details 
_struct_conf.pdbx_PDB_helix_length 
HELX_P HELX_P1 1 SER A 39 ? LYS A 42 ? SER A 39 LYS A 42 5 ? 4 
HELX_P HELX_P2 2 ARG A 57 ? GLN A 65 ? ARG A 57 GLN A 65 1 ? 9 
HELX_P HELX_P3 3 PRO A 78 ? TYR A 80 ? PRO A 78 TYR A 80 5 ? 3 
# 
_struct_conf_type.id          HELX_P 
_struct_conf_type.criteria    ? 
_struct_conf_type.reference   ? 
# 
loop_
_struct_sheet.id 
_struct_sheet.type 
_struct_sheet.number_strands 
_struct_sheet.details 
A ? 5 ? 
B ? 2 ? 
# 
loop_
_struct_sheet_order.sheet_id 
_struct_sheet_order.range_id_1 
_struct_sheet_order.range_id_2 
_struct_sheet_order.offset 
_struct_sheet_order.sense 
A 1 2 ? anti-parallel 
A 2 3 ? anti-parallel 
A 3 4 ? anti-parallel 
A 4 5 ? anti-parallel 
B 1 2 ? anti-parallel 
# 
loop_
_struct_sheet_range.sheet_id 
_struct_sheet_range.id 
_struct_sheet_range.beg_label_comp_id 
_struct_sheet_range.beg_label_asym_id 
_struct_sheet_range.beg_label_seq_id 
_struct_sheet_range.pdbx_beg_PDB_ins_code 
_struct_sheet_range.end_label_comp_id 
_struct_sheet_range.end_label_asym_id 
_struct_sheet_range.end_label_seq_id 
_struct_sheet_range.pdbx_end_PDB_ins_code 
_struct_sheet_range.beg_auth_comp_id 
_struct_sheet_range.beg_auth_asym_id 
_struct_sheet_range.beg_auth_seq_id 
_struct_sheet_range.end_auth_comp_id 
_struct_sheet_range.end_auth_asym_id 
_struct_sheet_range.end_auth_seq_id 
A 1 PHE A 46 ? MET A 49  ? PHE A 46 MET A 49  
A 2 THR A 21 ? LEU A 30  ? THR A 21 LEU A 30  
A 3 LEU A 97 ? LEU A 106 ? LEU A 97 LEU A 106 
A 4 ARG A 71 ? ILE A 76  ? ARG A 71 ILE A 76  
A 5 VAL A 2  ? SER A 8   ? VAL A 2  SER A 8   
B 1 THR A 27 ? MET A 29  ? THR A 27 MET A 29  
B 2 LYS A 35 ? SER A 38  ? LYS A 35 SER A 38  
# 
loop_
_pdbx_struct_sheet_hbond.sheet_id 
_pdbx_struct_sheet_hbond.range_id_1 
_pdbx_struct_sheet_hbond.range_id_2 
_pdbx_struct_sheet_hbond.range_1_label_atom_id 
_pdbx_struct_sheet_hbond.range_1_label_comp_id 
_pdbx_struct_sheet_hbond.range_1_label_asym_id 
_pdbx_struct_sheet_hbond.range_1_label_seq_id 
_pdbx_struct_sheet_hbond.range_1_PDB_ins_code 
_pdbx_struct_sheet_hbond.range_1_auth_atom_id 
_pdbx_struct_sheet_hbond.range_1_auth_comp_id 
_pdbx_struct_sheet_hbond.range_1_auth_asym_id 
_pdbx_struct_sheet_hbond.range_1_auth_seq_id 
_pdbx_struct_sheet_hbond.range_2_label_atom_id 
_pdbx_struct_sheet_hbond.range_2_label_comp_id 
_pdbx_struct_sheet_hbond.range_2_label_asym_id 
_pdbx_struct_sheet_hbond.range_2_label_seq_id 
_pdbx_struct_sheet_hbond.range_2_PDB_ins_code 
_pdbx_struct_sheet_hbond.range_2_auth_atom_id 
_pdbx_struct_sheet_hbond.range_2_auth_comp_id 
_pdbx_struct_sheet_hbond.range_2_auth_asym_id 
_pdbx_struct_sheet_hbond.range_2_auth_seq_id 
A 1 2 O PHE A 46 ? O PHE A 46 N VAL A 24  ? N VAL A 24  
A 2 3 O VAL A 23 ? O VAL A 23 N LYS A 105 ? N LYS A 105 
A 3 4 O LEU A 97 ? O LEU A 97 N ILE A 76  ? N ILE A 76  
A 4 5 O ARG A 71 ? O ARG A 71 N SER A 8   ? N SER A 8   
B 1 2 O GLY A 28 ? O GLY A 28 N ASP A 37  ? N ASP A 37  
# 
_struct_site.id                   AC1 
_struct_site.pdbx_evidence_code   Software 
_struct_site.pdbx_auth_asym_id    A 
_struct_site.pdbx_auth_comp_id    FK5 
_struct_site.pdbx_auth_seq_id     108 
_struct_site.pdbx_auth_ins_code   ? 
_struct_site.pdbx_num_residues    17 
_struct_site.details              'BINDING SITE FOR RESIDUE FK5 A 108' 
# 
loop_
_struct_site_gen.id 
_struct_site_gen.site_id 
_struct_site_gen.pdbx_num_res 
_struct_site_gen.label_comp_id 
_struct_site_gen.label_asym_id 
_struct_site_gen.label_seq_id 
_struct_site_gen.pdbx_auth_ins_code 
_struct_site_gen.auth_comp_id 
_struct_site_gen.auth_asym_id 
_struct_site_gen.auth_seq_id 
_struct_site_gen.label_atom_id 
_struct_site_gen.label_alt_id 
_struct_site_gen.symmetry 
_struct_site_gen.details 
1  AC1 17 TYR A 26 ? TYR A 26  . ? 1_555 ? 
2  AC1 17 PHE A 36 ? PHE A 36  . ? 1_555 ? 
3  AC1 17 ASP A 37 ? ASP A 37  . ? 1_555 ? 
4  AC1 17 PHE A 46 ? PHE A 46  . ? 1_555 ? 
5  AC1 17 GLU A 54 ? GLU A 54  . ? 1_555 ? 
6  AC1 17 VAL A 55 ? VAL A 55  . ? 1_555 ? 
7  AC1 17 ILE A 56 ? ILE A 56  . ? 1_555 ? 
8  AC1 17 TRP A 59 ? TRP A 59  . ? 1_555 ? 
9  AC1 17 TYR A 82 ? TYR A 82  . ? 1_555 ? 
10 AC1 17 THR A 85 ? THR A 85  . ? 7_556 ? 
11 AC1 17 GLY A 86 ? GLY A 86  . ? 7_556 ? 
12 AC1 17 VAL A 87 ? VAL A 87  . ? 7_556 ? 
13 AC1 17 ILE A 90 ? ILE A 90  . ? 8_666 ? 
14 AC1 17 PHE A 99 ? PHE A 99  . ? 1_555 ? 
15 AC1 17 HOH C .  ? HOH A 144 . ? 2_665 ? 
16 AC1 17 HOH C .  ? HOH A 145 . ? 2_665 ? 
17 AC1 17 HOH C .  ? HOH A 160 . ? 1_555 ? 
# 
_pdbx_validate_rmsd_bond.id                        1 
_pdbx_validate_rmsd_bond.PDB_model_num             1 
_pdbx_validate_rmsd_bond.auth_atom_id_1            NE2 
_pdbx_validate_rmsd_bond.auth_asym_id_1            A 
_pdbx_validate_rmsd_bond.auth_comp_id_1            HIS 
_pdbx_validate_rmsd_bond.auth_seq_id_1             25 
_pdbx_validate_rmsd_bond.PDB_ins_code_1            ? 
_pdbx_validate_rmsd_bond.label_alt_id_1            ? 
_pdbx_validate_rmsd_bond.auth_atom_id_2            CD2 
_pdbx_validate_rmsd_bond.auth_asym_id_2            A 
_pdbx_validate_rmsd_bond.auth_comp_id_2            HIS 
_pdbx_validate_rmsd_bond.auth_seq_id_2             25 
_pdbx_validate_rmsd_bond.PDB_ins_code_2            ? 
_pdbx_validate_rmsd_bond.label_alt_id_2            ? 
_pdbx_validate_rmsd_bond.bond_value                1.299 
_pdbx_validate_rmsd_bond.bond_target_value         1.373 
_pdbx_validate_rmsd_bond.bond_deviation            -0.074 
_pdbx_validate_rmsd_bond.bond_standard_deviation   0.011 
_pdbx_validate_rmsd_bond.linker_flag               N 
# 
loop_
_pdbx_validate_rmsd_angle.id 
_pdbx_validate_rmsd_angle.PDB_model_num 
_pdbx_validate_rmsd_angle.auth_atom_id_1 
_pdbx_validate_rmsd_angle.auth_asym_id_1 
_pdbx_validate_rmsd_angle.auth_comp_id_1 
_pdbx_validate_rmsd_angle.auth_seq_id_1 
_pdbx_validate_rmsd_angle.PDB_ins_code_1 
_pdbx_validate_rmsd_angle.label_alt_id_1 
_pdbx_validate_rmsd_angle.auth_atom_id_2 
_pdbx_validate_rmsd_angle.auth_asym_id_2 
_pdbx_validate_rmsd_angle.auth_comp_id_2 
_pdbx_validate_rmsd_angle.auth_seq_id_2 
_pdbx_validate_rmsd_angle.PDB_ins_code_2 
_pdbx_validate_rmsd_angle.label_alt_id_2 
_pdbx_validate_rmsd_angle.auth_atom_id_3 
_pdbx_validate_rmsd_angle.auth_asym_id_3 
_pdbx_validate_rmsd_angle.auth_comp_id_3 
_pdbx_validate_rmsd_angle.auth_seq_id_3 
_pdbx_validate_rmsd_angle.PDB_ins_code_3 
_pdbx_validate_rmsd_angle.label_alt_id_3 
_pdbx_validate_rmsd_angle.angle_value 
_pdbx_validate_rmsd_angle.angle_target_value 
_pdbx_validate_rmsd_angle.angle_deviation 
_pdbx_validate_rmsd_angle.angle_standard_deviation 
_pdbx_validate_rmsd_angle.linker_flag 
1  1 CA  A GLU 5  ? ? CB  A GLU 5  ? ? CG  A GLU 5  ? ? 99.89  113.40 -13.51 2.20 N 
2  1 CB  A ASP 11 ? ? CG  A ASP 11 ? ? OD1 A ASP 11 ? ? 124.69 118.30 6.39   0.90 N 
3  1 CB  A ASP 37 ? ? CG  A ASP 37 ? ? OD1 A ASP 37 ? ? 125.16 118.30 6.86   0.90 N 
4  1 NE  A ARG 40 ? ? CZ  A ARG 40 ? ? NH1 A ARG 40 ? ? 123.49 120.30 3.19   0.50 N 
5  1 CB  A PHE 48 ? ? CG  A PHE 48 ? ? CD2 A PHE 48 ? ? 115.10 120.80 -5.70  0.70 N 
6  1 NE  A ARG 57 ? ? CZ  A ARG 57 ? ? NH1 A ARG 57 ? ? 127.96 120.30 7.66   0.50 N 
7  1 NE  A ARG 57 ? ? CZ  A ARG 57 ? ? NH2 A ARG 57 ? ? 116.00 120.30 -4.30  0.50 N 
8  1 CD1 A TRP 59 ? ? CG  A TRP 59 ? ? CD2 A TRP 59 ? ? 113.98 106.30 7.68   0.80 N 
9  1 CB  A TRP 59 ? ? CG  A TRP 59 ? ? CD1 A TRP 59 ? ? 117.66 127.00 -9.34  1.30 N 
10 1 CG  A TRP 59 ? ? CD1 A TRP 59 ? ? NE1 A TRP 59 ? ? 104.01 110.10 -6.09  1.00 N 
11 1 CE2 A TRP 59 ? ? CD2 A TRP 59 ? ? CG  A TRP 59 ? ? 99.79  107.30 -7.51  0.80 N 
# 
loop_
_pdbx_validate_torsion.id 
_pdbx_validate_torsion.PDB_model_num 
_pdbx_validate_torsion.auth_comp_id 
_pdbx_validate_torsion.auth_asym_id 
_pdbx_validate_torsion.auth_seq_id 
_pdbx_validate_torsion.PDB_ins_code 
_pdbx_validate_torsion.label_alt_id 
_pdbx_validate_torsion.phi 
_pdbx_validate_torsion.psi 
1 1 ARG A 13 ? ? -141.80 -43.58  
2 1 SER A 38 ? ? -166.81 119.38  
3 1 ASN A 43 ? ? 63.61   -63.37  
4 1 LYS A 44 ? ? -36.64  155.53  
5 1 ALA A 81 ? ? -132.88 -120.91 
6 1 ILE A 90 ? ? -132.35 -49.33  
# 
loop_
_chem_comp_atom.comp_id 
_chem_comp_atom.atom_id 
_chem_comp_atom.type_symbol 
_chem_comp_atom.pdbx_aromatic_flag 
_chem_comp_atom.pdbx_stereo_config 
_chem_comp_atom.pdbx_ordinal 
ALA N    N N N 1   
ALA CA   C N S 2   
ALA C    C N N 3   
ALA O    O N N 4   
ALA CB   C N N 5   
ALA OXT  O N N 6   
ALA H    H N N 7   
ALA H2   H N N 8   
ALA HA   H N N 9   
ALA HB1  H N N 10  
ALA HB2  H N N 11  
ALA HB3  H N N 12  
ALA HXT  H N N 13  
ARG N    N N N 14  
ARG CA   C N S 15  
ARG C    C N N 16  
ARG O    O N N 17  
ARG CB   C N N 18  
ARG CG   C N N 19  
ARG CD   C N N 20  
ARG NE   N N N 21  
ARG CZ   C N N 22  
ARG NH1  N N N 23  
ARG NH2  N N N 24  
ARG OXT  O N N 25  
ARG H    H N N 26  
ARG H2   H N N 27  
ARG HA   H N N 28  
ARG HB2  H N N 29  
ARG HB3  H N N 30  
ARG HG2  H N N 31  
ARG HG3  H N N 32  
ARG HD2  H N N 33  
ARG HD3  H N N 34  
ARG HE   H N N 35  
ARG HH11 H N N 36  
ARG HH12 H N N 37  
ARG HH21 H N N 38  
ARG HH22 H N N 39  
ARG HXT  H N N 40  
ASN N    N N N 41  
ASN CA   C N S 42  
ASN C    C N N 43  
ASN O    O N N 44  
ASN CB   C N N 45  
ASN CG   C N N 46  
ASN OD1  O N N 47  
ASN ND2  N N N 48  
ASN OXT  O N N 49  
ASN H    H N N 50  
ASN H2   H N N 51  
ASN HA   H N N 52  
ASN HB2  H N N 53  
ASN HB3  H N N 54  
ASN HD21 H N N 55  
ASN HD22 H N N 56  
ASN HXT  H N N 57  
ASP N    N N N 58  
ASP CA   C N S 59  
ASP C    C N N 60  
ASP O    O N N 61  
ASP CB   C N N 62  
ASP CG   C N N 63  
ASP OD1  O N N 64  
ASP OD2  O N N 65  
ASP OXT  O N N 66  
ASP H    H N N 67  
ASP H2   H N N 68  
ASP HA   H N N 69  
ASP HB2  H N N 70  
ASP HB3  H N N 71  
ASP HD2  H N N 72  
ASP HXT  H N N 73  
CYS N    N N N 74  
CYS CA   C N R 75  
CYS C    C N N 76  
CYS O    O N N 77  
CYS CB   C N N 78  
CYS SG   S N N 79  
CYS OXT  O N N 80  
CYS H    H N N 81  
CYS H2   H N N 82  
CYS HA   H N N 83  
CYS HB2  H N N 84  
CYS HB3  H N N 85  
CYS HG   H N N 86  
CYS HXT  H N N 87  
FK5 C1   C N N 88  
FK5 C2   C N S 89  
FK5 C3   C N N 90  
FK5 C4   C N N 91  
FK5 C5   C N N 92  
FK5 C6   C N N 93  
FK5 C8   C N N 94  
FK5 C9   C N N 95  
FK5 C10  C N R 96  
FK5 C11  C N R 97  
FK5 C12  C N N 98  
FK5 C13  C N S 99  
FK5 C14  C N R 100 
FK5 C15  C N S 101 
FK5 C16  C N N 102 
FK5 C17  C N S 103 
FK5 C18  C N N 104 
FK5 C19  C N N 105 
FK5 C20  C N N 106 
FK5 C21  C N R 107 
FK5 C22  C N N 108 
FK5 C23  C N N 109 
FK5 C24  C N S 110 
FK5 C25  C N R 111 
FK5 C26  C N S 112 
FK5 C27  C N N 113 
FK5 C28  C N N 114 
FK5 C29  C N R 115 
FK5 C30  C N N 116 
FK5 C31  C N R 117 
FK5 C32  C N R 118 
FK5 C33  C N N 119 
FK5 C34  C N N 120 
FK5 C35  C N N 121 
FK5 C36  C N N 122 
FK5 C37  C N N 123 
FK5 C38  C N N 124 
FK5 C39  C N N 125 
FK5 C40  C N N 126 
FK5 C41  C N N 127 
FK5 C42  C N N 128 
FK5 C43  C N N 129 
FK5 C44  C N N 130 
FK5 C45  C N N 131 
FK5 N7   N N N 132 
FK5 O1   O N N 133 
FK5 O2   O N N 134 
FK5 O3   O N N 135 
FK5 O4   O N N 136 
FK5 O5   O N N 137 
FK5 O6   O N N 138 
FK5 O7   O N N 139 
FK5 O8   O N N 140 
FK5 O9   O N N 141 
FK5 O10  O N N 142 
FK5 O11  O N N 143 
FK5 O12  O N N 144 
FK5 H2   H N N 145 
FK5 H31A H N N 146 
FK5 H32A H N N 147 
FK5 H41  H N N 148 
FK5 H42  H N N 149 
FK5 H51  H N N 150 
FK5 H52  H N N 151 
FK5 H61  H N N 152 
FK5 H62  H N N 153 
FK5 H11  H N N 154 
FK5 H121 H N N 155 
FK5 H122 H N N 156 
FK5 H13  H N N 157 
FK5 H14  H N N 158 
FK5 H15  H N N 159 
FK5 H161 H N N 160 
FK5 H162 H N N 161 
FK5 H17  H N N 162 
FK5 H181 H N N 163 
FK5 H182 H N N 164 
FK5 H20  H N N 165 
FK5 H21  H N N 166 
FK5 H231 H N N 167 
FK5 H232 H N N 168 
FK5 H24  H N N 169 
FK5 H25  H N N 170 
FK5 H26  H N N 171 
FK5 H28  H N N 172 
FK5 H29  H N N 173 
FK5 H301 H N N 174 
FK5 H302 H N N 175 
FK5 H31  H N N 176 
FK5 H32  H N N 177 
FK5 H331 H N N 178 
FK5 H332 H N N 179 
FK5 H341 H N N 180 
FK5 H342 H N N 181 
FK5 H351 H N N 182 
FK5 H352 H N N 183 
FK5 H353 H N N 184 
FK5 H361 H N N 185 
FK5 H362 H N N 186 
FK5 H363 H N N 187 
FK5 H371 H N N 188 
FK5 H372 H N N 189 
FK5 H373 H N N 190 
FK5 H381 H N N 191 
FK5 H382 H N N 192 
FK5 H39  H N N 193 
FK5 H401 H N N 194 
FK5 H402 H N N 195 
FK5 H411 H N N 196 
FK5 H412 H N N 197 
FK5 H413 H N N 198 
FK5 H421 H N N 199 
FK5 H422 H N N 200 
FK5 H423 H N N 201 
FK5 H431 H N N 202 
FK5 H432 H N N 203 
FK5 H433 H N N 204 
FK5 H441 H N N 205 
FK5 H442 H N N 206 
FK5 H443 H N N 207 
FK5 H451 H N N 208 
FK5 H452 H N N 209 
FK5 H453 H N N 210 
FK5 HO6  H N N 211 
FK5 HO10 H N N 212 
FK5 HO12 H N N 213 
GLN N    N N N 214 
GLN CA   C N S 215 
GLN C    C N N 216 
GLN O    O N N 217 
GLN CB   C N N 218 
GLN CG   C N N 219 
GLN CD   C N N 220 
GLN OE1  O N N 221 
GLN NE2  N N N 222 
GLN OXT  O N N 223 
GLN H    H N N 224 
GLN H2   H N N 225 
GLN HA   H N N 226 
GLN HB2  H N N 227 
GLN HB3  H N N 228 
GLN HG2  H N N 229 
GLN HG3  H N N 230 
GLN HE21 H N N 231 
GLN HE22 H N N 232 
GLN HXT  H N N 233 
GLU N    N N N 234 
GLU CA   C N S 235 
GLU C    C N N 236 
GLU O    O N N 237 
GLU CB   C N N 238 
GLU CG   C N N 239 
GLU CD   C N N 240 
GLU OE1  O N N 241 
GLU OE2  O N N 242 
GLU OXT  O N N 243 
GLU H    H N N 244 
GLU H2   H N N 245 
GLU HA   H N N 246 
GLU HB2  H N N 247 
GLU HB3  H N N 248 
GLU HG2  H N N 249 
GLU HG3  H N N 250 
GLU HE2  H N N 251 
GLU HXT  H N N 252 
GLY N    N N N 253 
GLY CA   C N N 254 
GLY C    C N N 255 
GLY O    O N N 256 
GLY OXT  O N N 257 
GLY H    H N N 258 
GLY H2   H N N 259 
GLY HA2  H N N 260 
GLY HA3  H N N 261 
GLY HXT  H N N 262 
HIS N    N N N 263 
HIS CA   C N S 264 
HIS C    C N N 265 
HIS O    O N N 266 
HIS CB   C N N 267 
HIS CG   C Y N 268 
HIS ND1  N Y N 269 
HIS CD2  C Y N 270 
HIS CE1  C Y N 271 
HIS NE2  N Y N 272 
HIS OXT  O N N 273 
HIS H    H N N 274 
HIS H2   H N N 275 
HIS HA   H N N 276 
HIS HB2  H N N 277 
HIS HB3  H N N 278 
HIS HD1  H N N 279 
HIS HD2  H N N 280 
HIS HE1  H N N 281 
HIS HE2  H N N 282 
HIS HXT  H N N 283 
HOH O    O N N 284 
HOH H1   H N N 285 
HOH H2   H N N 286 
ILE N    N N N 287 
ILE CA   C N S 288 
ILE C    C N N 289 
ILE O    O N N 290 
ILE CB   C N S 291 
ILE CG1  C N N 292 
ILE CG2  C N N 293 
ILE CD1  C N N 294 
ILE OXT  O N N 295 
ILE H    H N N 296 
ILE H2   H N N 297 
ILE HA   H N N 298 
ILE HB   H N N 299 
ILE HG12 H N N 300 
ILE HG13 H N N 301 
ILE HG21 H N N 302 
ILE HG22 H N N 303 
ILE HG23 H N N 304 
ILE HD11 H N N 305 
ILE HD12 H N N 306 
ILE HD13 H N N 307 
ILE HXT  H N N 308 
LEU N    N N N 309 
LEU CA   C N S 310 
LEU C    C N N 311 
LEU O    O N N 312 
LEU CB   C N N 313 
LEU CG   C N N 314 
LEU CD1  C N N 315 
LEU CD2  C N N 316 
LEU OXT  O N N 317 
LEU H    H N N 318 
LEU H2   H N N 319 
LEU HA   H N N 320 
LEU HB2  H N N 321 
LEU HB3  H N N 322 
LEU HG   H N N 323 
LEU HD11 H N N 324 
LEU HD12 H N N 325 
LEU HD13 H N N 326 
LEU HD21 H N N 327 
LEU HD22 H N N 328 
LEU HD23 H N N 329 
LEU HXT  H N N 330 
LYS N    N N N 331 
LYS CA   C N S 332 
LYS C    C N N 333 
LYS O    O N N 334 
LYS CB   C N N 335 
LYS CG   C N N 336 
LYS CD   C N N 337 
LYS CE   C N N 338 
LYS NZ   N N N 339 
LYS OXT  O N N 340 
LYS H    H N N 341 
LYS H2   H N N 342 
LYS HA   H N N 343 
LYS HB2  H N N 344 
LYS HB3  H N N 345 
LYS HG2  H N N 346 
LYS HG3  H N N 347 
LYS HD2  H N N 348 
LYS HD3  H N N 349 
LYS HE2  H N N 350 
LYS HE3  H N N 351 
LYS HZ1  H N N 352 
LYS HZ2  H N N 353 
LYS HZ3  H N N 354 
LYS HXT  H N N 355 
MET N    N N N 356 
MET CA   C N S 357 
MET C    C N N 358 
MET O    O N N 359 
MET CB   C N N 360 
MET CG   C N N 361 
MET SD   S N N 362 
MET CE   C N N 363 
MET OXT  O N N 364 
MET H    H N N 365 
MET H2   H N N 366 
MET HA   H N N 367 
MET HB2  H N N 368 
MET HB3  H N N 369 
MET HG2  H N N 370 
MET HG3  H N N 371 
MET HE1  H N N 372 
MET HE2  H N N 373 
MET HE3  H N N 374 
MET HXT  H N N 375 
PHE N    N N N 376 
PHE CA   C N S 377 
PHE C    C N N 378 
PHE O    O N N 379 
PHE CB   C N N 380 
PHE CG   C Y N 381 
PHE CD1  C Y N 382 
PHE CD2  C Y N 383 
PHE CE1  C Y N 384 
PHE CE2  C Y N 385 
PHE CZ   C Y N 386 
PHE OXT  O N N 387 
PHE H    H N N 388 
PHE H2   H N N 389 
PHE HA   H N N 390 
PHE HB2  H N N 391 
PHE HB3  H N N 392 
PHE HD1  H N N 393 
PHE HD2  H N N 394 
PHE HE1  H N N 395 
PHE HE2  H N N 396 
PHE HZ   H N N 397 
PHE HXT  H N N 398 
PRO N    N N N 399 
PRO CA   C N S 400 
PRO C    C N N 401 
PRO O    O N N 402 
PRO CB   C N N 403 
PRO CG   C N N 404 
PRO CD   C N N 405 
PRO OXT  O N N 406 
PRO H    H N N 407 
PRO HA   H N N 408 
PRO HB2  H N N 409 
PRO HB3  H N N 410 
PRO HG2  H N N 411 
PRO HG3  H N N 412 
PRO HD2  H N N 413 
PRO HD3  H N N 414 
PRO HXT  H N N 415 
SER N    N N N 416 
SER CA   C N S 417 
SER C    C N N 418 
SER O    O N N 419 
SER CB   C N N 420 
SER OG   O N N 421 
SER OXT  O N N 422 
SER H    H N N 423 
SER H2   H N N 424 
SER HA   H N N 425 
SER HB2  H N N 426 
SER HB3  H N N 427 
SER HG   H N N 428 
SER HXT  H N N 429 
THR N    N N N 430 
THR CA   C N S 431 
THR C    C N N 432 
THR O    O N N 433 
THR CB   C N R 434 
THR OG1  O N N 435 
THR CG2  C N N 436 
THR OXT  O N N 437 
THR H    H N N 438 
THR H2   H N N 439 
THR HA   H N N 440 
THR HB   H N N 441 
THR HG1  H N N 442 
THR HG21 H N N 443 
THR HG22 H N N 444 
THR HG23 H N N 445 
THR HXT  H N N 446 
TRP N    N N N 447 
TRP CA   C N S 448 
TRP C    C N N 449 
TRP O    O N N 450 
TRP CB   C N N 451 
TRP CG   C Y N 452 
TRP CD1  C Y N 453 
TRP CD2  C Y N 454 
TRP NE1  N Y N 455 
TRP CE2  C Y N 456 
TRP CE3  C Y N 457 
TRP CZ2  C Y N 458 
TRP CZ3  C Y N 459 
TRP CH2  C Y N 460 
TRP OXT  O N N 461 
TRP H    H N N 462 
TRP H2   H N N 463 
TRP HA   H N N 464 
TRP HB2  H N N 465 
TRP HB3  H N N 466 
TRP HD1  H N N 467 
TRP HE1  H N N 468 
TRP HE3  H N N 469 
TRP HZ2  H N N 470 
TRP HZ3  H N N 471 
TRP HH2  H N N 472 
TRP HXT  H N N 473 
TYR N    N N N 474 
TYR CA   C N S 475 
TYR C    C N N 476 
TYR O    O N N 477 
TYR CB   C N N 478 
TYR CG   C Y N 479 
TYR CD1  C Y N 480 
TYR CD2  C Y N 481 
TYR CE1  C Y N 482 
TYR CE2  C Y N 483 
TYR CZ   C Y N 484 
TYR OH   O N N 485 
TYR OXT  O N N 486 
TYR H    H N N 487 
TYR H2   H N N 488 
TYR HA   H N N 489 
TYR HB2  H N N 490 
TYR HB3  H N N 491 
TYR HD1  H N N 492 
TYR HD2  H N N 493 
TYR HE1  H N N 494 
TYR HE2  H N N 495 
TYR HH   H N N 496 
TYR HXT  H N N 497 
VAL N    N N N 498 
VAL CA   C N S 499 
VAL C    C N N 500 
VAL O    O N N 501 
VAL CB   C N N 502 
VAL CG1  C N N 503 
VAL CG2  C N N 504 
VAL OXT  O N N 505 
VAL H    H N N 506 
VAL H2   H N N 507 
VAL HA   H N N 508 
VAL HB   H N N 509 
VAL HG11 H N N 510 
VAL HG12 H N N 511 
VAL HG13 H N N 512 
VAL HG21 H N N 513 
VAL HG22 H N N 514 
VAL HG23 H N N 515 
VAL HXT  H N N 516 
# 
loop_
_chem_comp_bond.comp_id 
_chem_comp_bond.atom_id_1 
_chem_comp_bond.atom_id_2 
_chem_comp_bond.value_order 
_chem_comp_bond.pdbx_aromatic_flag 
_chem_comp_bond.pdbx_stereo_config 
_chem_comp_bond.pdbx_ordinal 
ALA N   CA   sing N N 1   
ALA N   H    sing N N 2   
ALA N   H2   sing N N 3   
ALA CA  C    sing N N 4   
ALA CA  CB   sing N N 5   
ALA CA  HA   sing N N 6   
ALA C   O    doub N N 7   
ALA C   OXT  sing N N 8   
ALA CB  HB1  sing N N 9   
ALA CB  HB2  sing N N 10  
ALA CB  HB3  sing N N 11  
ALA OXT HXT  sing N N 12  
ARG N   CA   sing N N 13  
ARG N   H    sing N N 14  
ARG N   H2   sing N N 15  
ARG CA  C    sing N N 16  
ARG CA  CB   sing N N 17  
ARG CA  HA   sing N N 18  
ARG C   O    doub N N 19  
ARG C   OXT  sing N N 20  
ARG CB  CG   sing N N 21  
ARG CB  HB2  sing N N 22  
ARG CB  HB3  sing N N 23  
ARG CG  CD   sing N N 24  
ARG CG  HG2  sing N N 25  
ARG CG  HG3  sing N N 26  
ARG CD  NE   sing N N 27  
ARG CD  HD2  sing N N 28  
ARG CD  HD3  sing N N 29  
ARG NE  CZ   sing N N 30  
ARG NE  HE   sing N N 31  
ARG CZ  NH1  sing N N 32  
ARG CZ  NH2  doub N N 33  
ARG NH1 HH11 sing N N 34  
ARG NH1 HH12 sing N N 35  
ARG NH2 HH21 sing N N 36  
ARG NH2 HH22 sing N N 37  
ARG OXT HXT  sing N N 38  
ASN N   CA   sing N N 39  
ASN N   H    sing N N 40  
ASN N   H2   sing N N 41  
ASN CA  C    sing N N 42  
ASN CA  CB   sing N N 43  
ASN CA  HA   sing N N 44  
ASN C   O    doub N N 45  
ASN C   OXT  sing N N 46  
ASN CB  CG   sing N N 47  
ASN CB  HB2  sing N N 48  
ASN CB  HB3  sing N N 49  
ASN CG  OD1  doub N N 50  
ASN CG  ND2  sing N N 51  
ASN ND2 HD21 sing N N 52  
ASN ND2 HD22 sing N N 53  
ASN OXT HXT  sing N N 54  
ASP N   CA   sing N N 55  
ASP N   H    sing N N 56  
ASP N   H2   sing N N 57  
ASP CA  C    sing N N 58  
ASP CA  CB   sing N N 59  
ASP CA  HA   sing N N 60  
ASP C   O    doub N N 61  
ASP C   OXT  sing N N 62  
ASP CB  CG   sing N N 63  
ASP CB  HB2  sing N N 64  
ASP CB  HB3  sing N N 65  
ASP CG  OD1  doub N N 66  
ASP CG  OD2  sing N N 67  
ASP OD2 HD2  sing N N 68  
ASP OXT HXT  sing N N 69  
CYS N   CA   sing N N 70  
CYS N   H    sing N N 71  
CYS N   H2   sing N N 72  
CYS CA  C    sing N N 73  
CYS CA  CB   sing N N 74  
CYS CA  HA   sing N N 75  
CYS C   O    doub N N 76  
CYS C   OXT  sing N N 77  
CYS CB  SG   sing N N 78  
CYS CB  HB2  sing N N 79  
CYS CB  HB3  sing N N 80  
CYS SG  HG   sing N N 81  
CYS OXT HXT  sing N N 82  
FK5 C1  C2   sing N N 83  
FK5 C1  O1   sing N N 84  
FK5 C1  O2   doub N N 85  
FK5 C2  C3   sing N N 86  
FK5 C2  N7   sing N N 87  
FK5 C2  H2   sing N N 88  
FK5 C3  C4   sing N N 89  
FK5 C3  H31A sing N N 90  
FK5 C3  H32A sing N N 91  
FK5 C4  C5   sing N N 92  
FK5 C4  H41  sing N N 93  
FK5 C4  H42  sing N N 94  
FK5 C5  C6   sing N N 95  
FK5 C5  H51  sing N N 96  
FK5 C5  H52  sing N N 97  
FK5 C6  N7   sing N N 98  
FK5 C6  H61  sing N N 99  
FK5 C6  H62  sing N N 100 
FK5 C8  C9   sing N N 101 
FK5 C8  N7   sing N N 102 
FK5 C8  O3   doub N N 103 
FK5 C9  C10  sing N N 104 
FK5 C9  O4   doub N N 105 
FK5 C10 C11  sing N N 106 
FK5 C10 O5   sing N N 107 
FK5 C10 O6   sing N N 108 
FK5 C11 C12  sing N N 109 
FK5 C11 C35  sing N N 110 
FK5 C11 H11  sing N N 111 
FK5 C12 C13  sing N N 112 
FK5 C12 H121 sing N N 113 
FK5 C12 H122 sing N N 114 
FK5 C13 C14  sing N N 115 
FK5 C13 O7   sing N N 116 
FK5 C13 H13  sing N N 117 
FK5 C14 C15  sing N N 118 
FK5 C14 O5   sing N N 119 
FK5 C14 H14  sing N N 120 
FK5 C15 C16  sing N N 121 
FK5 C15 O8   sing N N 122 
FK5 C15 H15  sing N N 123 
FK5 C16 C17  sing N N 124 
FK5 C16 H161 sing N N 125 
FK5 C16 H162 sing N N 126 
FK5 C17 C18  sing N N 127 
FK5 C17 C36  sing N N 128 
FK5 C17 H17  sing N N 129 
FK5 C18 C19  sing N N 130 
FK5 C18 H181 sing N N 131 
FK5 C18 H182 sing N N 132 
FK5 C19 C20  doub N E 133 
FK5 C19 C37  sing N N 134 
FK5 C20 C21  sing N N 135 
FK5 C20 H20  sing N N 136 
FK5 C21 C22  sing N N 137 
FK5 C21 C38  sing N N 138 
FK5 C21 H21  sing N N 139 
FK5 C22 C23  sing N N 140 
FK5 C22 O9   doub N N 141 
FK5 C23 C24  sing N N 142 
FK5 C23 H231 sing N N 143 
FK5 C23 H232 sing N N 144 
FK5 C24 C25  sing N N 145 
FK5 C24 O10  sing N N 146 
FK5 C24 H24  sing N N 147 
FK5 C25 C26  sing N N 148 
FK5 C25 C41  sing N N 149 
FK5 C25 H25  sing N N 150 
FK5 C26 C27  sing N N 151 
FK5 C26 O1   sing N N 152 
FK5 C26 H26  sing N N 153 
FK5 C27 C28  doub N E 154 
FK5 C27 C42  sing N N 155 
FK5 C28 C29  sing N N 156 
FK5 C28 H28  sing N N 157 
FK5 C29 C30  sing N N 158 
FK5 C29 C34  sing N N 159 
FK5 C29 H29  sing N N 160 
FK5 C30 C31  sing N N 161 
FK5 C30 H301 sing N N 162 
FK5 C30 H302 sing N N 163 
FK5 C31 C32  sing N N 164 
FK5 C31 O11  sing N N 165 
FK5 C31 H31  sing N N 166 
FK5 C32 C33  sing N N 167 
FK5 C32 O12  sing N N 168 
FK5 C32 H32  sing N N 169 
FK5 C33 C34  sing N N 170 
FK5 C33 H331 sing N N 171 
FK5 C33 H332 sing N N 172 
FK5 C34 H341 sing N N 173 
FK5 C34 H342 sing N N 174 
FK5 C35 H351 sing N N 175 
FK5 C35 H352 sing N N 176 
FK5 C35 H353 sing N N 177 
FK5 C36 H361 sing N N 178 
FK5 C36 H362 sing N N 179 
FK5 C36 H363 sing N N 180 
FK5 C37 H371 sing N N 181 
FK5 C37 H372 sing N N 182 
FK5 C37 H373 sing N N 183 
FK5 C38 C39  sing N N 184 
FK5 C38 H381 sing N N 185 
FK5 C38 H382 sing N N 186 
FK5 C39 C40  doub N N 187 
FK5 C39 H39  sing N N 188 
FK5 C40 H401 sing N N 189 
FK5 C40 H402 sing N N 190 
FK5 C41 H411 sing N N 191 
FK5 C41 H412 sing N N 192 
FK5 C41 H413 sing N N 193 
FK5 C42 H421 sing N N 194 
FK5 C42 H422 sing N N 195 
FK5 C42 H423 sing N N 196 
FK5 C43 O7   sing N N 197 
FK5 C43 H431 sing N N 198 
FK5 C43 H432 sing N N 199 
FK5 C43 H433 sing N N 200 
FK5 C44 O8   sing N N 201 
FK5 C44 H441 sing N N 202 
FK5 C44 H442 sing N N 203 
FK5 C44 H443 sing N N 204 
FK5 C45 O11  sing N N 205 
FK5 C45 H451 sing N N 206 
FK5 C45 H452 sing N N 207 
FK5 C45 H453 sing N N 208 
FK5 O6  HO6  sing N N 209 
FK5 O10 HO10 sing N N 210 
FK5 O12 HO12 sing N N 211 
GLN N   CA   sing N N 212 
GLN N   H    sing N N 213 
GLN N   H2   sing N N 214 
GLN CA  C    sing N N 215 
GLN CA  CB   sing N N 216 
GLN CA  HA   sing N N 217 
GLN C   O    doub N N 218 
GLN C   OXT  sing N N 219 
GLN CB  CG   sing N N 220 
GLN CB  HB2  sing N N 221 
GLN CB  HB3  sing N N 222 
GLN CG  CD   sing N N 223 
GLN CG  HG2  sing N N 224 
GLN CG  HG3  sing N N 225 
GLN CD  OE1  doub N N 226 
GLN CD  NE2  sing N N 227 
GLN NE2 HE21 sing N N 228 
GLN NE2 HE22 sing N N 229 
GLN OXT HXT  sing N N 230 
GLU N   CA   sing N N 231 
GLU N   H    sing N N 232 
GLU N   H2   sing N N 233 
GLU CA  C    sing N N 234 
GLU CA  CB   sing N N 235 
GLU CA  HA   sing N N 236 
GLU C   O    doub N N 237 
GLU C   OXT  sing N N 238 
GLU CB  CG   sing N N 239 
GLU CB  HB2  sing N N 240 
GLU CB  HB3  sing N N 241 
GLU CG  CD   sing N N 242 
GLU CG  HG2  sing N N 243 
GLU CG  HG3  sing N N 244 
GLU CD  OE1  doub N N 245 
GLU CD  OE2  sing N N 246 
GLU OE2 HE2  sing N N 247 
GLU OXT HXT  sing N N 248 
GLY N   CA   sing N N 249 
GLY N   H    sing N N 250 
GLY N   H2   sing N N 251 
GLY CA  C    sing N N 252 
GLY CA  HA2  sing N N 253 
GLY CA  HA3  sing N N 254 
GLY C   O    doub N N 255 
GLY C   OXT  sing N N 256 
GLY OXT HXT  sing N N 257 
HIS N   CA   sing N N 258 
HIS N   H    sing N N 259 
HIS N   H2   sing N N 260 
HIS CA  C    sing N N 261 
HIS CA  CB   sing N N 262 
HIS CA  HA   sing N N 263 
HIS C   O    doub N N 264 
HIS C   OXT  sing N N 265 
HIS CB  CG   sing N N 266 
HIS CB  HB2  sing N N 267 
HIS CB  HB3  sing N N 268 
HIS CG  ND1  sing Y N 269 
HIS CG  CD2  doub Y N 270 
HIS ND1 CE1  doub Y N 271 
HIS ND1 HD1  sing N N 272 
HIS CD2 NE2  sing Y N 273 
HIS CD2 HD2  sing N N 274 
HIS CE1 NE2  sing Y N 275 
HIS CE1 HE1  sing N N 276 
HIS NE2 HE2  sing N N 277 
HIS OXT HXT  sing N N 278 
HOH O   H1   sing N N 279 
HOH O   H2   sing N N 280 
ILE N   CA   sing N N 281 
ILE N   H    sing N N 282 
ILE N   H2   sing N N 283 
ILE CA  C    sing N N 284 
ILE CA  CB   sing N N 285 
ILE CA  HA   sing N N 286 
ILE C   O    doub N N 287 
ILE C   OXT  sing N N 288 
ILE CB  CG1  sing N N 289 
ILE CB  CG2  sing N N 290 
ILE CB  HB   sing N N 291 
ILE CG1 CD1  sing N N 292 
ILE CG1 HG12 sing N N 293 
ILE CG1 HG13 sing N N 294 
ILE CG2 HG21 sing N N 295 
ILE CG2 HG22 sing N N 296 
ILE CG2 HG23 sing N N 297 
ILE CD1 HD11 sing N N 298 
ILE CD1 HD12 sing N N 299 
ILE CD1 HD13 sing N N 300 
ILE OXT HXT  sing N N 301 
LEU N   CA   sing N N 302 
LEU N   H    sing N N 303 
LEU N   H2   sing N N 304 
LEU CA  C    sing N N 305 
LEU CA  CB   sing N N 306 
LEU CA  HA   sing N N 307 
LEU C   O    doub N N 308 
LEU C   OXT  sing N N 309 
LEU CB  CG   sing N N 310 
LEU CB  HB2  sing N N 311 
LEU CB  HB3  sing N N 312 
LEU CG  CD1  sing N N 313 
LEU CG  CD2  sing N N 314 
LEU CG  HG   sing N N 315 
LEU CD1 HD11 sing N N 316 
LEU CD1 HD12 sing N N 317 
LEU CD1 HD13 sing N N 318 
LEU CD2 HD21 sing N N 319 
LEU CD2 HD22 sing N N 320 
LEU CD2 HD23 sing N N 321 
LEU OXT HXT  sing N N 322 
LYS N   CA   sing N N 323 
LYS N   H    sing N N 324 
LYS N   H2   sing N N 325 
LYS CA  C    sing N N 326 
LYS CA  CB   sing N N 327 
LYS CA  HA   sing N N 328 
LYS C   O    doub N N 329 
LYS C   OXT  sing N N 330 
LYS CB  CG   sing N N 331 
LYS CB  HB2  sing N N 332 
LYS CB  HB3  sing N N 333 
LYS CG  CD   sing N N 334 
LYS CG  HG2  sing N N 335 
LYS CG  HG3  sing N N 336 
LYS CD  CE   sing N N 337 
LYS CD  HD2  sing N N 338 
LYS CD  HD3  sing N N 339 
LYS CE  NZ   sing N N 340 
LYS CE  HE2  sing N N 341 
LYS CE  HE3  sing N N 342 
LYS NZ  HZ1  sing N N 343 
LYS NZ  HZ2  sing N N 344 
LYS NZ  HZ3  sing N N 345 
LYS OXT HXT  sing N N 346 
MET N   CA   sing N N 347 
MET N   H    sing N N 348 
MET N   H2   sing N N 349 
MET CA  C    sing N N 350 
MET CA  CB   sing N N 351 
MET CA  HA   sing N N 352 
MET C   O    doub N N 353 
MET C   OXT  sing N N 354 
MET CB  CG   sing N N 355 
MET CB  HB2  sing N N 356 
MET CB  HB3  sing N N 357 
MET CG  SD   sing N N 358 
MET CG  HG2  sing N N 359 
MET CG  HG3  sing N N 360 
MET SD  CE   sing N N 361 
MET CE  HE1  sing N N 362 
MET CE  HE2  sing N N 363 
MET CE  HE3  sing N N 364 
MET OXT HXT  sing N N 365 
PHE N   CA   sing N N 366 
PHE N   H    sing N N 367 
PHE N   H2   sing N N 368 
PHE CA  C    sing N N 369 
PHE CA  CB   sing N N 370 
PHE CA  HA   sing N N 371 
PHE C   O    doub N N 372 
PHE C   OXT  sing N N 373 
PHE CB  CG   sing N N 374 
PHE CB  HB2  sing N N 375 
PHE CB  HB3  sing N N 376 
PHE CG  CD1  doub Y N 377 
PHE CG  CD2  sing Y N 378 
PHE CD1 CE1  sing Y N 379 
PHE CD1 HD1  sing N N 380 
PHE CD2 CE2  doub Y N 381 
PHE CD2 HD2  sing N N 382 
PHE CE1 CZ   doub Y N 383 
PHE CE1 HE1  sing N N 384 
PHE CE2 CZ   sing Y N 385 
PHE CE2 HE2  sing N N 386 
PHE CZ  HZ   sing N N 387 
PHE OXT HXT  sing N N 388 
PRO N   CA   sing N N 389 
PRO N   CD   sing N N 390 
PRO N   H    sing N N 391 
PRO CA  C    sing N N 392 
PRO CA  CB   sing N N 393 
PRO CA  HA   sing N N 394 
PRO C   O    doub N N 395 
PRO C   OXT  sing N N 396 
PRO CB  CG   sing N N 397 
PRO CB  HB2  sing N N 398 
PRO CB  HB3  sing N N 399 
PRO CG  CD   sing N N 400 
PRO CG  HG2  sing N N 401 
PRO CG  HG3  sing N N 402 
PRO CD  HD2  sing N N 403 
PRO CD  HD3  sing N N 404 
PRO OXT HXT  sing N N 405 
SER N   CA   sing N N 406 
SER N   H    sing N N 407 
SER N   H2   sing N N 408 
SER CA  C    sing N N 409 
SER CA  CB   sing N N 410 
SER CA  HA   sing N N 411 
SER C   O    doub N N 412 
SER C   OXT  sing N N 413 
SER CB  OG   sing N N 414 
SER CB  HB2  sing N N 415 
SER CB  HB3  sing N N 416 
SER OG  HG   sing N N 417 
SER OXT HXT  sing N N 418 
THR N   CA   sing N N 419 
THR N   H    sing N N 420 
THR N   H2   sing N N 421 
THR CA  C    sing N N 422 
THR CA  CB   sing N N 423 
THR CA  HA   sing N N 424 
THR C   O    doub N N 425 
THR C   OXT  sing N N 426 
THR CB  OG1  sing N N 427 
THR CB  CG2  sing N N 428 
THR CB  HB   sing N N 429 
THR OG1 HG1  sing N N 430 
THR CG2 HG21 sing N N 431 
THR CG2 HG22 sing N N 432 
THR CG2 HG23 sing N N 433 
THR OXT HXT  sing N N 434 
TRP N   CA   sing N N 435 
TRP N   H    sing N N 436 
TRP N   H2   sing N N 437 
TRP CA  C    sing N N 438 
TRP CA  CB   sing N N 439 
TRP CA  HA   sing N N 440 
TRP C   O    doub N N 441 
TRP C   OXT  sing N N 442 
TRP CB  CG   sing N N 443 
TRP CB  HB2  sing N N 444 
TRP CB  HB3  sing N N 445 
TRP CG  CD1  doub Y N 446 
TRP CG  CD2  sing Y N 447 
TRP CD1 NE1  sing Y N 448 
TRP CD1 HD1  sing N N 449 
TRP CD2 CE2  doub Y N 450 
TRP CD2 CE3  sing Y N 451 
TRP NE1 CE2  sing Y N 452 
TRP NE1 HE1  sing N N 453 
TRP CE2 CZ2  sing Y N 454 
TRP CE3 CZ3  doub Y N 455 
TRP CE3 HE3  sing N N 456 
TRP CZ2 CH2  doub Y N 457 
TRP CZ2 HZ2  sing N N 458 
TRP CZ3 CH2  sing Y N 459 
TRP CZ3 HZ3  sing N N 460 
TRP CH2 HH2  sing N N 461 
TRP OXT HXT  sing N N 462 
TYR N   CA   sing N N 463 
TYR N   H    sing N N 464 
TYR N   H2   sing N N 465 
TYR CA  C    sing N N 466 
TYR CA  CB   sing N N 467 
TYR CA  HA   sing N N 468 
TYR C   O    doub N N 469 
TYR C   OXT  sing N N 470 
TYR CB  CG   sing N N 471 
TYR CB  HB2  sing N N 472 
TYR CB  HB3  sing N N 473 
TYR CG  CD1  doub Y N 474 
TYR CG  CD2  sing Y N 475 
TYR CD1 CE1  sing Y N 476 
TYR CD1 HD1  sing N N 477 
TYR CD2 CE2  doub Y N 478 
TYR CD2 HD2  sing N N 479 
TYR CE1 CZ   doub Y N 480 
TYR CE1 HE1  sing N N 481 
TYR CE2 CZ   sing Y N 482 
TYR CE2 HE2  sing N N 483 
TYR CZ  OH   sing N N 484 
TYR OH  HH   sing N N 485 
TYR OXT HXT  sing N N 486 
VAL N   CA   sing N N 487 
VAL N   H    sing N N 488 
VAL N   H2   sing N N 489 
VAL CA  C    sing N N 490 
VAL CA  CB   sing N N 491 
VAL CA  HA   sing N N 492 
VAL C   O    doub N N 493 
VAL C   OXT  sing N N 494 
VAL CB  CG1  sing N N 495 
VAL CB  CG2  sing N N 496 
VAL CB  HB   sing N N 497 
VAL CG1 HG11 sing N N 498 
VAL CG1 HG12 sing N N 499 
VAL CG1 HG13 sing N N 500 
VAL CG2 HG21 sing N N 501 
VAL CG2 HG22 sing N N 502 
VAL CG2 HG23 sing N N 503 
VAL OXT HXT  sing N N 504 
# 
_atom_sites.entry_id                    1BKF 
_atom_sites.fract_transf_matrix[1][1]   0.00128361 
_atom_sites.fract_transf_matrix[1][2]   0.00123063 
_atom_sites.fract_transf_matrix[1][3]   -0.01704248 
_atom_sites.fract_transf_matrix[2][1]   -0.01561972 
_atom_sites.fract_transf_matrix[2][2]   -0.00684409 
_atom_sites.fract_transf_matrix[2][3]   -0.00167066 
_atom_sites.fract_transf_matrix[3][1]   -0.00721374 
_atom_sites.fract_transf_matrix[3][2]   0.01630852 
_atom_sites.fract_transf_matrix[3][3]   0.00063430 
_atom_sites.fract_transf_vector[1]      0.233188 
_atom_sites.fract_transf_vector[2]      0.508967 
_atom_sites.fract_transf_vector[3]      0.323884 
# 
loop_
_atom_type.symbol 
C 
N 
O 
S 
# 
loop_
_atom_site.group_PDB 
_atom_site.id 
_atom_site.type_symbol 
_atom_site.label_atom_id 
_atom_site.label_alt_id 
_atom_site.label_comp_id 
_atom_site.label_asym_id 
_atom_site.label_entity_id 
_atom_site.label_seq_id 
_atom_site.pdbx_PDB_ins_code 
_atom_site.Cartn_x 
_atom_site.Cartn_y 
_atom_site.Cartn_z 
_atom_site.occupancy 
_atom_site.B_iso_or_equiv 
_atom_site.pdbx_formal_charge 
_atom_site.auth_seq_id 
_atom_site.auth_comp_id 
_atom_site.auth_asym_id 
_atom_site.auth_atom_id 
_atom_site.pdbx_PDB_model_num 
ATOM   1   N N   . GLY A 1 1   ? 10.703  5.760   4.648   1.00 20.89 ? 1   GLY A N   1 
ATOM   2   C CA  . GLY A 1 1   ? 9.483   6.573   4.686   1.00 19.05 ? 1   GLY A CA  1 
ATOM   3   C C   . GLY A 1 1   ? 8.186   5.788   4.819   1.00 19.04 ? 1   GLY A C   1 
ATOM   4   O O   . GLY A 1 1   ? 7.136   6.290   4.422   1.00 18.13 ? 1   GLY A O   1 
ATOM   5   N N   . VAL A 1 2   ? 8.205   4.524   5.267   1.00 16.16 ? 2   VAL A N   1 
ATOM   6   C CA  . VAL A 1 2   ? 7.006   3.754   5.483   1.00 15.72 ? 2   VAL A CA  1 
ATOM   7   C C   . VAL A 1 2   ? 7.172   2.992   6.830   1.00 14.43 ? 2   VAL A C   1 
ATOM   8   O O   . VAL A 1 2   ? 8.267   2.589   7.229   1.00 13.60 ? 2   VAL A O   1 
ATOM   9   C CB  . VAL A 1 2   ? 6.797   2.792   4.272   1.00 15.42 ? 2   VAL A CB  1 
ATOM   10  C CG1 . VAL A 1 2   ? 7.840   1.756   4.182   1.00 14.04 ? 2   VAL A CG1 1 
ATOM   11  C CG2 . VAL A 1 2   ? 5.482   2.079   4.444   1.00 15.12 ? 2   VAL A CG2 1 
ATOM   12  N N   . GLN A 1 3   ? 6.117   2.936   7.615   1.00 13.68 ? 3   GLN A N   1 
ATOM   13  C CA  . GLN A 1 3   ? 6.052   2.120   8.800   1.00 15.92 ? 3   GLN A CA  1 
ATOM   14  C C   . GLN A 1 3   ? 5.089   1.012   8.489   1.00 14.46 ? 3   GLN A C   1 
ATOM   15  O O   . GLN A 1 3   ? 4.034   1.276   7.961   1.00 12.43 ? 3   GLN A O   1 
ATOM   16  C CB  . GLN A 1 3   ? 5.502   2.916   9.917   1.00 21.15 ? 3   GLN A CB  1 
ATOM   17  C CG  . GLN A 1 3   ? 6.528   3.930   10.328  1.00 29.79 ? 3   GLN A CG  1 
ATOM   18  C CD  . GLN A 1 3   ? 5.839   4.793   11.362  1.00 36.79 ? 3   GLN A CD  1 
ATOM   19  O OE1 . GLN A 1 3   ? 6.052   6.023   11.354  1.00 42.82 ? 3   GLN A OE1 1 
ATOM   20  N NE2 . GLN A 1 3   ? 4.963   4.260   12.235  1.00 38.91 ? 3   GLN A NE2 1 
ATOM   21  N N   . VAL A 1 4   ? 5.317   -0.238  8.889   1.00 13.49 ? 4   VAL A N   1 
ATOM   22  C CA  . VAL A 1 4   ? 4.470   -1.381  8.568   1.00 13.14 ? 4   VAL A CA  1 
ATOM   23  C C   . VAL A 1 4   ? 4.084   -1.950  9.904   1.00 13.34 ? 4   VAL A C   1 
ATOM   24  O O   . VAL A 1 4   ? 4.962   -2.277  10.700  1.00 14.65 ? 4   VAL A O   1 
ATOM   25  C CB  . VAL A 1 4   ? 5.248   -2.467  7.769   1.00 10.74 ? 4   VAL A CB  1 
ATOM   26  C CG1 . VAL A 1 4   ? 4.272   -3.565  7.448   1.00 13.35 ? 4   VAL A CG1 1 
ATOM   27  C CG2 . VAL A 1 4   ? 5.741   -2.001  6.474   1.00 11.80 ? 4   VAL A CG2 1 
ATOM   28  N N   . GLU A 1 5   ? 2.805   -1.987  10.193  1.00 12.34 ? 5   GLU A N   1 
ATOM   29  C CA  . GLU A 1 5   ? 2.294   -2.636  11.408  1.00 14.42 ? 5   GLU A CA  1 
ATOM   30  C C   . GLU A 1 5   ? 1.473   -3.806  11.009  1.00 12.76 ? 5   GLU A C   1 
ATOM   31  O O   . GLU A 1 5   ? 0.622   -3.691  10.140  1.00 12.56 ? 5   GLU A O   1 
ATOM   32  C CB  . GLU A 1 5   ? 1.385   -1.709  12.251  1.00 16.47 ? 5   GLU A CB  1 
ATOM   33  C CG  . GLU A 1 5   ? 2.421   -0.796  12.837  1.00 21.67 ? 5   GLU A CG  1 
ATOM   34  C CD  . GLU A 1 5   ? 1.830   0.463   13.343  1.00 27.17 ? 5   GLU A CD  1 
ATOM   35  O OE1 . GLU A 1 5   ? 0.916   1.006   12.740  1.00 31.64 ? 5   GLU A OE1 1 
ATOM   36  O OE2 . GLU A 1 5   ? 2.302   0.919   14.359  1.00 32.54 ? 5   GLU A OE2 1 
ATOM   37  N N   . THR A 1 6   ? 1.659   -4.966  11.624  1.00 11.40 ? 6   THR A N   1 
ATOM   38  C CA  . THR A 1 6   ? 0.901   -6.113  11.135  1.00 10.32 ? 6   THR A CA  1 
ATOM   39  C C   . THR A 1 6   ? -0.386  -6.317  11.908  1.00 10.75 ? 6   THR A C   1 
ATOM   40  O O   . THR A 1 6   ? -0.410  -6.310  13.151  1.00 11.11 ? 6   THR A O   1 
ATOM   41  C CB  . THR A 1 6   ? 1.805   -7.370  11.228  1.00 9.72  ? 6   THR A CB  1 
ATOM   42  O OG1 . THR A 1 6   ? 2.920   -7.126  10.368  1.00 12.95 ? 6   THR A OG1 1 
ATOM   43  C CG2 . THR A 1 6   ? 1.077   -8.648  10.879  1.00 9.55  ? 6   THR A CG2 1 
ATOM   44  N N   . ILE A 1 7   ? -1.447  -6.478  11.111  1.00 11.14 ? 7   ILE A N   1 
ATOM   45  C CA  . ILE A 1 7   ? -2.754  -6.859  11.654  1.00 12.67 ? 7   ILE A CA  1 
ATOM   46  C C   . ILE A 1 7   ? -2.858  -8.439  11.695  1.00 12.29 ? 7   ILE A C   1 
ATOM   47  O O   . ILE A 1 7   ? -3.276  -9.040  12.688  1.00 12.22 ? 7   ILE A O   1 
ATOM   48  C CB  . ILE A 1 7   ? -3.806  -6.199  10.741  1.00 10.45 ? 7   ILE A CB  1 
ATOM   49  C CG1 . ILE A 1 7   ? -3.641  -4.679  10.768  1.00 14.77 ? 7   ILE A CG1 1 
ATOM   50  C CG2 . ILE A 1 7   ? -5.141  -6.621  11.192  1.00 12.48 ? 7   ILE A CG2 1 
ATOM   51  C CD1 . ILE A 1 7   ? -4.348  -3.966  9.572   1.00 16.46 ? 7   ILE A CD1 1 
ATOM   52  N N   . SER A 1 8   ? -2.514  -9.146  10.617  1.00 11.11 ? 8   SER A N   1 
ATOM   53  C CA  . SER A 1 8   ? -2.640  -10.595 10.550  1.00 12.63 ? 8   SER A CA  1 
ATOM   54  C C   . SER A 1 8   ? -1.365  -11.118 9.883   1.00 11.15 ? 8   SER A C   1 
ATOM   55  O O   . SER A 1 8   ? -0.958  -10.504 8.875   1.00 9.94  ? 8   SER A O   1 
ATOM   56  C CB  . SER A 1 8   ? -3.766  -11.004 9.668   1.00 13.63 ? 8   SER A CB  1 
ATOM   57  O OG  . SER A 1 8   ? -4.864  -10.832 10.461  1.00 25.08 ? 8   SER A OG  1 
ATOM   58  N N   . PRO A 1 9   ? -0.684  -12.159 10.371  1.00 9.72  ? 9   PRO A N   1 
ATOM   59  C CA  . PRO A 1 9   ? 0.600   -12.570 9.851   1.00 11.32 ? 9   PRO A CA  1 
ATOM   60  C C   . PRO A 1 9   ? 0.460   -13.162 8.463   1.00 11.07 ? 9   PRO A C   1 
ATOM   61  O O   . PRO A 1 9   ? -0.596  -13.704 8.106   1.00 12.41 ? 9   PRO A O   1 
ATOM   62  C CB  . PRO A 1 9   ? 1.117   -13.584 10.940  1.00 11.80 ? 9   PRO A CB  1 
ATOM   63  C CG  . PRO A 1 9   ? -0.126  -14.206 11.499  1.00 12.21 ? 9   PRO A CG  1 
ATOM   64  C CD  . PRO A 1 9   ? -1.088  -12.992 11.494  1.00 12.17 ? 9   PRO A CD  1 
ATOM   65  N N   . GLY A 1 10  ? 1.485   -13.111 7.646   1.00 11.04 ? 10  GLY A N   1 
ATOM   66  C CA  . GLY A 1 10  ? 1.473   -13.820 6.387   1.00 12.09 ? 10  GLY A CA  1 
ATOM   67  C C   . GLY A 1 10  ? 2.111   -15.189 6.573   1.00 14.52 ? 10  GLY A C   1 
ATOM   68  O O   . GLY A 1 10  ? 2.272   -15.640 7.712   1.00 15.45 ? 10  GLY A O   1 
ATOM   69  N N   . ASP A 1 11  ? 2.611   -15.815 5.514   1.00 13.28 ? 11  ASP A N   1 
ATOM   70  C CA  . ASP A 1 11  ? 3.220   -17.133 5.724   1.00 12.06 ? 11  ASP A CA  1 
ATOM   71  C C   . ASP A 1 11  ? 4.633   -17.044 6.259   1.00 13.71 ? 11  ASP A C   1 
ATOM   72  O O   . ASP A 1 11  ? 5.253   -18.090 6.455   1.00 14.52 ? 11  ASP A O   1 
ATOM   73  C CB  . ASP A 1 11  ? 3.197   -17.904 4.422   1.00 10.40 ? 11  ASP A CB  1 
ATOM   74  C CG  . ASP A 1 11  ? 4.049   -17.373 3.326   1.00 12.08 ? 11  ASP A CG  1 
ATOM   75  O OD1 . ASP A 1 11  ? 4.763   -16.373 3.415   1.00 9.50  ? 11  ASP A OD1 1 
ATOM   76  O OD2 . ASP A 1 11  ? 3.986   -17.998 2.279   1.00 16.61 ? 11  ASP A OD2 1 
ATOM   77  N N   . GLY A 1 12  ? 5.276   -15.873 6.331   1.00 11.25 ? 12  GLY A N   1 
ATOM   78  C CA  . GLY A 1 12  ? 6.610   -15.713 6.868   1.00 12.49 ? 12  GLY A CA  1 
ATOM   79  C C   . GLY A 1 12  ? 7.705   -16.258 5.932   1.00 15.23 ? 12  GLY A C   1 
ATOM   80  O O   . GLY A 1 12  ? 8.908   -16.373 6.326   1.00 16.22 ? 12  GLY A O   1 
ATOM   81  N N   . ARG A 1 13  ? 7.337   -16.438 4.641   1.00 15.10 ? 13  ARG A N   1 
ATOM   82  C CA  . ARG A 1 13  ? 8.184   -17.191 3.718   1.00 17.86 ? 13  ARG A CA  1 
ATOM   83  C C   . ARG A 1 13  ? 8.242   -16.642 2.314   1.00 16.21 ? 13  ARG A C   1 
ATOM   84  O O   . ARG A 1 13  ? 9.284   -16.593 1.670   1.00 15.70 ? 13  ARG A O   1 
ATOM   85  C CB  . ARG A 1 13  ? 7.690   -18.615 3.616   1.00 22.97 ? 13  ARG A CB  1 
ATOM   86  C CG  . ARG A 1 13  ? 8.747   -19.600 3.949   1.00 32.11 ? 13  ARG A CG  1 
ATOM   87  C CD  . ARG A 1 13  ? 8.286   -21.008 3.637   1.00 37.23 ? 13  ARG A CD  1 
ATOM   88  N NE  . ARG A 1 13  ? 8.090   -21.178 2.197   1.00 43.07 ? 13  ARG A NE  1 
ATOM   89  C CZ  . ARG A 1 13  ? 6.893   -21.498 1.639   1.00 45.02 ? 13  ARG A CZ  1 
ATOM   90  N NH1 . ARG A 1 13  ? 5.786   -21.671 2.404   1.00 46.41 ? 13  ARG A NH1 1 
ATOM   91  N NH2 . ARG A 1 13  ? 6.828   -21.628 0.291   1.00 44.86 ? 13  ARG A NH2 1 
ATOM   92  N N   . THR A 1 14  ? 7.074   -16.267 1.808   1.00 15.68 ? 14  THR A N   1 
ATOM   93  C CA  . THR A 1 14  ? 6.909   -15.780 0.453   1.00 15.77 ? 14  THR A CA  1 
ATOM   94  C C   . THR A 1 14  ? 6.811   -14.266 0.389   1.00 15.18 ? 14  THR A C   1 
ATOM   95  O O   . THR A 1 14  ? 5.731   -13.758 0.657   1.00 14.26 ? 14  THR A O   1 
ATOM   96  C CB  . THR A 1 14  ? 5.633   -16.465 -0.141  1.00 16.43 ? 14  THR A CB  1 
ATOM   97  O OG1 . THR A 1 14  ? 5.727   -17.892 0.146   1.00 18.19 ? 14  THR A OG1 1 
ATOM   98  C CG2 . THR A 1 14  ? 5.529   -16.206 -1.643  1.00 16.52 ? 14  THR A CG2 1 
ATOM   99  N N   . PHE A 1 15  ? 7.903   -13.595 0.112   1.00 15.06 ? 15  PHE A N   1 
ATOM   100 C CA  . PHE A 1 15  ? 7.913   -12.159 -0.004  1.00 15.30 ? 15  PHE A CA  1 
ATOM   101 C C   . PHE A 1 15  ? 8.083   -11.775 -1.472  1.00 18.15 ? 15  PHE A C   1 
ATOM   102 O O   . PHE A 1 15  ? 8.791   -12.464 -2.209  1.00 19.09 ? 15  PHE A O   1 
ATOM   103 C CB  . PHE A 1 15  ? 9.063   -11.589 0.782   1.00 14.62 ? 15  PHE A CB  1 
ATOM   104 C CG  . PHE A 1 15  ? 9.015   -11.890 2.262   1.00 14.42 ? 15  PHE A CG  1 
ATOM   105 C CD1 . PHE A 1 15  ? 9.475   -13.117 2.748   1.00 14.38 ? 15  PHE A CD1 1 
ATOM   106 C CD2 . PHE A 1 15  ? 8.532   -10.936 3.134   1.00 12.99 ? 15  PHE A CD2 1 
ATOM   107 C CE1 . PHE A 1 15  ? 9.452   -13.392 4.081   1.00 12.54 ? 15  PHE A CE1 1 
ATOM   108 C CE2 . PHE A 1 15  ? 8.527   -11.248 4.475   1.00 12.09 ? 15  PHE A CE2 1 
ATOM   109 C CZ  . PHE A 1 15  ? 8.979   -12.453 4.926   1.00 12.18 ? 15  PHE A CZ  1 
ATOM   110 N N   . PRO A 1 16  ? 7.420   -10.702 -1.922  1.00 19.39 ? 16  PRO A N   1 
ATOM   111 C CA  . PRO A 1 16  ? 7.559   -10.089 -3.221  1.00 20.26 ? 16  PRO A CA  1 
ATOM   112 C C   . PRO A 1 16  ? 8.973   -9.909  -3.719  1.00 22.09 ? 16  PRO A C   1 
ATOM   113 O O   . PRO A 1 16  ? 9.839   -9.395  -2.997  1.00 21.92 ? 16  PRO A O   1 
ATOM   114 C CB  . PRO A 1 16  ? 6.836   -8.800  -3.039  1.00 19.00 ? 16  PRO A CB  1 
ATOM   115 C CG  . PRO A 1 16  ? 5.797   -9.092  -2.003  1.00 18.96 ? 16  PRO A CG  1 
ATOM   116 C CD  . PRO A 1 16  ? 6.615   -9.840  -1.039  1.00 17.88 ? 16  PRO A CD  1 
ATOM   117 N N   . LYS A 1 17  ? 9.208   -10.313 -4.940  1.00 24.20 ? 17  LYS A N   1 
ATOM   118 C CA  . LYS A 1 17  ? 10.525  -10.187 -5.546  1.00 29.53 ? 17  LYS A CA  1 
ATOM   119 C C   . LYS A 1 17  ? 10.379  -9.115  -6.644  1.00 30.51 ? 17  LYS A C   1 
ATOM   120 O O   . LYS A 1 17  ? 9.263   -8.966  -7.200  1.00 30.37 ? 17  LYS A O   1 
ATOM   121 C CB  . LYS A 1 17  ? 10.970  -11.524 -6.234  1.00 32.72 ? 17  LYS A CB  1 
ATOM   122 C CG  . LYS A 1 17  ? 11.093  -12.886 -5.552  1.00 36.23 ? 17  LYS A CG  1 
ATOM   123 C CD  . LYS A 1 17  ? 12.289  -12.853 -4.594  1.00 40.17 ? 17  LYS A CD  1 
ATOM   124 C CE  . LYS A 1 17  ? 11.905  -13.372 -3.177  1.00 40.22 ? 17  LYS A CE  1 
ATOM   125 N NZ  . LYS A 1 17  ? 11.894  -12.326 -2.148  1.00 40.89 ? 17  LYS A NZ  1 
ATOM   126 N N   . ARG A 1 18  ? 11.498  -8.455  -7.056  1.00 32.47 ? 18  ARG A N   1 
ATOM   127 C CA  . ARG A 1 18  ? 11.436  -7.400  -8.067  1.00 34.60 ? 18  ARG A CA  1 
ATOM   128 C C   . ARG A 1 18  ? 10.938  -8.029  -9.325  1.00 33.99 ? 18  ARG A C   1 
ATOM   129 O O   . ARG A 1 18  ? 11.235  -9.194  -9.565  1.00 33.37 ? 18  ARG A O   1 
ATOM   130 C CB  . ARG A 1 18  ? 12.770  -6.766  -8.370  1.00 37.36 ? 18  ARG A CB  1 
ATOM   131 C CG  . ARG A 1 18  ? 12.580  -5.262  -8.297  1.00 40.99 ? 18  ARG A CG  1 
ATOM   132 C CD  . ARG A 1 18  ? 13.791  -4.495  -8.822  1.00 45.52 ? 18  ARG A CD  1 
ATOM   133 N NE  . ARG A 1 18  ? 14.819  -4.327  -7.803  1.00 50.67 ? 18  ARG A NE  1 
ATOM   134 C CZ  . ARG A 1 18  ? 15.998  -5.003  -7.800  1.00 53.95 ? 18  ARG A CZ  1 
ATOM   135 N NH1 . ARG A 1 18  ? 16.325  -5.896  -8.733  1.00 56.58 ? 18  ARG A NH1 1 
ATOM   136 N NH2 . ARG A 1 18  ? 16.908  -4.816  -6.841  1.00 56.02 ? 18  ARG A NH2 1 
ATOM   137 N N   . GLY A 1 19  ? 10.044  -7.305  -10.019 1.00 34.41 ? 19  GLY A N   1 
ATOM   138 C CA  . GLY A 1 19  ? 9.414   -7.884  -11.190 1.00 34.35 ? 19  GLY A CA  1 
ATOM   139 C C   . GLY A 1 19  ? 8.391   -8.986  -10.894 1.00 35.03 ? 19  GLY A C   1 
ATOM   140 O O   . GLY A 1 19  ? 8.136   -9.786  -11.798 1.00 37.00 ? 19  GLY A O   1 
ATOM   141 N N   . GLN A 1 20  ? 7.821   -9.261  -9.713  1.00 32.77 ? 20  GLN A N   1 
ATOM   142 C CA  . GLN A 1 20  ? 6.607   -10.104 -9.694  1.00 31.91 ? 20  GLN A CA  1 
ATOM   143 C C   . GLN A 1 20  ? 5.400   -9.104  -9.657  1.00 29.78 ? 20  GLN A C   1 
ATOM   144 O O   . GLN A 1 20  ? 5.605   -7.897  -9.324  1.00 30.17 ? 20  GLN A O   1 
ATOM   145 C CB  . GLN A 1 20  ? 6.509   -10.972 -8.448  1.00 31.61 ? 20  GLN A CB  1 
ATOM   146 C CG  . GLN A 1 20  ? 7.740   -11.837 -8.335  1.00 36.19 ? 20  GLN A CG  1 
ATOM   147 C CD  . GLN A 1 20  ? 7.641   -12.844 -7.181  1.00 37.47 ? 20  GLN A CD  1 
ATOM   148 O OE1 . GLN A 1 20  ? 8.010   -12.480 -6.075  1.00 36.83 ? 20  GLN A OE1 1 
ATOM   149 N NE2 . GLN A 1 20  ? 7.148   -14.082 -7.307  1.00 37.45 ? 20  GLN A NE2 1 
ATOM   150 N N   . THR A 1 21  ? 4.207   -9.630  -10.017 1.00 26.34 ? 21  THR A N   1 
ATOM   151 C CA  . THR A 1 21  ? 2.945   -8.954  -9.886  1.00 23.75 ? 21  THR A CA  1 
ATOM   152 C C   . THR A 1 21  ? 2.381   -9.230  -8.477  1.00 22.36 ? 21  THR A C   1 
ATOM   153 O O   . THR A 1 21  ? 2.283   -10.393 -8.057  1.00 21.44 ? 21  THR A O   1 
ATOM   154 C CB  . THR A 1 21  ? 1.989   -9.477  -10.966 1.00 24.45 ? 21  THR A CB  1 
ATOM   155 O OG1 . THR A 1 21  ? 2.580   -9.099  -12.212 1.00 23.27 ? 21  THR A OG1 1 
ATOM   156 C CG2 . THR A 1 21  ? 0.564   -8.896  -10.850 1.00 24.55 ? 21  THR A CG2 1 
ATOM   157 N N   . CYS A 1 22  ? 2.048   -8.204  -7.683  1.00 19.71 ? 22  CYS A N   1 
ATOM   158 C CA  . CYS A 1 22  ? 1.429   -8.407  -6.382  1.00 16.76 ? 22  CYS A CA  1 
ATOM   159 C C   . CYS A 1 22  ? -0.042  -8.189  -6.549  1.00 15.79 ? 22  CYS A C   1 
ATOM   160 O O   . CYS A 1 22  ? -0.415  -7.288  -7.295  1.00 14.73 ? 22  CYS A O   1 
ATOM   161 C CB  . CYS A 1 22  ? 1.913   -7.441  -5.361  1.00 18.44 ? 22  CYS A CB  1 
ATOM   162 S SG  . CYS A 1 22  ? 3.692   -7.567  -5.219  1.00 24.31 ? 22  CYS A SG  1 
ATOM   163 N N   . VAL A 1 23  ? -0.919  -9.021  -5.965  1.00 14.55 ? 23  VAL A N   1 
ATOM   164 C CA  . VAL A 1 23  ? -2.352  -8.865  -6.064  1.00 14.29 ? 23  VAL A CA  1 
ATOM   165 C C   . VAL A 1 23  ? -2.679  -8.545  -4.622  1.00 12.97 ? 23  VAL A C   1 
ATOM   166 O O   . VAL A 1 23  ? -2.343  -9.273  -3.704  1.00 11.99 ? 23  VAL A O   1 
ATOM   167 C CB  . VAL A 1 23  ? -3.014  -10.174 -6.509  1.00 14.24 ? 23  VAL A CB  1 
ATOM   168 C CG1 . VAL A 1 23  ? -4.485  -9.960  -6.584  1.00 16.40 ? 23  VAL A CG1 1 
ATOM   169 C CG2 . VAL A 1 23  ? -2.486  -10.646 -7.828  1.00 13.84 ? 23  VAL A CG2 1 
ATOM   170 N N   . VAL A 1 24  ? -3.356  -7.426  -4.353  1.00 12.99 ? 24  VAL A N   1 
ATOM   171 C CA  . VAL A 1 24  ? -3.698  -7.018  -3.000  1.00 11.41 ? 24  VAL A CA  1 
ATOM   172 C C   . VAL A 1 24  ? -5.124  -6.513  -2.946  1.00 12.23 ? 24  VAL A C   1 
ATOM   173 O O   . VAL A 1 24  ? -5.751  -6.157  -3.967  1.00 13.98 ? 24  VAL A O   1 
ATOM   174 C CB  . VAL A 1 24  ? -2.773  -5.882  -2.527  1.00 11.15 ? 24  VAL A CB  1 
ATOM   175 C CG1 . VAL A 1 24  ? -1.343  -6.270  -2.689  1.00 9.99  ? 24  VAL A CG1 1 
ATOM   176 C CG2 . VAL A 1 24  ? -2.960  -4.624  -3.382  1.00 12.63 ? 24  VAL A CG2 1 
ATOM   177 N N   . HIS A 1 25  ? -5.598  -6.432  -1.717  1.00 12.68 ? 25  HIS A N   1 
ATOM   178 C CA  . HIS A 1 25  ? -6.754  -5.579  -1.402  1.00 14.25 ? 25  HIS A CA  1 
ATOM   179 C C   . HIS A 1 25  ? -6.236  -4.396  -0.572  1.00 13.36 ? 25  HIS A C   1 
ATOM   180 O O   . HIS A 1 25  ? -5.341  -4.574  0.248   1.00 12.14 ? 25  HIS A O   1 
ATOM   181 C CB  . HIS A 1 25  ? -7.823  -6.292  -0.594  1.00 15.92 ? 25  HIS A CB  1 
ATOM   182 C CG  . HIS A 1 25  ? -8.774  -6.915  -1.570  1.00 21.54 ? 25  HIS A CG  1 
ATOM   183 N ND1 . HIS A 1 25  ? -9.162  -8.195  -1.623  1.00 23.34 ? 25  HIS A ND1 1 
ATOM   184 C CD2 . HIS A 1 25  ? -9.364  -6.180  -2.595  1.00 23.28 ? 25  HIS A CD2 1 
ATOM   185 C CE1 . HIS A 1 25  ? -9.958  -8.246  -2.676  1.00 25.45 ? 25  HIS A CE1 1 
ATOM   186 N NE2 . HIS A 1 25  ? -10.093 -7.030  -3.253  1.00 28.36 ? 25  HIS A NE2 1 
ATOM   187 N N   . TYR A 1 26  ? -6.757  -3.174  -0.729  1.00 12.23 ? 26  TYR A N   1 
ATOM   188 C CA  . TYR A 1 26  ? -6.287  -2.100  0.138   1.00 12.12 ? 26  TYR A CA  1 
ATOM   189 C C   . TYR A 1 26  ? -7.442  -1.117  0.374   1.00 12.61 ? 26  TYR A C   1 
ATOM   190 O O   . TYR A 1 26  ? -8.415  -1.079  -0.413  1.00 12.21 ? 26  TYR A O   1 
ATOM   191 C CB  . TYR A 1 26  ? -5.123  -1.273  -0.461  1.00 12.04 ? 26  TYR A CB  1 
ATOM   192 C CG  . TYR A 1 26  ? -5.547  -0.450  -1.688  1.00 12.60 ? 26  TYR A CG  1 
ATOM   193 C CD1 . TYR A 1 26  ? -5.466  -1.006  -2.956  1.00 11.96 ? 26  TYR A CD1 1 
ATOM   194 C CD2 . TYR A 1 26  ? -6.005  0.868   -1.503  1.00 13.55 ? 26  TYR A CD2 1 
ATOM   195 C CE1 . TYR A 1 26  ? -5.836  -0.273  -4.068  1.00 12.27 ? 26  TYR A CE1 1 
ATOM   196 C CE2 . TYR A 1 26  ? -6.387  1.593   -2.600  1.00 12.99 ? 26  TYR A CE2 1 
ATOM   197 C CZ  . TYR A 1 26  ? -6.308  1.035   -3.837  1.00 14.17 ? 26  TYR A CZ  1 
ATOM   198 O OH  . TYR A 1 26  ? -6.695  1.835   -4.864  1.00 13.68 ? 26  TYR A OH  1 
ATOM   199 N N   . THR A 1 27  ? -7.309  -0.343  1.454   1.00 12.34 ? 27  THR A N   1 
ATOM   200 C CA  . THR A 1 27  ? -8.145  0.861   1.595   1.00 12.87 ? 27  THR A CA  1 
ATOM   201 C C   . THR A 1 27  ? -7.148  1.939   2.004   1.00 12.85 ? 27  THR A C   1 
ATOM   202 O O   . THR A 1 27  ? -6.209  1.760   2.770   1.00 12.22 ? 27  THR A O   1 
ATOM   203 C CB  . THR A 1 27  ? -9.299  0.727   2.658   1.00 14.63 ? 27  THR A CB  1 
ATOM   204 O OG1 . THR A 1 27  ? -8.765  0.744   3.909   1.00 23.01 ? 27  THR A OG1 1 
ATOM   205 C CG2 . THR A 1 27  ? -9.999  -0.590  2.620   1.00 12.04 ? 27  THR A CG2 1 
ATOM   206 N N   . GLY A 1 28  ? -7.226  3.069   1.367   1.00 11.83 ? 28  GLY A N   1 
ATOM   207 C CA  . GLY A 1 28  ? -6.401  4.179   1.758   1.00 11.84 ? 28  GLY A CA  1 
ATOM   208 C C   . GLY A 1 28  ? -7.187  5.197   2.597   1.00 11.43 ? 28  GLY A C   1 
ATOM   209 O O   . GLY A 1 28  ? -8.345  5.509   2.325   1.00 11.10 ? 28  GLY A O   1 
ATOM   210 N N   . MET A 1 29  ? -6.564  5.712   3.600   1.00 10.03 ? 29  MET A N   1 
ATOM   211 C CA  . MET A 1 29  ? -7.150  6.602   4.565   1.00 11.31 ? 29  MET A CA  1 
ATOM   212 C C   . MET A 1 29  ? -6.136  7.690   4.847   1.00 11.67 ? 29  MET A C   1 
ATOM   213 O O   . MET A 1 29  ? -4.904  7.526   4.680   1.00 11.44 ? 29  MET A O   1 
ATOM   214 C CB  . MET A 1 29  ? -7.434  5.876   5.863   1.00 12.33 ? 29  MET A CB  1 
ATOM   215 C CG  . MET A 1 29  ? -8.514  4.883   5.772   1.00 17.82 ? 29  MET A CG  1 
ATOM   216 S SD  . MET A 1 29  ? -8.121  3.787   7.170   1.00 24.84 ? 29  MET A SD  1 
ATOM   217 C CE  . MET A 1 29  ? -7.168  2.481   6.382   1.00 19.91 ? 29  MET A CE  1 
ATOM   218 N N   . LEU A 1 30  ? -6.723  8.837   5.259   1.00 11.80 ? 30  LEU A N   1 
ATOM   219 C CA  . LEU A 1 30  ? -5.955  9.899   5.813   1.00 13.46 ? 30  LEU A CA  1 
ATOM   220 C C   . LEU A 1 30  ? -5.678  9.595   7.263   1.00 13.50 ? 30  LEU A C   1 
ATOM   221 O O   . LEU A 1 30  ? -6.262  8.704   7.878   1.00 13.46 ? 30  LEU A O   1 
ATOM   222 C CB  . LEU A 1 30  ? -6.740  11.241  5.628   1.00 16.36 ? 30  LEU A CB  1 
ATOM   223 C CG  . LEU A 1 30  ? -6.797  12.041  4.268   1.00 20.14 ? 30  LEU A CG  1 
ATOM   224 C CD1 . LEU A 1 30  ? -5.672  11.588  3.353   1.00 23.10 ? 30  LEU A CD1 1 
ATOM   225 C CD2 . LEU A 1 30  ? -8.097  11.872  3.573   1.00 22.77 ? 30  LEU A CD2 1 
ATOM   226 N N   . GLU A 1 31  ? -4.808  10.300  7.961   1.00 14.71 ? 31  GLU A N   1 
ATOM   227 C CA  . GLU A 1 31  ? -4.380  9.902   9.279   1.00 16.99 ? 31  GLU A CA  1 
ATOM   228 C C   . GLU A 1 31  ? -5.458  9.997   10.322  1.00 17.32 ? 31  GLU A C   1 
ATOM   229 O O   . GLU A 1 31  ? -5.381  9.457   11.432  1.00 18.58 ? 31  GLU A O   1 
ATOM   230 C CB  . GLU A 1 31  ? -3.147  10.772  9.507   1.00 21.58 ? 31  GLU A CB  1 
ATOM   231 C CG  . GLU A 1 31  ? -2.400  10.490  10.766  1.00 25.10 ? 31  GLU A CG  1 
ATOM   232 C CD  . GLU A 1 31  ? -1.698  9.128   10.833  1.00 27.70 ? 31  GLU A CD  1 
ATOM   233 O OE1 . GLU A 1 31  ? -1.010  8.726   9.881   1.00 30.35 ? 31  GLU A OE1 1 
ATOM   234 O OE2 . GLU A 1 31  ? -1.790  8.507   11.906  1.00 31.96 ? 31  GLU A OE2 1 
ATOM   235 N N   . ASP A 1 32  ? -6.554  10.692  10.034  1.00 17.86 ? 32  ASP A N   1 
ATOM   236 C CA  . ASP A 1 32  ? -7.683  10.650  10.962  1.00 18.71 ? 32  ASP A CA  1 
ATOM   237 C C   . ASP A 1 32  ? -8.688  9.516   10.653  1.00 17.90 ? 32  ASP A C   1 
ATOM   238 O O   . ASP A 1 32  ? -9.800  9.549   11.164  1.00 18.68 ? 32  ASP A O   1 
ATOM   239 C CB  . ASP A 1 32  ? -8.394  12.017  10.962  1.00 18.57 ? 32  ASP A CB  1 
ATOM   240 C CG  . ASP A 1 32  ? -8.878  12.493  9.617   1.00 22.18 ? 32  ASP A CG  1 
ATOM   241 O OD1 . ASP A 1 32  ? -8.677  11.817  8.614   1.00 20.02 ? 32  ASP A OD1 1 
ATOM   242 O OD2 . ASP A 1 32  ? -9.463  13.589  9.575   1.00 26.03 ? 32  ASP A OD2 1 
ATOM   243 N N   . GLY A 1 33  ? -8.433  8.597   9.723   1.00 15.04 ? 33  GLY A N   1 
ATOM   244 C CA  . GLY A 1 33  ? -9.325  7.492   9.476   1.00 14.47 ? 33  GLY A CA  1 
ATOM   245 C C   . GLY A 1 33  ? -10.166 7.782   8.259   1.00 14.79 ? 33  GLY A C   1 
ATOM   246 O O   . GLY A 1 33  ? -10.895 6.935   7.746   1.00 14.90 ? 33  GLY A O   1 
ATOM   247 N N   . LYS A 1 34  ? -10.143 9.030   7.724   1.00 16.79 ? 34  LYS A N   1 
ATOM   248 C CA  . LYS A 1 34  ? -11.004 9.382   6.582   1.00 17.16 ? 34  LYS A CA  1 
ATOM   249 C C   . LYS A 1 34  ? -10.610 8.556   5.357   1.00 15.59 ? 34  LYS A C   1 
ATOM   250 O O   . LYS A 1 34  ? -9.481  8.714   4.902   1.00 15.93 ? 34  LYS A O   1 
ATOM   251 C CB  . LYS A 1 34  ? -10.876 10.855  6.296   0.34 15.28 ? 34  LYS A CB  1 
ATOM   252 C CG  . LYS A 1 34  ? -11.785 11.281  5.174   0.34 17.05 ? 34  LYS A CG  1 
ATOM   253 C CD  . LYS A 1 34  ? -11.815 12.787  4.923   0.34 17.22 ? 34  LYS A CD  1 
ATOM   254 C CE  . LYS A 1 34  ? -12.657 13.522  5.951   0.34 18.11 ? 34  LYS A CE  1 
ATOM   255 N NZ  . LYS A 1 34  ? -12.029 13.552  7.255   0.34 18.78 ? 34  LYS A NZ  1 
ATOM   256 N N   . LYS A 1 35  ? -11.489 7.677   4.843   1.00 16.38 ? 35  LYS A N   1 
ATOM   257 C CA  . LYS A 1 35  ? -11.173 6.868   3.681   1.00 17.06 ? 35  LYS A CA  1 
ATOM   258 C C   . LYS A 1 35  ? -11.147 7.672   2.427   1.00 16.88 ? 35  LYS A C   1 
ATOM   259 O O   . LYS A 1 35  ? -12.036 8.501   2.309   1.00 20.83 ? 35  LYS A O   1 
ATOM   260 C CB  . LYS A 1 35  ? -12.176 5.707   3.459   0.37 16.14 ? 35  LYS A CB  1 
ATOM   261 C CG  . LYS A 1 35  ? -11.944 4.408   4.242   0.37 16.39 ? 35  LYS A CG  1 
ATOM   262 C CD  . LYS A 1 35  ? -12.736 4.393   5.558   0.37 19.19 ? 35  LYS A CD  1 
ATOM   263 C CE  . LYS A 1 35  ? -12.719 3.088   6.389   0.37 19.51 ? 35  LYS A CE  1 
ATOM   264 N NZ  . LYS A 1 35  ? -13.457 3.198   7.653   0.37 19.50 ? 35  LYS A NZ  1 
ATOM   265 N N   . PHE A 1 36  ? -10.179 7.571   1.565   1.00 14.96 ? 36  PHE A N   1 
ATOM   266 C CA  . PHE A 1 36  ? -10.285 8.162   0.264   1.00 14.62 ? 36  PHE A CA  1 
ATOM   267 C C   . PHE A 1 36  ? -10.412 7.157   -0.871  1.00 17.47 ? 36  PHE A C   1 
ATOM   268 O O   . PHE A 1 36  ? -10.717 7.527   -2.008  1.00 17.25 ? 36  PHE A O   1 
ATOM   269 C CB  . PHE A 1 36  ? -9.074  9.048   0.020   1.00 16.08 ? 36  PHE A CB  1 
ATOM   270 C CG  . PHE A 1 36  ? -7.679  8.475   0.144   1.00 14.10 ? 36  PHE A CG  1 
ATOM   271 C CD1 . PHE A 1 36  ? -7.153  7.705   -0.895  1.00 15.87 ? 36  PHE A CD1 1 
ATOM   272 C CD2 . PHE A 1 36  ? -6.962  8.678   1.321   1.00 15.35 ? 36  PHE A CD2 1 
ATOM   273 C CE1 . PHE A 1 36  ? -5.893  7.140   -0.706  1.00 15.10 ? 36  PHE A CE1 1 
ATOM   274 C CE2 . PHE A 1 36  ? -5.694  8.120   1.495   1.00 15.86 ? 36  PHE A CE2 1 
ATOM   275 C CZ  . PHE A 1 36  ? -5.156  7.350   0.466   1.00 16.77 ? 36  PHE A CZ  1 
ATOM   276 N N   . ASP A 1 37  ? -10.078 5.839   -0.646  1.00 17.18 ? 37  ASP A N   1 
ATOM   277 C CA  . ASP A 1 37  ? -10.140 4.868   -1.719  1.00 18.06 ? 37  ASP A CA  1 
ATOM   278 C C   . ASP A 1 37  ? -10.246 3.468   -1.106  1.00 21.87 ? 37  ASP A C   1 
ATOM   279 O O   . ASP A 1 37  ? -9.766  3.261   -0.006  1.00 19.66 ? 37  ASP A O   1 
ATOM   280 C CB  . ASP A 1 37  ? -8.858  4.923   -2.563  1.00 18.02 ? 37  ASP A CB  1 
ATOM   281 C CG  . ASP A 1 37  ? -8.917  4.116   -3.793  1.00 18.85 ? 37  ASP A CG  1 
ATOM   282 O OD1 . ASP A 1 37  ? -9.882  3.525   -4.184  1.00 23.26 ? 37  ASP A OD1 1 
ATOM   283 O OD2 . ASP A 1 37  ? -7.993  4.059   -4.541  1.00 17.75 ? 37  ASP A OD2 1 
ATOM   284 N N   . SER A 1 38  ? -10.716 2.451   -1.832  1.00 27.49 ? 38  SER A N   1 
ATOM   285 C CA  . SER A 1 38  ? -10.880 1.048   -1.448  1.00 32.45 ? 38  SER A CA  1 
ATOM   286 C C   . SER A 1 38  ? -11.140 0.205   -2.700  1.00 35.05 ? 38  SER A C   1 
ATOM   287 O O   . SER A 1 38  ? -12.189 0.342   -3.366  1.00 34.79 ? 38  SER A O   1 
ATOM   288 C CB  . SER A 1 38  ? -12.090 0.886   -0.539  1.00 34.32 ? 38  SER A CB  1 
ATOM   289 O OG  . SER A 1 38  ? -12.064 -0.411  0.023   1.00 36.05 ? 38  SER A OG  1 
ATOM   290 N N   . SER A 1 39  ? -10.219 -0.742  -2.917  1.00 37.33 ? 39  SER A N   1 
ATOM   291 C CA  . SER A 1 39  ? -10.287 -1.677  -4.024  1.00 38.93 ? 39  SER A CA  1 
ATOM   292 C C   . SER A 1 39  ? -11.529 -2.503  -3.834  1.00 42.58 ? 39  SER A C   1 
ATOM   293 O O   . SER A 1 39  ? -12.306 -2.688  -4.771  1.00 42.63 ? 39  SER A O   1 
ATOM   294 C CB  . SER A 1 39  ? -9.072  -2.577  -4.033  1.00 37.39 ? 39  SER A CB  1 
ATOM   295 O OG  . SER A 1 39  ? -8.884  -3.355  -2.815  1.00 35.35 ? 39  SER A OG  1 
ATOM   296 N N   . ARG A 1 40  ? -11.770 -2.950  -2.590  1.00 47.01 ? 40  ARG A N   1 
ATOM   297 C CA  . ARG A 1 40  ? -12.976 -3.741  -2.266  1.00 51.78 ? 40  ARG A CA  1 
ATOM   298 C C   . ARG A 1 40  ? -14.331 -3.176  -2.777  1.00 53.79 ? 40  ARG A C   1 
ATOM   299 O O   . ARG A 1 40  ? -15.212 -3.862  -3.316  1.00 54.43 ? 40  ARG A O   1 
ATOM   300 C CB  . ARG A 1 40  ? -13.039 -3.949  -0.723  1.00 52.72 ? 40  ARG A CB  1 
ATOM   301 C CG  . ARG A 1 40  ? -12.624 -5.370  -0.279  1.00 55.15 ? 40  ARG A CG  1 
ATOM   302 C CD  . ARG A 1 40  ? -11.328 -5.246  0.439   1.00 56.33 ? 40  ARG A CD  1 
ATOM   303 N NE  . ARG A 1 40  ? -10.855 -6.508  0.953   1.00 59.05 ? 40  ARG A NE  1 
ATOM   304 C CZ  . ARG A 1 40  ? -9.995  -6.542  2.005   1.00 61.13 ? 40  ARG A CZ  1 
ATOM   305 N NH1 . ARG A 1 40  ? -9.575  -5.450  2.649   1.00 62.13 ? 40  ARG A NH1 1 
ATOM   306 N NH2 . ARG A 1 40  ? -9.524  -7.691  2.477   1.00 63.02 ? 40  ARG A NH2 1 
ATOM   307 N N   . ASP A 1 41  ? -14.470 -1.857  -2.763  1.00 55.43 ? 41  ASP A N   1 
ATOM   308 C CA  . ASP A 1 41  ? -15.708 -1.250  -3.177  1.00 56.45 ? 41  ASP A CA  1 
ATOM   309 C C   . ASP A 1 41  ? -15.835 -1.090  -4.697  1.00 55.69 ? 41  ASP A C   1 
ATOM   310 O O   . ASP A 1 41  ? -16.703 -0.441  -5.279  1.00 56.39 ? 41  ASP A O   1 
ATOM   311 C CB  . ASP A 1 41  ? -15.742 0.048   -2.366  1.00 60.08 ? 41  ASP A CB  1 
ATOM   312 C CG  . ASP A 1 41  ? -15.979 -0.120  -0.840  1.00 62.52 ? 41  ASP A CG  1 
ATOM   313 O OD1 . ASP A 1 41  ? -15.490 -1.097  -0.219  1.00 62.29 ? 41  ASP A OD1 1 
ATOM   314 O OD2 . ASP A 1 41  ? -16.672 0.768   -0.300  1.00 63.31 ? 41  ASP A OD2 1 
ATOM   315 N N   . LYS A 1 42  ? -14.908 -1.642  -5.427  1.00 54.34 ? 42  LYS A N   1 
ATOM   316 C CA  . LYS A 1 42  ? -15.001 -1.715  -6.866  1.00 53.10 ? 42  LYS A CA  1 
ATOM   317 C C   . LYS A 1 42  ? -14.851 -3.232  -7.082  1.00 52.67 ? 42  LYS A C   1 
ATOM   318 O O   . LYS A 1 42  ? -14.495 -3.718  -8.159  1.00 51.84 ? 42  LYS A O   1 
ATOM   319 C CB  . LYS A 1 42  ? -13.830 -0.912  -7.495  1.00 54.01 ? 42  LYS A CB  1 
ATOM   320 C CG  . LYS A 1 42  ? -13.337 0.377   -6.768  1.00 54.66 ? 42  LYS A CG  1 
ATOM   321 C CD  . LYS A 1 42  ? -12.100 0.995   -7.478  1.00 54.55 ? 42  LYS A CD  1 
ATOM   322 C CE  . LYS A 1 42  ? -11.276 1.944   -6.577  1.00 54.77 ? 42  LYS A CE  1 
ATOM   323 N NZ  . LYS A 1 42  ? -10.057 2.482   -7.198  1.00 55.13 ? 42  LYS A NZ  1 
ATOM   324 N N   . ASN A 1 43  ? -15.099 -4.034  -6.021  1.00 51.68 ? 43  ASN A N   1 
ATOM   325 C CA  . ASN A 1 43  ? -14.950 -5.479  -5.940  1.00 51.24 ? 43  ASN A CA  1 
ATOM   326 C C   . ASN A 1 43  ? -13.531 -6.064  -6.101  1.00 49.57 ? 43  ASN A C   1 
ATOM   327 O O   . ASN A 1 43  ? -12.981 -6.661  -5.144  1.00 49.25 ? 43  ASN A O   1 
ATOM   328 C CB  . ASN A 1 43  ? -15.946 -6.103  -6.956  1.00 53.77 ? 43  ASN A CB  1 
ATOM   329 C CG  . ASN A 1 43  ? -17.412 -5.661  -6.716  1.00 55.21 ? 43  ASN A CG  1 
ATOM   330 O OD1 . ASN A 1 43  ? -17.926 -5.648  -5.580  1.00 55.04 ? 43  ASN A OD1 1 
ATOM   331 N ND2 . ASN A 1 43  ? -18.113 -5.282  -7.786  1.00 54.91 ? 43  ASN A ND2 1 
ATOM   332 N N   . LYS A 1 44  ? -12.960 -5.853  -7.301  1.00 46.24 ? 44  LYS A N   1 
ATOM   333 C CA  . LYS A 1 44  ? -11.636 -6.249  -7.747  1.00 42.63 ? 44  LYS A CA  1 
ATOM   334 C C   . LYS A 1 44  ? -10.502 -6.181  -6.699  1.00 39.19 ? 44  LYS A C   1 
ATOM   335 O O   . LYS A 1 44  ? -10.597 -5.516  -5.644  1.00 39.52 ? 44  LYS A O   1 
ATOM   336 C CB  . LYS A 1 44  ? -11.316 -5.359  -8.961  1.00 44.18 ? 44  LYS A CB  1 
ATOM   337 C CG  . LYS A 1 44  ? -11.068 -5.998  -10.360 1.00 45.56 ? 44  LYS A CG  1 
ATOM   338 C CD  . LYS A 1 44  ? -12.041 -5.518  -11.479 1.00 45.93 ? 44  LYS A CD  1 
ATOM   339 C CE  . LYS A 1 44  ? -11.747 -5.990  -12.923 1.00 45.87 ? 44  LYS A CE  1 
ATOM   340 N NZ  . LYS A 1 44  ? -10.571 -5.306  -13.464 1.00 45.46 ? 44  LYS A NZ  1 
ATOM   341 N N   . PRO A 1 45  ? -9.414  -6.980  -6.877  1.00 35.57 ? 45  PRO A N   1 
ATOM   342 C CA  . PRO A 1 45  ? -8.085  -6.699  -6.302  1.00 30.46 ? 45  PRO A CA  1 
ATOM   343 C C   . PRO A 1 45  ? -7.295  -5.779  -7.202  1.00 27.33 ? 45  PRO A C   1 
ATOM   344 O O   . PRO A 1 45  ? -7.450  -5.785  -8.432  1.00 27.32 ? 45  PRO A O   1 
ATOM   345 C CB  . PRO A 1 45  ? -7.429  -8.030  -6.160  1.00 30.30 ? 45  PRO A CB  1 
ATOM   346 C CG  . PRO A 1 45  ? -7.938  -8.691  -7.420  1.00 32.48 ? 45  PRO A CG  1 
ATOM   347 C CD  . PRO A 1 45  ? -9.409  -8.326  -7.476  1.00 34.00 ? 45  PRO A CD  1 
ATOM   348 N N   . PHE A 1 46  ? -6.390  -5.038  -6.578  1.00 21.56 ? 46  PHE A N   1 
ATOM   349 C CA  . PHE A 1 46  ? -5.477  -4.204  -7.304  1.00 17.55 ? 46  PHE A CA  1 
ATOM   350 C C   . PHE A 1 46  ? -4.211  -5.051  -7.544  1.00 16.16 ? 46  PHE A C   1 
ATOM   351 O O   . PHE A 1 46  ? -3.695  -5.727  -6.651  1.00 15.09 ? 46  PHE A O   1 
ATOM   352 C CB  . PHE A 1 46  ? -5.221  -2.995  -6.409  1.00 15.51 ? 46  PHE A CB  1 
ATOM   353 C CG  . PHE A 1 46  ? -4.127  -2.101  -6.898  1.00 13.46 ? 46  PHE A CG  1 
ATOM   354 C CD1 . PHE A 1 46  ? -4.333  -1.386  -8.063  1.00 14.35 ? 46  PHE A CD1 1 
ATOM   355 C CD2 . PHE A 1 46  ? -2.947  -2.020  -6.183  1.00 14.05 ? 46  PHE A CD2 1 
ATOM   356 C CE1 . PHE A 1 46  ? -3.326  -0.579  -8.510  1.00 13.64 ? 46  PHE A CE1 1 
ATOM   357 C CE2 . PHE A 1 46  ? -1.949  -1.207  -6.648  1.00 14.93 ? 46  PHE A CE2 1 
ATOM   358 C CZ  . PHE A 1 46  ? -2.140  -0.486  -7.805  1.00 15.17 ? 46  PHE A CZ  1 
ATOM   359 N N   . LYS A 1 47  ? -3.638  -4.927  -8.701  1.00 14.69 ? 47  LYS A N   1 
ATOM   360 C CA  . LYS A 1 47  ? -2.438  -5.605  -9.072  1.00 16.82 ? 47  LYS A CA  1 
ATOM   361 C C   . LYS A 1 47  ? -1.389  -4.609  -9.488  1.00 15.97 ? 47  LYS A C   1 
ATOM   362 O O   . LYS A 1 47  ? -1.703  -3.680  -10.228 1.00 16.11 ? 47  LYS A O   1 
ATOM   363 C CB  . LYS A 1 47  ? -2.606  -6.503  -10.266 1.00 19.92 ? 47  LYS A CB  1 
ATOM   364 C CG  . LYS A 1 47  ? -3.619  -7.565  -10.016 1.00 23.95 ? 47  LYS A CG  1 
ATOM   365 C CD  . LYS A 1 47  ? -3.236  -8.655  -11.012 1.00 28.05 ? 47  LYS A CD  1 
ATOM   366 C CE  . LYS A 1 47  ? -4.474  -9.416  -11.459 1.00 33.37 ? 47  LYS A CE  1 
ATOM   367 N NZ  . LYS A 1 47  ? -5.511  -9.479  -10.423 1.00 37.29 ? 47  LYS A NZ  1 
ATOM   368 N N   . PHE A 1 48  ? -0.156  -4.768  -9.072  1.00 14.81 ? 48  PHE A N   1 
ATOM   369 C CA  . PHE A 1 48  ? 0.899   -3.951  -9.531  1.00 15.52 ? 48  PHE A CA  1 
ATOM   370 C C   . PHE A 1 48  ? 2.195   -4.730  -9.527  1.00 17.70 ? 48  PHE A C   1 
ATOM   371 O O   . PHE A 1 48  ? 2.335   -5.807  -8.941  1.00 18.91 ? 48  PHE A O   1 
ATOM   372 C CB  . PHE A 1 48  ? 0.970   -2.771  -8.641  1.00 15.78 ? 48  PHE A CB  1 
ATOM   373 C CG  . PHE A 1 48  ? 1.451   -3.131  -7.262  1.00 13.31 ? 48  PHE A CG  1 
ATOM   374 C CD1 . PHE A 1 48  ? 0.581   -3.696  -6.347  1.00 13.20 ? 48  PHE A CD1 1 
ATOM   375 C CD2 . PHE A 1 48  ? 2.777   -2.873  -7.022  1.00 13.09 ? 48  PHE A CD2 1 
ATOM   376 C CE1 . PHE A 1 48  ? 1.096   -4.016  -5.130  1.00 15.54 ? 48  PHE A CE1 1 
ATOM   377 C CE2 . PHE A 1 48  ? 3.285   -3.198  -5.783  1.00 16.12 ? 48  PHE A CE2 1 
ATOM   378 C CZ  . PHE A 1 48  ? 2.450   -3.787  -4.843  1.00 14.82 ? 48  PHE A CZ  1 
ATOM   379 N N   . MET A 1 49  ? 3.206   -4.161  -10.123 1.00 18.69 ? 49  MET A N   1 
ATOM   380 C CA  . MET A 1 49  ? 4.480   -4.784  -10.147 1.00 21.93 ? 49  MET A CA  1 
ATOM   381 C C   . MET A 1 49  ? 5.488   -3.949  -9.428  1.00 23.64 ? 49  MET A C   1 
ATOM   382 O O   . MET A 1 49  ? 5.429   -2.675  -9.433  1.00 24.34 ? 49  MET A O   1 
ATOM   383 C CB  . MET A 1 49  ? 4.945   -4.997  -11.580 1.00 24.25 ? 49  MET A CB  1 
ATOM   384 C CG  . MET A 1 49  ? 4.014   -5.827  -12.419 1.00 29.04 ? 49  MET A CG  1 
ATOM   385 S SD  . MET A 1 49  ? 4.911   -5.982  -13.972 1.00 37.06 ? 49  MET A SD  1 
ATOM   386 C CE  . MET A 1 49  ? 6.200   -7.130  -13.503 1.00 33.26 ? 49  MET A CE  1 
ATOM   387 N N   . LEU A 1 50  ? 6.363   -4.673  -8.723  1.00 23.62 ? 50  LEU A N   1 
ATOM   388 C CA  . LEU A 1 50  ? 7.451   -4.021  -8.043  1.00 24.01 ? 50  LEU A CA  1 
ATOM   389 C C   . LEU A 1 50  ? 8.611   -3.659  -8.952  1.00 24.25 ? 50  LEU A C   1 
ATOM   390 O O   . LEU A 1 50  ? 8.876   -4.363  -9.933  1.00 24.45 ? 50  LEU A O   1 
ATOM   391 C CB  . LEU A 1 50  ? 8.020   -4.903  -6.928  1.00 27.16 ? 50  LEU A CB  1 
ATOM   392 C CG  . LEU A 1 50  ? 7.599   -4.708  -5.532  1.00 29.74 ? 50  LEU A CG  1 
ATOM   393 C CD1 . LEU A 1 50  ? 6.215   -5.283  -5.303  1.00 32.79 ? 50  LEU A CD1 1 
ATOM   394 C CD2 . LEU A 1 50  ? 8.630   -5.418  -4.662  1.00 32.21 ? 50  LEU A CD2 1 
ATOM   395 N N   . GLY A 1 51  ? 9.248   -2.523  -8.624  1.00 23.31 ? 51  GLY A N   1 
ATOM   396 C CA  . GLY A 1 51  ? 10.423  -2.049  -9.292  1.00 24.92 ? 51  GLY A CA  1 
ATOM   397 C C   . GLY A 1 51  ? 10.201  -1.423  -10.648 1.00 26.73 ? 51  GLY A C   1 
ATOM   398 O O   . GLY A 1 51  ? 11.095  -1.463  -11.498 1.00 27.87 ? 51  GLY A O   1 
ATOM   399 N N   . LYS A 1 52  ? 9.053   -0.816  -10.922 1.00 26.77 ? 52  LYS A N   1 
ATOM   400 C CA  . LYS A 1 52  ? 8.826   -0.156  -12.200 1.00 27.15 ? 52  LYS A CA  1 
ATOM   401 C C   . LYS A 1 52  ? 8.394   1.324   -12.060 1.00 25.64 ? 52  LYS A C   1 
ATOM   402 O O   . LYS A 1 52  ? 7.863   1.953   -12.980 1.00 25.66 ? 52  LYS A O   1 
ATOM   403 C CB  . LYS A 1 52  ? 7.796   -1.006  -12.901 1.00 29.86 ? 52  LYS A CB  1 
ATOM   404 C CG  . LYS A 1 52  ? 8.592   -2.188  -13.454 1.00 36.43 ? 52  LYS A CG  1 
ATOM   405 C CD  . LYS A 1 52  ? 7.775   -3.402  -13.918 1.00 40.29 ? 52  LYS A CD  1 
ATOM   406 C CE  . LYS A 1 52  ? 8.628   -4.693  -13.846 1.00 43.13 ? 52  LYS A CE  1 
ATOM   407 N NZ  . LYS A 1 52  ? 9.047   -5.084  -12.486 1.00 45.64 ? 52  LYS A NZ  1 
ATOM   408 N N   . GLN A 1 53  ? 8.596   1.938   -10.900 1.00 22.95 ? 53  GLN A N   1 
ATOM   409 C CA  . GLN A 1 53  ? 8.222   3.307   -10.593 1.00 22.13 ? 53  GLN A CA  1 
ATOM   410 C C   . GLN A 1 53  ? 6.735   3.495   -10.890 1.00 21.63 ? 53  GLN A C   1 
ATOM   411 O O   . GLN A 1 53  ? 6.297   4.624   -11.185 1.00 23.78 ? 53  GLN A O   1 
ATOM   412 C CB  . GLN A 1 53  ? 8.968   4.325   -11.415 1.00 20.61 ? 53  GLN A CB  1 
ATOM   413 C CG  . GLN A 1 53  ? 10.393  4.449   -10.958 1.00 19.72 ? 53  GLN A CG  1 
ATOM   414 C CD  . GLN A 1 53  ? 11.096  5.562   -11.697 1.00 22.81 ? 53  GLN A CD  1 
ATOM   415 O OE1 . GLN A 1 53  ? 11.184  6.742   -11.280 1.00 21.18 ? 53  GLN A OE1 1 
ATOM   416 N NE2 . GLN A 1 53  ? 11.558  5.156   -12.922 1.00 19.95 ? 53  GLN A NE2 1 
ATOM   417 N N   . GLU A 1 54  ? 5.936   2.414   -10.779 1.00 20.35 ? 54  GLU A N   1 
ATOM   418 C CA  . GLU A 1 54  ? 4.554   2.559   -11.117 1.00 19.86 ? 54  GLU A CA  1 
ATOM   419 C C   . GLU A 1 54  ? 3.631   2.859   -9.908  1.00 17.54 ? 54  GLU A C   1 
ATOM   420 O O   . GLU A 1 54  ? 2.523   3.334   -10.084 1.00 17.28 ? 54  GLU A O   1 
ATOM   421 C CB  . GLU A 1 54  ? 4.272   1.289   -11.916 1.00 22.06 ? 54  GLU A CB  1 
ATOM   422 C CG  . GLU A 1 54  ? 3.612   0.136   -11.222 1.00 28.55 ? 54  GLU A CG  1 
ATOM   423 C CD  . GLU A 1 54  ? 3.271   -1.052  -12.123 1.00 33.18 ? 54  GLU A CD  1 
ATOM   424 O OE1 . GLU A 1 54  ? 3.942   -1.305  -13.119 1.00 38.19 ? 54  GLU A OE1 1 
ATOM   425 O OE2 . GLU A 1 54  ? 2.327   -1.765  -11.825 1.00 33.45 ? 54  GLU A OE2 1 
ATOM   426 N N   . VAL A 1 55  ? 3.988   2.643   -8.653  1.00 13.99 ? 55  VAL A N   1 
ATOM   427 C CA  . VAL A 1 55  ? 3.158   3.016   -7.517  1.00 11.53 ? 55  VAL A CA  1 
ATOM   428 C C   . VAL A 1 55  ? 4.056   3.921   -6.678  1.00 11.57 ? 55  VAL A C   1 
ATOM   429 O O   . VAL A 1 55  ? 5.285   3.943   -6.824  1.00 12.47 ? 55  VAL A O   1 
ATOM   430 C CB  . VAL A 1 55  ? 2.782   1.788   -6.711  1.00 12.62 ? 55  VAL A CB  1 
ATOM   431 C CG1 . VAL A 1 55  ? 1.811   0.999   -7.554  1.00 15.88 ? 55  VAL A CG1 1 
ATOM   432 C CG2 . VAL A 1 55  ? 4.016   0.886   -6.398  1.00 11.90 ? 55  VAL A CG2 1 
ATOM   433 N N   . ILE A 1 56  ? 3.552   4.659   -5.727  1.00 10.81 ? 56  ILE A N   1 
ATOM   434 C CA  . ILE A 1 56  ? 4.352   5.540   -4.868  1.00 9.88  ? 56  ILE A CA  1 
ATOM   435 C C   . ILE A 1 56  ? 5.314   4.641   -4.122  1.00 10.45 ? 56  ILE A C   1 
ATOM   436 O O   . ILE A 1 56  ? 5.003   3.528   -3.701  1.00 9.16  ? 56  ILE A O   1 
ATOM   437 C CB  . ILE A 1 56  ? 3.431   6.366   -3.862  1.00 9.22  ? 56  ILE A CB  1 
ATOM   438 C CG1 . ILE A 1 56  ? 2.385   5.516   -3.101  1.00 9.98  ? 56  ILE A CG1 1 
ATOM   439 C CG2 . ILE A 1 56  ? 2.638   7.337   -4.739  1.00 10.79 ? 56  ILE A CG2 1 
ATOM   440 C CD1 . ILE A 1 56  ? 1.530   6.101   -1.969  1.00 11.69 ? 56  ILE A CD1 1 
ATOM   441 N N   . ARG A 1 57  ? 6.513   5.169   -3.920  1.00 10.04 ? 57  ARG A N   1 
ATOM   442 C CA  . ARG A 1 57  ? 7.639   4.388   -3.359  1.00 11.43 ? 57  ARG A CA  1 
ATOM   443 C C   . ARG A 1 57  ? 7.268   3.823   -2.007  1.00 10.60 ? 57  ARG A C   1 
ATOM   444 O O   . ARG A 1 57  ? 7.697   2.741   -1.616  1.00 9.72  ? 57  ARG A O   1 
ATOM   445 C CB  . ARG A 1 57  ? 8.894   5.294   -3.186  1.00 13.76 ? 57  ARG A CB  1 
ATOM   446 C CG  . ARG A 1 57  ? 10.103  4.435   -2.817  1.00 17.25 ? 57  ARG A CG  1 
ATOM   447 C CD  . ARG A 1 57  ? 10.539  3.652   -4.036  1.00 22.21 ? 57  ARG A CD  1 
ATOM   448 N NE  . ARG A 1 57  ? 11.709  2.910   -3.576  1.00 30.57 ? 57  ARG A NE  1 
ATOM   449 C CZ  . ARG A 1 57  ? 11.873  1.554   -3.488  1.00 33.09 ? 57  ARG A CZ  1 
ATOM   450 N NH1 . ARG A 1 57  ? 11.005  0.598   -3.825  1.00 33.72 ? 57  ARG A NH1 1 
ATOM   451 N NH2 . ARG A 1 57  ? 12.946  1.139   -2.828  1.00 36.58 ? 57  ARG A NH2 1 
ATOM   452 N N   . GLY A 1 58  ? 6.472   4.555   -1.216  1.00 8.41  ? 58  GLY A N   1 
ATOM   453 C CA  . GLY A 1 58  ? 6.172   4.084   0.129   1.00 10.80 ? 58  GLY A CA  1 
ATOM   454 C C   . GLY A 1 58  ? 5.376   2.793   0.043   1.00 11.73 ? 58  GLY A C   1 
ATOM   455 O O   . GLY A 1 58  ? 5.573   1.922   0.878   1.00 12.52 ? 58  GLY A O   1 
ATOM   456 N N   . TRP A 1 59  ? 4.496   2.653   -0.928  1.00 12.55 ? 59  TRP A N   1 
ATOM   457 C CA  . TRP A 1 59  ? 3.740   1.444   -1.153  1.00 14.81 ? 59  TRP A CA  1 
ATOM   458 C C   . TRP A 1 59  ? 4.653   0.330   -1.472  1.00 15.52 ? 59  TRP A C   1 
ATOM   459 O O   . TRP A 1 59  ? 4.564   -0.720  -0.825  1.00 17.77 ? 59  TRP A O   1 
ATOM   460 C CB  . TRP A 1 59  ? 2.841   1.432   -2.342  1.00 16.63 ? 59  TRP A CB  1 
ATOM   461 C CG  . TRP A 1 59  ? 1.445   1.239   -1.910  1.00 19.39 ? 59  TRP A CG  1 
ATOM   462 C CD1 . TRP A 1 59  ? 0.917   2.151   -1.014  1.00 20.25 ? 59  TRP A CD1 1 
ATOM   463 C CD2 . TRP A 1 59  ? 0.584   0.214   -2.238  1.00 17.15 ? 59  TRP A CD2 1 
ATOM   464 N NE1 . TRP A 1 59  ? -0.288  1.690   -0.763  1.00 20.67 ? 59  TRP A NE1 1 
ATOM   465 C CE2 . TRP A 1 59  ? -0.521  0.565   -1.440  1.00 16.57 ? 59  TRP A CE2 1 
ATOM   466 C CE3 . TRP A 1 59  ? 0.568   -0.904  -3.057  1.00 13.82 ? 59  TRP A CE3 1 
ATOM   467 C CZ2 . TRP A 1 59  ? -1.687  -0.153  -1.432  1.00 16.44 ? 59  TRP A CZ2 1 
ATOM   468 C CZ3 . TRP A 1 59  ? -0.619  -1.630  -3.036  1.00 13.27 ? 59  TRP A CZ3 1 
ATOM   469 C CH2 . TRP A 1 59  ? -1.695  -1.279  -2.243  1.00 14.93 ? 59  TRP A CH2 1 
ATOM   470 N N   . GLU A 1 60  ? 5.542   0.603   -2.415  1.00 15.91 ? 60  GLU A N   1 
ATOM   471 C CA  . GLU A 1 60  ? 6.519   -0.354  -2.900  1.00 18.90 ? 60  GLU A CA  1 
ATOM   472 C C   . GLU A 1 60  ? 7.389   -0.945  -1.790  1.00 18.90 ? 60  GLU A C   1 
ATOM   473 O O   . GLU A 1 60  ? 7.393   -2.162  -1.623  1.00 20.76 ? 60  GLU A O   1 
ATOM   474 C CB  . GLU A 1 60  ? 7.353   0.355   -3.888  1.00 21.47 ? 60  GLU A CB  1 
ATOM   475 C CG  . GLU A 1 60  ? 8.109   -0.630  -4.643  1.00 26.43 ? 60  GLU A CG  1 
ATOM   476 C CD  . GLU A 1 60  ? 8.483   -0.051  -5.961  1.00 29.14 ? 60  GLU A CD  1 
ATOM   477 O OE1 . GLU A 1 60  ? 9.486   0.641   -6.032  1.00 34.26 ? 60  GLU A OE1 1 
ATOM   478 O OE2 . GLU A 1 60  ? 7.777   -0.283  -6.920  1.00 27.08 ? 60  GLU A OE2 1 
ATOM   479 N N   . GLU A 1 61  ? 7.998   -0.091  -0.971  1.00 15.86 ? 61  GLU A N   1 
ATOM   480 C CA  . GLU A 1 61  ? 8.788   -0.530  0.116   1.00 15.27 ? 61  GLU A CA  1 
ATOM   481 C C   . GLU A 1 61  ? 7.964   -1.186  1.191   1.00 14.31 ? 61  GLU A C   1 
ATOM   482 O O   . GLU A 1 61  ? 8.523   -2.054  1.878   1.00 15.76 ? 61  GLU A O   1 
ATOM   483 C CB  . GLU A 1 61  ? 9.483   0.576   0.736   1.00 17.86 ? 61  GLU A CB  1 
ATOM   484 C CG  . GLU A 1 61  ? 10.394  1.411   -0.145  1.00 25.79 ? 61  GLU A CG  1 
ATOM   485 C CD  . GLU A 1 61  ? 10.971  2.565   0.725   1.00 32.69 ? 61  GLU A CD  1 
ATOM   486 O OE1 . GLU A 1 61  ? 10.229  3.356   1.376   1.00 33.03 ? 61  GLU A OE1 1 
ATOM   487 O OE2 . GLU A 1 61  ? 12.213  2.625   0.804   1.00 37.54 ? 61  GLU A OE2 1 
ATOM   488 N N   . GLY A 1 62  ? 6.688   -0.859  1.382   1.00 11.00 ? 62  GLY A N   1 
ATOM   489 C CA  . GLY A 1 62  ? 5.863   -1.402  2.438   1.00 11.64 ? 62  GLY A CA  1 
ATOM   490 C C   . GLY A 1 62  ? 5.449   -2.814  2.060   1.00 11.68 ? 62  GLY A C   1 
ATOM   491 O O   . GLY A 1 62  ? 5.650   -3.799  2.799   1.00 11.55 ? 62  GLY A O   1 
ATOM   492 N N   . VAL A 1 63  ? 5.018   -2.947  0.805   1.00 11.36 ? 63  VAL A N   1 
ATOM   493 C CA  . VAL A 1 63  ? 4.503   -4.255  0.370   1.00 13.07 ? 63  VAL A CA  1 
ATOM   494 C C   . VAL A 1 63  ? 5.681   -5.220  0.232   1.00 14.39 ? 63  VAL A C   1 
ATOM   495 O O   . VAL A 1 63  ? 5.454   -6.389  0.562   1.00 13.16 ? 63  VAL A O   1 
ATOM   496 C CB  . VAL A 1 63  ? 3.707   -4.148  -0.998  1.00 13.15 ? 63  VAL A CB  1 
ATOM   497 C CG1 . VAL A 1 63  ? 3.262   -5.459  -1.596  1.00 14.37 ? 63  VAL A CG1 1 
ATOM   498 C CG2 . VAL A 1 63  ? 2.427   -3.412  -0.662  1.00 11.48 ? 63  VAL A CG2 1 
ATOM   499 N N   . ALA A 1 64  ? 6.882   -4.788  -0.199  1.00 12.51 ? 64  ALA A N   1 
ATOM   500 C CA  . ALA A 1 64  ? 8.038   -5.668  -0.269  1.00 14.96 ? 64  ALA A CA  1 
ATOM   501 C C   . ALA A 1 64  ? 8.328   -6.350  1.098   1.00 15.82 ? 64  ALA A C   1 
ATOM   502 O O   . ALA A 1 64  ? 8.955   -7.414  1.161   1.00 15.33 ? 64  ALA A O   1 
ATOM   503 C CB  . ALA A 1 64  ? 9.263   -4.868  -0.648  1.00 15.21 ? 64  ALA A CB  1 
ATOM   504 N N   . GLN A 1 65  ? 7.878   -5.775  2.224   1.00 14.27 ? 65  GLN A N   1 
ATOM   505 C CA  . GLN A 1 65  ? 8.130   -6.317  3.540   1.00 13.95 ? 65  GLN A CA  1 
ATOM   506 C C   . GLN A 1 65  ? 7.084   -7.289  4.074   1.00 12.40 ? 65  GLN A C   1 
ATOM   507 O O   . GLN A 1 65  ? 7.156   -7.733  5.249   1.00 13.29 ? 65  GLN A O   1 
ATOM   508 C CB  . GLN A 1 65  ? 8.264   -5.144  4.505   1.00 15.23 ? 65  GLN A CB  1 
ATOM   509 C CG  . GLN A 1 65  ? 9.495   -4.402  4.163   1.00 18.47 ? 65  GLN A CG  1 
ATOM   510 C CD  . GLN A 1 65  ? 9.512   -3.294  5.123   1.00 22.69 ? 65  GLN A CD  1 
ATOM   511 O OE1 . GLN A 1 65  ? 9.289   -2.169  4.724   1.00 26.36 ? 65  GLN A OE1 1 
ATOM   512 N NE2 . GLN A 1 65  ? 9.748   -3.499  6.398   1.00 24.28 ? 65  GLN A NE2 1 
ATOM   513 N N   . MET A 1 66  ? 6.105   -7.606  3.222   1.00 10.95 ? 66  MET A N   1 
ATOM   514 C CA  . MET A 1 66  ? 4.966   -8.369  3.633   1.00 9.57  ? 66  MET A CA  1 
ATOM   515 C C   . MET A 1 66  ? 5.120   -9.719  2.995   1.00 10.29 ? 66  MET A C   1 
ATOM   516 O O   . MET A 1 66  ? 5.713   -9.853  1.934   1.00 9.67  ? 66  MET A O   1 
ATOM   517 C CB  . MET A 1 66  ? 3.682   -7.760  3.113   1.00 11.07 ? 66  MET A CB  1 
ATOM   518 C CG  . MET A 1 66  ? 3.373   -6.389  3.810   1.00 10.56 ? 66  MET A CG  1 
ATOM   519 S SD  . MET A 1 66  ? 1.896   -5.606  3.124   1.00 11.93 ? 66  MET A SD  1 
ATOM   520 C CE  . MET A 1 66  ? 0.624   -6.752  3.542   1.00 11.04 ? 66  MET A CE  1 
ATOM   521 N N   . SER A 1 67  ? 4.622   -10.730 3.659   1.00 11.42 ? 67  SER A N   1 
ATOM   522 C CA  . SER A 1 67  ? 4.618   -12.055 3.026   1.00 10.45 ? 67  SER A CA  1 
ATOM   523 C C   . SER A 1 67  ? 3.171   -12.396 2.648   1.00 10.91 ? 67  SER A C   1 
ATOM   524 O O   . SER A 1 67  ? 2.189   -11.798 3.145   1.00 11.38 ? 67  SER A O   1 
ATOM   525 C CB  . SER A 1 67  ? 5.236   -13.097 3.996   1.00 8.64  ? 67  SER A CB  1 
ATOM   526 O OG  . SER A 1 67  ? 4.542   -13.253 5.227   1.00 11.92 ? 67  SER A OG  1 
ATOM   527 N N   . VAL A 1 68  ? 2.972   -13.396 1.797   1.00 10.79 ? 68  VAL A N   1 
ATOM   528 C CA  . VAL A 1 68  ? 1.623   -13.738 1.342   1.00 11.66 ? 68  VAL A CA  1 
ATOM   529 C C   . VAL A 1 68  ? 0.662   -14.147 2.439   1.00 10.54 ? 68  VAL A C   1 
ATOM   530 O O   . VAL A 1 68  ? 0.977   -14.918 3.359   1.00 10.70 ? 68  VAL A O   1 
ATOM   531 C CB  . VAL A 1 68  ? 1.730   -14.857 0.239   1.00 13.09 ? 68  VAL A CB  1 
ATOM   532 C CG1 . VAL A 1 68  ? 0.368   -15.280 -0.241  1.00 13.54 ? 68  VAL A CG1 1 
ATOM   533 C CG2 . VAL A 1 68  ? 2.581   -14.314 -0.893  1.00 13.04 ? 68  VAL A CG2 1 
ATOM   534 N N   . GLY A 1 69  ? -0.503  -13.486 2.354   1.00 9.91  ? 69  GLY A N   1 
ATOM   535 C CA  . GLY A 1 69  ? -1.572  -13.639 3.288   1.00 8.71  ? 69  GLY A CA  1 
ATOM   536 C C   . GLY A 1 69  ? -1.497  -12.595 4.341   1.00 9.88  ? 69  GLY A C   1 
ATOM   537 O O   . GLY A 1 69  ? -2.445  -12.507 5.113   1.00 11.47 ? 69  GLY A O   1 
ATOM   538 N N   . GLN A 1 70  ? -0.452  -11.775 4.439   1.00 8.99  ? 70  GLN A N   1 
ATOM   539 C CA  . GLN A 1 70  ? -0.352  -10.797 5.499   1.00 8.92  ? 70  GLN A CA  1 
ATOM   540 C C   . GLN A 1 70  ? -1.354  -9.626  5.317   1.00 9.19  ? 70  GLN A C   1 
ATOM   541 O O   . GLN A 1 70  ? -1.611  -9.209  4.181   1.00 9.57  ? 70  GLN A O   1 
ATOM   542 C CB  . GLN A 1 70  ? 1.061   -10.274 5.506   1.00 8.52  ? 70  GLN A CB  1 
ATOM   543 C CG  . GLN A 1 70  ? 1.369   -9.431  6.764   1.00 10.57 ? 70  GLN A CG  1 
ATOM   544 C CD  . GLN A 1 70  ? 2.835   -9.148  6.866   1.00 13.35 ? 70  GLN A CD  1 
ATOM   545 O OE1 . GLN A 1 70  ? 3.629   -9.835  6.231   1.00 15.93 ? 70  GLN A OE1 1 
ATOM   546 N NE2 . GLN A 1 70  ? 3.238   -8.182  7.680   1.00 14.59 ? 70  GLN A NE2 1 
ATOM   547 N N   . ARG A 1 71  ? -1.867  -9.155  6.443   1.00 8.59  ? 71  ARG A N   1 
ATOM   548 C CA  . ARG A 1 71  ? -2.677  -7.948  6.420   1.00 11.26 ? 71  ARG A CA  1 
ATOM   549 C C   . ARG A 1 71  ? -1.896  -6.934  7.247   1.00 10.72 ? 71  ARG A C   1 
ATOM   550 O O   . ARG A 1 71  ? -1.497  -7.245  8.403   1.00 10.49 ? 71  ARG A O   1 
ATOM   551 C CB  . ARG A 1 71  ? -4.026  -8.172  7.074   1.00 12.68 ? 71  ARG A CB  1 
ATOM   552 C CG  . ARG A 1 71  ? -4.845  -6.925  6.642   1.00 19.20 ? 71  ARG A CG  1 
ATOM   553 C CD  . ARG A 1 71  ? -6.354  -7.179  6.599   1.00 26.20 ? 71  ARG A CD  1 
ATOM   554 N NE  . ARG A 1 71  ? -6.975  -6.310  7.577   1.00 33.40 ? 71  ARG A NE  1 
ATOM   555 C CZ  . ARG A 1 71  ? -8.122  -5.651  7.369   1.00 37.17 ? 71  ARG A CZ  1 
ATOM   556 N NH1 . ARG A 1 71  ? -8.789  -5.770  6.206   1.00 39.90 ? 71  ARG A NH1 1 
ATOM   557 N NH2 . ARG A 1 71  ? -8.554  -4.811  8.324   1.00 37.92 ? 71  ARG A NH2 1 
ATOM   558 N N   . ALA A 1 72  ? -1.633  -5.715  6.734   1.00 9.83  ? 72  ALA A N   1 
ATOM   559 C CA  . ALA A 1 72  ? -0.771  -4.740  7.434   1.00 8.88  ? 72  ALA A CA  1 
ATOM   560 C C   . ALA A 1 72  ? -1.297  -3.324  7.130   1.00 10.23 ? 72  ALA A C   1 
ATOM   561 O O   . ALA A 1 72  ? -1.974  -3.097  6.133   1.00 11.08 ? 72  ALA A O   1 
ATOM   562 C CB  . ALA A 1 72  ? 0.675   -4.730  6.936   1.00 9.11  ? 72  ALA A CB  1 
ATOM   563 N N   . LYS A 1 73  ? -0.966  -2.427  8.067   1.00 10.75 ? 73  LYS A N   1 
ATOM   564 C CA  . LYS A 1 73  ? -1.201  -0.972  8.033   1.00 9.12  ? 73  LYS A CA  1 
ATOM   565 C C   . LYS A 1 73  ? 0.111   -0.367  7.582   1.00 9.60  ? 73  LYS A C   1 
ATOM   566 O O   . LYS A 1 73  ? 1.152   -0.568  8.212   1.00 10.93 ? 73  LYS A O   1 
ATOM   567 C CB  . LYS A 1 73  ? -1.507  -0.570  9.419   0.48 7.65  ? 73  LYS A CB  1 
ATOM   568 C CG  . LYS A 1 73  ? -1.965  0.827   9.549   0.48 10.10 ? 73  LYS A CG  1 
ATOM   569 C CD  . LYS A 1 73  ? -3.145  0.779   10.505  0.48 14.07 ? 73  LYS A CD  1 
ATOM   570 C CE  . LYS A 1 73  ? -4.247  -0.258  10.224  0.48 15.16 ? 73  LYS A CE  1 
ATOM   571 N NZ  . LYS A 1 73  ? -4.733  -0.263  8.852   0.48 19.94 ? 73  LYS A NZ  1 
ATOM   572 N N   . LEU A 1 74  ? 0.149   0.312   6.461   1.00 9.48  ? 74  LEU A N   1 
ATOM   573 C CA  . LEU A 1 74  ? 1.354   0.950   5.940   1.00 11.32 ? 74  LEU A CA  1 
ATOM   574 C C   . LEU A 1 74  ? 1.217   2.424   6.223   1.00 10.46 ? 74  LEU A C   1 
ATOM   575 O O   . LEU A 1 74  ? 0.207   2.926   5.722   1.00 13.21 ? 74  LEU A O   1 
ATOM   576 C CB  . LEU A 1 74  ? 1.475   0.798   4.417   1.00 11.09 ? 74  LEU A CB  1 
ATOM   577 C CG  . LEU A 1 74  ? 2.084   -0.385  3.686   1.00 16.20 ? 74  LEU A CG  1 
ATOM   578 C CD1 . LEU A 1 74  ? 1.706   -1.593  4.466   1.00 16.53 ? 74  LEU A CD1 1 
ATOM   579 C CD2 . LEU A 1 74  ? 1.734   -0.385  2.194   1.00 13.87 ? 74  LEU A CD2 1 
ATOM   580 N N   . THR A 1 75  ? 2.081   3.096   6.935   1.00 10.30 ? 75  THR A N   1 
ATOM   581 C CA  . THR A 1 75  ? 1.903   4.553   7.126   1.00 11.25 ? 75  THR A CA  1 
ATOM   582 C C   . THR A 1 75  ? 3.047   5.123   6.294   1.00 11.25 ? 75  THR A C   1 
ATOM   583 O O   . THR A 1 75  ? 4.193   4.718   6.459   1.00 10.67 ? 75  THR A O   1 
ATOM   584 C CB  . THR A 1 75  ? 2.074   4.951   8.588   1.00 12.62 ? 75  THR A CB  1 
ATOM   585 O OG1 . THR A 1 75  ? 0.998   4.346   9.281   1.00 12.61 ? 75  THR A OG1 1 
ATOM   586 C CG2 . THR A 1 75  ? 1.940   6.422   8.854   1.00 11.11 ? 75  THR A CG2 1 
ATOM   587 N N   . ILE A 1 76  ? 2.716   6.019   5.352   1.00 9.97  ? 76  ILE A N   1 
ATOM   588 C CA  . ILE A 1 76  ? 3.655   6.505   4.396   1.00 8.76  ? 76  ILE A CA  1 
ATOM   589 C C   . ILE A 1 76  ? 3.830   7.998   4.555   1.00 10.32 ? 76  ILE A C   1 
ATOM   590 O O   . ILE A 1 76  ? 2.843   8.751   4.638   1.00 9.37  ? 76  ILE A O   1 
ATOM   591 C CB  . ILE A 1 76  ? 3.128   6.157   3.026   1.00 9.30  ? 76  ILE A CB  1 
ATOM   592 C CG1 . ILE A 1 76  ? 3.010   4.588   2.918   1.00 10.37 ? 76  ILE A CG1 1 
ATOM   593 C CG2 . ILE A 1 76  ? 4.084   6.689   1.947   1.00 8.21  ? 76  ILE A CG2 1 
ATOM   594 C CD1 . ILE A 1 76  ? 2.163   4.076   1.774   1.00 11.17 ? 76  ILE A CD1 1 
ATOM   595 N N   . SER A 1 77  ? 5.096   8.361   4.641   1.00 10.12 ? 77  SER A N   1 
ATOM   596 C CA  . SER A 1 77  ? 5.535   9.753   4.756   1.00 12.67 ? 77  SER A CA  1 
ATOM   597 C C   . SER A 1 77  ? 5.130   10.521  3.506   1.00 11.29 ? 77  SER A C   1 
ATOM   598 O O   . SER A 1 77  ? 5.193   9.936   2.417   1.00 10.03 ? 77  SER A O   1 
ATOM   599 C CB  . SER A 1 77  ? 7.073   9.804   4.872   1.00 15.42 ? 77  SER A CB  1 
ATOM   600 O OG  . SER A 1 77  ? 7.413   8.908   5.937   1.00 27.66 ? 77  SER A OG  1 
ATOM   601 N N   . PRO A 1 78  ? 4.851   11.829  3.511   1.00 10.61 ? 78  PRO A N   1 
ATOM   602 C CA  . PRO A 1 78  ? 4.531   12.533  2.263   1.00 9.72  ? 78  PRO A CA  1 
ATOM   603 C C   . PRO A 1 78  ? 5.581   12.380  1.192   1.00 8.75  ? 78  PRO A C   1 
ATOM   604 O O   . PRO A 1 78  ? 5.244   12.146  0.030   1.00 10.00 ? 78  PRO A O   1 
ATOM   605 C CB  . PRO A 1 78  ? 4.342   13.957  2.689   1.00 9.88  ? 78  PRO A CB  1 
ATOM   606 C CG  . PRO A 1 78  ? 3.977   13.857  4.156   1.00 12.88 ? 78  PRO A CG  1 
ATOM   607 C CD  . PRO A 1 78  ? 4.757   12.656  4.712   1.00 11.35 ? 78  PRO A CD  1 
ATOM   608 N N   . ASP A 1 79  ? 6.899   12.436  1.494   1.00 8.76  ? 79  ASP A N   1 
ATOM   609 C CA  . ASP A 1 79  ? 7.811   12.407  0.397   1.00 10.70 ? 79  ASP A CA  1 
ATOM   610 C C   . ASP A 1 79  ? 7.841   11.013  -0.284  1.00 10.81 ? 79  ASP A C   1 
ATOM   611 O O   . ASP A 1 79  ? 8.417   10.856  -1.348  1.00 11.33 ? 79  ASP A O   1 
ATOM   612 C CB  . ASP A 1 79  ? 9.193   12.789  0.870   1.00 13.94 ? 79  ASP A CB  1 
ATOM   613 C CG  . ASP A 1 79  ? 10.066  13.129  -0.367  1.00 21.51 ? 79  ASP A CG  1 
ATOM   614 O OD1 . ASP A 1 79  ? 9.709   14.039  -1.130  1.00 21.44 ? 79  ASP A OD1 1 
ATOM   615 O OD2 . ASP A 1 79  ? 11.047  12.406  -0.652  1.00 23.67 ? 79  ASP A OD2 1 
ATOM   616 N N   . TYR A 1 80  ? 7.256   9.989   0.323   1.00 10.56 ? 80  TYR A N   1 
ATOM   617 C CA  . TYR A 1 80  ? 7.148   8.656   -0.255  1.00 9.60  ? 80  TYR A CA  1 
ATOM   618 C C   . TYR A 1 80  ? 5.774   8.426   -0.783  1.00 10.73 ? 80  TYR A C   1 
ATOM   619 O O   . TYR A 1 80  ? 5.375   7.304   -1.110  1.00 9.42  ? 80  TYR A O   1 
ATOM   620 C CB  . TYR A 1 80  ? 7.469   7.652   0.821   1.00 9.67  ? 80  TYR A CB  1 
ATOM   621 C CG  . TYR A 1 80  ? 8.981   7.546   0.896   1.00 13.71 ? 80  TYR A CG  1 
ATOM   622 C CD1 . TYR A 1 80  ? 9.729   8.528   1.566   1.00 11.93 ? 80  TYR A CD1 1 
ATOM   623 C CD2 . TYR A 1 80  ? 9.607   6.450   0.242   1.00 13.97 ? 80  TYR A CD2 1 
ATOM   624 C CE1 . TYR A 1 80  ? 11.122  8.439   1.581   1.00 13.52 ? 80  TYR A CE1 1 
ATOM   625 C CE2 . TYR A 1 80  ? 10.990  6.392   0.256   1.00 14.36 ? 80  TYR A CE2 1 
ATOM   626 C CZ  . TYR A 1 80  ? 11.723  7.390   0.911   1.00 14.62 ? 80  TYR A CZ  1 
ATOM   627 O OH  . TYR A 1 80  ? 13.105  7.359   0.845   1.00 17.59 ? 80  TYR A OH  1 
ATOM   628 N N   . ALA A 1 81  ? 4.984   9.510   -0.859  1.00 10.85 ? 81  ALA A N   1 
ATOM   629 C CA  . ALA A 1 81  ? 3.640   9.504   -1.398  1.00 9.30  ? 81  ALA A CA  1 
ATOM   630 C C   . ALA A 1 81  ? 3.566   10.715  -2.361  1.00 9.01  ? 81  ALA A C   1 
ATOM   631 O O   . ALA A 1 81  ? 4.404   10.900  -3.267  1.00 9.43  ? 81  ALA A O   1 
ATOM   632 C CB  . ALA A 1 81  ? 2.581   9.600   -0.254  1.00 10.53 ? 81  ALA A CB  1 
ATOM   633 N N   . TYR A 1 82  ? 2.609   11.670  -2.079  1.00 10.52 ? 82  TYR A N   1 
ATOM   634 C CA  . TYR A 1 82  ? 2.325   12.795  -3.020  1.00 8.77  ? 82  TYR A CA  1 
ATOM   635 C C   . TYR A 1 82  ? 2.929   14.109  -2.578  1.00 11.04 ? 82  TYR A C   1 
ATOM   636 O O   . TYR A 1 82  ? 2.575   15.145  -3.171  1.00 11.68 ? 82  TYR A O   1 
ATOM   637 C CB  . TYR A 1 82  ? 0.839   12.870  -3.140  1.00 7.70  ? 82  TYR A CB  1 
ATOM   638 C CG  . TYR A 1 82  ? 0.350   11.564  -3.739  1.00 8.99  ? 82  TYR A CG  1 
ATOM   639 C CD1 . TYR A 1 82  ? 0.611   11.234  -5.071  1.00 10.69 ? 82  TYR A CD1 1 
ATOM   640 C CD2 . TYR A 1 82  ? -0.390  10.704  -2.958  1.00 12.03 ? 82  TYR A CD2 1 
ATOM   641 C CE1 . TYR A 1 82  ? 0.181   10.032  -5.607  1.00 10.98 ? 82  TYR A CE1 1 
ATOM   642 C CE2 . TYR A 1 82  ? -0.823  9.495   -3.494  1.00 10.51 ? 82  TYR A CE2 1 
ATOM   643 C CZ  . TYR A 1 82  ? -0.518  9.181   -4.795  1.00 9.76  ? 82  TYR A CZ  1 
ATOM   644 O OH  . TYR A 1 82  ? -1.016  8.040   -5.323  1.00 12.46 ? 82  TYR A OH  1 
ATOM   645 N N   . GLY A 1 83  ? 3.804   14.107  -1.545  1.00 9.03  ? 83  GLY A N   1 
ATOM   646 C CA  . GLY A 1 83  ? 4.672   15.219  -1.134  1.00 8.41  ? 83  GLY A CA  1 
ATOM   647 C C   . GLY A 1 83  ? 3.869   16.507  -0.858  1.00 9.86  ? 83  GLY A C   1 
ATOM   648 O O   . GLY A 1 83  ? 2.768   16.465  -0.289  1.00 10.02 ? 83  GLY A O   1 
ATOM   649 N N   . ALA A 1 84  ? 4.466   17.627  -1.264  1.00 8.82  ? 84  ALA A N   1 
ATOM   650 C CA  . ALA A 1 84  ? 3.867   18.913  -1.042  1.00 10.15 ? 84  ALA A CA  1 
ATOM   651 C C   . ALA A 1 84  ? 2.724   19.156  -1.998  1.00 11.58 ? 84  ALA A C   1 
ATOM   652 O O   . ALA A 1 84  ? 2.006   20.139  -1.788  1.00 12.69 ? 84  ALA A O   1 
ATOM   653 C CB  . ALA A 1 84  ? 4.960   19.967  -1.216  1.00 9.40  ? 84  ALA A CB  1 
ATOM   654 N N   . THR A 1 85  ? 2.445   18.330  -3.013  1.00 10.00 ? 85  THR A N   1 
ATOM   655 C CA  . THR A 1 85  ? 1.434   18.641  -4.014  1.00 9.59  ? 85  THR A CA  1 
ATOM   656 C C   . THR A 1 85  ? 0.122   18.042  -3.603  1.00 10.70 ? 85  THR A C   1 
ATOM   657 O O   . THR A 1 85  ? -0.920  18.712  -3.644  1.00 9.77  ? 85  THR A O   1 
ATOM   658 C CB  . THR A 1 85  ? 1.827   18.098  -5.472  1.00 9.81  ? 85  THR A CB  1 
ATOM   659 O OG1 . THR A 1 85  ? 3.099   18.651  -5.756  1.00 10.11 ? 85  THR A OG1 1 
ATOM   660 C CG2 . THR A 1 85  ? 0.839   18.429  -6.571  1.00 9.57  ? 85  THR A CG2 1 
ATOM   661 N N   . GLY A 1 86  ? 0.165   16.773  -3.132  1.00 8.92  ? 86  GLY A N   1 
ATOM   662 C CA  . GLY A 1 86  ? -1.091  16.057  -2.872  1.00 9.03  ? 86  GLY A CA  1 
ATOM   663 C C   . GLY A 1 86  ? -1.660  15.586  -4.211  1.00 9.25  ? 86  GLY A C   1 
ATOM   664 O O   . GLY A 1 86  ? -0.940  15.392  -5.222  1.00 10.31 ? 86  GLY A O   1 
ATOM   665 N N   . VAL A 1 87  ? -2.945  15.261  -4.227  1.00 8.82  ? 87  VAL A N   1 
ATOM   666 C CA  . VAL A 1 87  ? -3.629  14.824  -5.440  1.00 9.84  ? 87  VAL A CA  1 
ATOM   667 C C   . VAL A 1 87  ? -4.906  15.662  -5.468  1.00 13.72 ? 87  VAL A C   1 
ATOM   668 O O   . VAL A 1 87  ? -5.684  15.671  -4.496  1.00 13.21 ? 87  VAL A O   1 
ATOM   669 C CB  . VAL A 1 87  ? -4.020  13.328  -5.353  1.00 12.59 ? 87  VAL A CB  1 
ATOM   670 C CG1 . VAL A 1 87  ? -4.946  12.927  -6.556  1.00 12.42 ? 87  VAL A CG1 1 
ATOM   671 C CG2 . VAL A 1 87  ? -2.711  12.472  -5.291  1.00 9.91  ? 87  VAL A CG2 1 
ATOM   672 N N   . PRO A 1 88  ? -5.194  16.403  -6.550  1.00 17.25 ? 88  PRO A N   1 
ATOM   673 C CA  . PRO A 1 88  ? -6.233  17.446  -6.552  1.00 16.87 ? 88  PRO A CA  1 
ATOM   674 C C   . PRO A 1 88  ? -7.593  16.928  -6.110  1.00 18.03 ? 88  PRO A C   1 
ATOM   675 O O   . PRO A 1 88  ? -8.119  15.919  -6.597  1.00 17.77 ? 88  PRO A O   1 
ATOM   676 C CB  . PRO A 1 88  ? -6.239  17.956  -7.972  1.00 17.78 ? 88  PRO A CB  1 
ATOM   677 C CG  . PRO A 1 88  ? -5.458  16.972  -8.828  1.00 18.27 ? 88  PRO A CG  1 
ATOM   678 C CD  . PRO A 1 88  ? -4.482  16.296  -7.844  1.00 18.21 ? 88  PRO A CD  1 
ATOM   679 N N   . GLY A 1 89  ? -8.120  17.525  -5.097  1.00 18.49 ? 89  GLY A N   1 
ATOM   680 C CA  . GLY A 1 89  ? -9.412  17.112  -4.649  1.00 21.05 ? 89  GLY A CA  1 
ATOM   681 C C   . GLY A 1 89  ? -9.407  15.823  -3.829  1.00 21.72 ? 89  GLY A C   1 
ATOM   682 O O   . GLY A 1 89  ? -10.481 15.391  -3.374  1.00 23.05 ? 89  GLY A O   1 
ATOM   683 N N   . ILE A 1 90  ? -8.280  15.164  -3.562  1.00 19.48 ? 90  ILE A N   1 
ATOM   684 C CA  . ILE A 1 90  ? -8.336  13.877  -2.869  1.00 18.81 ? 90  ILE A CA  1 
ATOM   685 C C   . ILE A 1 90  ? -7.333  13.861  -1.745  1.00 17.38 ? 90  ILE A C   1 
ATOM   686 O O   . ILE A 1 90  ? -7.686  13.616  -0.585  1.00 17.67 ? 90  ILE A O   1 
ATOM   687 C CB  . ILE A 1 90  ? -8.048  12.690  -3.814  1.00 20.13 ? 90  ILE A CB  1 
ATOM   688 C CG1 . ILE A 1 90  ? -8.910  12.813  -5.082  1.00 22.73 ? 90  ILE A CG1 1 
ATOM   689 C CG2 . ILE A 1 90  ? -8.315  11.356  -3.066  1.00 21.16 ? 90  ILE A CG2 1 
ATOM   690 C CD1 . ILE A 1 90  ? -9.166  11.617  -6.019  1.00 23.45 ? 90  ILE A CD1 1 
ATOM   691 N N   . ILE A 1 91  ? -6.092  14.232  -1.977  1.00 15.31 ? 91  ILE A N   1 
ATOM   692 C CA  . ILE A 1 91  ? -5.101  14.148  -0.934  1.00 13.94 ? 91  ILE A CA  1 
ATOM   693 C C   . ILE A 1 91  ? -4.614  15.546  -0.680  1.00 14.34 ? 91  ILE A C   1 
ATOM   694 O O   . ILE A 1 91  ? -4.130  16.138  -1.650  1.00 13.10 ? 91  ILE A O   1 
ATOM   695 C CB  . ILE A 1 91  ? -3.963  13.337  -1.436  1.00 13.88 ? 91  ILE A CB  1 
ATOM   696 C CG1 . ILE A 1 91  ? -4.364  11.927  -1.878  1.00 17.72 ? 91  ILE A CG1 1 
ATOM   697 C CG2 . ILE A 1 91  ? -2.960  13.369  -0.334  1.00 13.93 ? 91  ILE A CG2 1 
ATOM   698 C CD1 . ILE A 1 91  ? -4.760  10.922  -0.841  1.00 17.72 ? 91  ILE A CD1 1 
ATOM   699 N N   . PRO A 1 92  ? -4.627  16.135  0.507   1.00 14.84 ? 92  PRO A N   1 
ATOM   700 C CA  . PRO A 1 92  ? -4.013  17.436  0.697   1.00 12.94 ? 92  PRO A CA  1 
ATOM   701 C C   . PRO A 1 92  ? -2.505  17.405  0.506   1.00 14.45 ? 92  PRO A C   1 
ATOM   702 O O   . PRO A 1 92  ? -1.858  16.321  0.648   1.00 10.66 ? 92  PRO A O   1 
ATOM   703 C CB  . PRO A 1 92  ? -4.433  17.813  2.108   1.00 14.94 ? 92  PRO A CB  1 
ATOM   704 C CG  . PRO A 1 92  ? -4.820  16.542  2.805   1.00 15.35 ? 92  PRO A CG  1 
ATOM   705 C CD  . PRO A 1 92  ? -5.383  15.658  1.691   1.00 13.50 ? 92  PRO A CD  1 
ATOM   706 N N   . PRO A 1 93  ? -1.901  18.614  0.303   1.00 12.95 ? 93  PRO A N   1 
ATOM   707 C CA  . PRO A 1 93  ? -0.483  18.841  0.510   1.00 12.22 ? 93  PRO A CA  1 
ATOM   708 C C   . PRO A 1 93  ? 0.059   18.278  1.838   1.00 11.93 ? 93  PRO A C   1 
ATOM   709 O O   . PRO A 1 93  ? -0.606  18.434  2.861   1.00 10.49 ? 93  PRO A O   1 
ATOM   710 C CB  . PRO A 1 93  ? -0.253  20.330  0.493   1.00 12.12 ? 93  PRO A CB  1 
ATOM   711 C CG  . PRO A 1 93  ? -1.419  20.809  -0.348  1.00 12.52 ? 93  PRO A CG  1 
ATOM   712 C CD  . PRO A 1 93  ? -2.588  19.876  -0.082  1.00 14.25 ? 93  PRO A CD  1 
ATOM   713 N N   . HIS A 1 94  ? 1.266   17.647  1.795   1.00 11.40 ? 94  HIS A N   1 
ATOM   714 C CA  . HIS A 1 94  ? 2.029   17.251  2.966   1.00 11.45 ? 94  HIS A CA  1 
ATOM   715 C C   . HIS A 1 94  ? 1.299   16.177  3.739   1.00 10.22 ? 94  HIS A C   1 
ATOM   716 O O   . HIS A 1 94  ? 1.554   16.078  4.921   1.00 11.89 ? 94  HIS A O   1 
ATOM   717 C CB  . HIS A 1 94  ? 2.259   18.485  3.915   1.00 14.47 ? 94  HIS A CB  1 
ATOM   718 C CG  . HIS A 1 94  ? 2.963   19.621  3.223   1.00 14.94 ? 94  HIS A CG  1 
ATOM   719 N ND1 . HIS A 1 94  ? 4.196   19.680  2.722   1.00 16.99 ? 94  HIS A ND1 1 
ATOM   720 C CD2 . HIS A 1 94  ? 2.346   20.798  2.931   1.00 15.64 ? 94  HIS A CD2 1 
ATOM   721 C CE1 . HIS A 1 94  ? 4.361   20.839  2.125   1.00 17.54 ? 94  HIS A CE1 1 
ATOM   722 N NE2 . HIS A 1 94  ? 3.234   21.486  2.261   1.00 15.06 ? 94  HIS A NE2 1 
ATOM   723 N N   . ALA A 1 95  ? 0.417   15.418  3.130   1.00 10.12 ? 95  ALA A N   1 
ATOM   724 C CA  . ALA A 1 95  ? -0.370  14.390  3.867   1.00 10.61 ? 95  ALA A CA  1 
ATOM   725 C C   . ALA A 1 95  ? 0.392   13.030  4.122   1.00 11.43 ? 95  ALA A C   1 
ATOM   726 O O   . ALA A 1 95  ? 1.068   12.553  3.182   1.00 11.39 ? 95  ALA A O   1 
ATOM   727 C CB  . ALA A 1 95  ? -1.646  14.037  3.098   1.00 10.70 ? 95  ALA A CB  1 
ATOM   728 N N   . THR A 1 96  ? 0.331   12.505  5.354   1.00 9.56  ? 96  THR A N   1 
ATOM   729 C CA  . THR A 1 96  ? 0.785   11.154  5.642   1.00 9.59  ? 96  THR A CA  1 
ATOM   730 C C   . THR A 1 96  ? -0.406  10.278  5.261   1.00 9.94  ? 96  THR A C   1 
ATOM   731 O O   . THR A 1 96  ? -1.559  10.606  5.589   1.00 11.87 ? 96  THR A O   1 
ATOM   732 C CB  . THR A 1 96  ? 1.056   11.020  7.105   1.00 10.66 ? 96  THR A CB  1 
ATOM   733 O OG1 . THR A 1 96  ? 2.186   11.805  7.266   1.00 12.85 ? 96  THR A OG1 1 
ATOM   734 C CG2 . THR A 1 96  ? 1.322   9.622   7.609   1.00 11.02 ? 96  THR A CG2 1 
ATOM   735 N N   . LEU A 1 97  ? -0.168  9.153   4.573   1.00 8.88  ? 97  LEU A N   1 
ATOM   736 C CA  . LEU A 1 97  ? -1.253  8.291   4.101   1.00 9.95  ? 97  LEU A CA  1 
ATOM   737 C C   . LEU A 1 97  ? -1.184  6.969   4.873   1.00 11.69 ? 97  LEU A C   1 
ATOM   738 O O   . LEU A 1 97  ? -0.087  6.510   5.308   1.00 12.77 ? 97  LEU A O   1 
ATOM   739 C CB  . LEU A 1 97  ? -1.089  7.957   2.641   1.00 10.90 ? 97  LEU A CB  1 
ATOM   740 C CG  . LEU A 1 97  ? -1.118  9.176   1.700   1.00 12.94 ? 97  LEU A CG  1 
ATOM   741 C CD1 . LEU A 1 97  ? -1.129  8.682   0.298   1.00 13.57 ? 97  LEU A CD1 1 
ATOM   742 C CD2 . LEU A 1 97  ? -2.334  10.051  2.018   1.00 13.83 ? 97  LEU A CD2 1 
ATOM   743 N N   . VAL A 1 98  ? -2.360  6.395   5.098   1.00 10.55 ? 98  VAL A N   1 
ATOM   744 C CA  . VAL A 1 98  ? -2.360  5.106   5.816   1.00 11.90 ? 98  VAL A CA  1 
ATOM   745 C C   . VAL A 1 98  ? -3.070  4.149   4.870   1.00 12.74 ? 98  VAL A C   1 
ATOM   746 O O   . VAL A 1 98  ? -4.179  4.410   4.368   1.00 13.44 ? 98  VAL A O   1 
ATOM   747 C CB  . VAL A 1 98  ? -3.157  5.170   7.174   1.00 12.50 ? 98  VAL A CB  1 
ATOM   748 C CG1 . VAL A 1 98  ? -3.135  3.822   7.821   1.00 13.14 ? 98  VAL A CG1 1 
ATOM   749 C CG2 . VAL A 1 98  ? -2.532  6.197   8.137   1.00 13.23 ? 98  VAL A CG2 1 
ATOM   750 N N   . PHE A 1 99  ? -2.424  3.062   4.473   1.00 10.22 ? 99  PHE A N   1 
ATOM   751 C CA  . PHE A 1 99  ? -3.121  2.056   3.715   1.00 9.49  ? 99  PHE A CA  1 
ATOM   752 C C   . PHE A 1 99  ? -3.266  0.744   4.507   1.00 10.63 ? 99  PHE A C   1 
ATOM   753 O O   . PHE A 1 99  ? -2.304  0.321   5.140   1.00 10.44 ? 99  PHE A O   1 
ATOM   754 C CB  . PHE A 1 99  ? -2.332  1.755   2.481   1.00 10.43 ? 99  PHE A CB  1 
ATOM   755 C CG  . PHE A 1 99  ? -2.393  2.918   1.496   1.00 11.47 ? 99  PHE A CG  1 
ATOM   756 C CD1 . PHE A 1 99  ? -1.416  3.923   1.503   1.00 10.64 ? 99  PHE A CD1 1 
ATOM   757 C CD2 . PHE A 1 99  ? -3.388  2.864   0.504   1.00 11.28 ? 99  PHE A CD2 1 
ATOM   758 C CE1 . PHE A 1 99  ? -1.435  4.869   0.479   1.00 9.66  ? 99  PHE A CE1 1 
ATOM   759 C CE2 . PHE A 1 99  ? -3.382  3.830   -0.500  1.00 10.88 ? 99  PHE A CE2 1 
ATOM   760 C CZ  . PHE A 1 99  ? -2.403  4.802   -0.491  1.00 10.53 ? 99  PHE A CZ  1 
ATOM   761 N N   . ASP A 1 100 ? -4.448  0.146   4.528   1.00 10.87 ? 100 ASP A N   1 
ATOM   762 C CA  . ASP A 1 100 ? -4.685  -1.152  5.139   1.00 14.05 ? 100 ASP A CA  1 
ATOM   763 C C   . ASP A 1 100 ? -4.513  -2.069  3.932   1.00 13.26 ? 100 ASP A C   1 
ATOM   764 O O   . ASP A 1 100 ? -5.321  -1.978  3.003   1.00 13.10 ? 100 ASP A O   1 
ATOM   765 C CB  . ASP A 1 100 ? -6.089  -1.201  5.630   1.00 18.79 ? 100 ASP A CB  1 
ATOM   766 C CG  . ASP A 1 100 ? -6.391  -2.462  6.441   1.00 25.45 ? 100 ASP A CG  1 
ATOM   767 O OD1 . ASP A 1 100 ? -6.040  -3.570  6.022   1.00 27.20 ? 100 ASP A OD1 1 
ATOM   768 O OD2 . ASP A 1 100 ? -6.982  -2.341  7.508   1.00 30.77 ? 100 ASP A OD2 1 
ATOM   769 N N   . VAL A 1 101 ? -3.500  -2.947  3.876   1.00 12.23 ? 101 VAL A N   1 
ATOM   770 C CA  . VAL A 1 101 ? -3.217  -3.746  2.684   1.00 10.84 ? 101 VAL A CA  1 
ATOM   771 C C   . VAL A 1 101 ? -3.238  -5.247  3.076   1.00 10.60 ? 101 VAL A C   1 
ATOM   772 O O   . VAL A 1 101 ? -2.696  -5.609  4.126   1.00 10.40 ? 101 VAL A O   1 
ATOM   773 C CB  . VAL A 1 101 ? -1.796  -3.397  2.126   1.00 10.61 ? 101 VAL A CB  1 
ATOM   774 C CG1 . VAL A 1 101 ? -1.474  -4.257  0.867   1.00 12.09 ? 101 VAL A CG1 1 
ATOM   775 C CG2 . VAL A 1 101 ? -1.707  -1.952  1.766   1.00 11.08 ? 101 VAL A CG2 1 
ATOM   776 N N   . GLU A 1 102 ? -3.838  -6.072  2.218   1.00 9.88  ? 102 GLU A N   1 
ATOM   777 C CA  . GLU A 1 102 ? -3.792  -7.520  2.354   1.00 11.21 ? 102 GLU A CA  1 
ATOM   778 C C   . GLU A 1 102 ? -3.053  -8.045  1.136   1.00 10.48 ? 102 GLU A C   1 
ATOM   779 O O   . GLU A 1 102 ? -3.483  -7.773  0.006   1.00 11.05 ? 102 GLU A O   1 
ATOM   780 C CB  . GLU A 1 102 ? -5.174  -8.112  2.373   1.00 14.27 ? 102 GLU A CB  1 
ATOM   781 C CG  . GLU A 1 102 ? -4.997  -9.580  2.811   1.00 23.39 ? 102 GLU A CG  1 
ATOM   782 C CD  . GLU A 1 102 ? -6.346  -10.268 2.947   1.00 31.07 ? 102 GLU A CD  1 
ATOM   783 O OE1 . GLU A 1 102 ? -7.307  -9.889  2.226   1.00 35.57 ? 102 GLU A OE1 1 
ATOM   784 O OE2 . GLU A 1 102 ? -6.472  -11.184 3.765   1.00 33.09 ? 102 GLU A OE2 1 
ATOM   785 N N   . LEU A 1 103 ? -1.975  -8.796  1.303   1.00 10.04 ? 103 LEU A N   1 
ATOM   786 C CA  . LEU A 1 103 ? -1.242  -9.295  0.167   1.00 11.74 ? 103 LEU A CA  1 
ATOM   787 C C   . LEU A 1 103 ? -1.852  -10.666 -0.115  1.00 13.74 ? 103 LEU A C   1 
ATOM   788 O O   . LEU A 1 103 ? -1.719  -11.612 0.673   1.00 15.35 ? 103 LEU A O   1 
ATOM   789 C CB  . LEU A 1 103 ? 0.268   -9.406  0.477   1.00 11.70 ? 103 LEU A CB  1 
ATOM   790 C CG  . LEU A 1 103 ? 1.101   -10.093 -0.615  1.00 11.88 ? 103 LEU A CG  1 
ATOM   791 C CD1 . LEU A 1 103 ? 0.872   -9.351  -1.936  1.00 13.11 ? 103 LEU A CD1 1 
ATOM   792 C CD2 . LEU A 1 103 ? 2.608   -10.149 -0.221  1.00 10.66 ? 103 LEU A CD2 1 
ATOM   793 N N   . LEU A 1 104 ? -2.513  -10.843 -1.241  1.00 13.51 ? 104 LEU A N   1 
ATOM   794 C CA  . LEU A 1 104 ? -3.279  -12.030 -1.531  1.00 14.88 ? 104 LEU A CA  1 
ATOM   795 C C   . LEU A 1 104 ? -2.472  -13.018 -2.318  1.00 17.37 ? 104 LEU A C   1 
ATOM   796 O O   . LEU A 1 104 ? -2.696  -14.217 -2.075  1.00 18.55 ? 104 LEU A O   1 
ATOM   797 C CB  . LEU A 1 104 ? -4.509  -11.750 -2.371  1.00 14.07 ? 104 LEU A CB  1 
ATOM   798 C CG  . LEU A 1 104 ? -5.518  -10.750 -1.756  1.00 15.53 ? 104 LEU A CG  1 
ATOM   799 C CD1 . LEU A 1 104 ? -6.582  -10.415 -2.797  1.00 17.20 ? 104 LEU A CD1 1 
ATOM   800 C CD2 . LEU A 1 104 ? -6.134  -11.291 -0.491  1.00 16.68 ? 104 LEU A CD2 1 
ATOM   801 N N   . LYS A 1 105 ? -1.596  -12.618 -3.238  1.00 18.71 ? 105 LYS A N   1 
ATOM   802 C CA  . LYS A 1 105 ? -0.999  -13.566 -4.167  1.00 20.80 ? 105 LYS A CA  1 
ATOM   803 C C   . LYS A 1 105 ? 0.108   -12.856 -4.811  1.00 21.30 ? 105 LYS A C   1 
ATOM   804 O O   . LYS A 1 105 ? 0.062   -11.615 -4.874  1.00 19.22 ? 105 LYS A O   1 
ATOM   805 C CB  . LYS A 1 105 ? -2.074  -13.933 -5.199  1.00 23.09 ? 105 LYS A CB  1 
ATOM   806 C CG  . LYS A 1 105 ? -1.794  -14.802 -6.390  1.00 28.07 ? 105 LYS A CG  1 
ATOM   807 C CD  . LYS A 1 105 ? -3.193  -15.205 -6.783  1.00 30.89 ? 105 LYS A CD  1 
ATOM   808 C CE  . LYS A 1 105 ? -3.121  -16.185 -7.930  1.00 34.83 ? 105 LYS A CE  1 
ATOM   809 N NZ  . LYS A 1 105 ? -4.460  -16.553 -8.388  1.00 38.86 ? 105 LYS A NZ  1 
ATOM   810 N N   . LEU A 1 106 ? 1.096   -13.626 -5.266  1.00 20.88 ? 106 LEU A N   1 
ATOM   811 C CA  . LEU A 1 106 ? 2.142   -13.088 -6.152  1.00 23.04 ? 106 LEU A CA  1 
ATOM   812 C C   . LEU A 1 106 ? 2.057   -13.913 -7.445  1.00 26.46 ? 106 LEU A C   1 
ATOM   813 O O   . LEU A 1 106 ? 1.842   -15.152 -7.437  1.00 27.32 ? 106 LEU A O   1 
ATOM   814 C CB  . LEU A 1 106 ? 3.509   -13.228 -5.534  1.00 21.83 ? 106 LEU A CB  1 
ATOM   815 C CG  . LEU A 1 106 ? 3.807   -12.465 -4.288  1.00 23.85 ? 106 LEU A CG  1 
ATOM   816 C CD1 . LEU A 1 106 ? 5.110   -12.900 -3.659  1.00 23.18 ? 106 LEU A CD1 1 
ATOM   817 C CD2 . LEU A 1 106 ? 3.913   -10.998 -4.691  1.00 24.43 ? 106 LEU A CD2 1 
ATOM   818 N N   . GLU A 1 107 ? 2.117   -13.209 -8.555  1.00 28.59 ? 107 GLU A N   1 
ATOM   819 C CA  . GLU A 1 107 ? 1.932   -13.826 -9.861  1.00 32.11 ? 107 GLU A CA  1 
ATOM   820 C C   . GLU A 1 107 ? 3.124   -13.354 -10.652 1.00 34.27 ? 107 GLU A C   1 
ATOM   821 O O   . GLU A 1 107 ? 3.256   -13.849 -11.760 1.00 38.08 ? 107 GLU A O   1 
ATOM   822 C CB  . GLU A 1 107 ? 0.722   -13.331 -10.596 1.00 32.32 ? 107 GLU A CB  1 
ATOM   823 C CG  . GLU A 1 107 ? -0.610  -13.512 -9.910  1.00 34.93 ? 107 GLU A CG  1 
ATOM   824 C CD  . GLU A 1 107 ? -1.802  -12.829 -10.637 1.00 35.56 ? 107 GLU A CD  1 
ATOM   825 O OE1 . GLU A 1 107 ? -1.588  -11.907 -11.427 1.00 36.69 ? 107 GLU A OE1 1 
ATOM   826 O OE2 . GLU A 1 107 ? -2.965  -13.196 -10.412 1.00 36.27 ? 107 GLU A OE2 1 
ATOM   827 O OXT . GLU A 1 107 ? 3.910   -12.490 -10.218 1.00 35.88 ? 107 GLU A OXT 1 
HETATM 828 C C1  . FK5 B 2 .   ? -0.443  4.314   -6.277  1.00 12.74 ? 108 FK5 A C1  1 
HETATM 829 C C2  . FK5 B 2 .   ? -1.140  4.380   -4.867  1.00 9.78  ? 108 FK5 A C2  1 
HETATM 830 C C3  . FK5 B 2 .   ? -0.634  3.098   -4.156  1.00 9.52  ? 108 FK5 A C3  1 
HETATM 831 C C4  . FK5 B 2 .   ? -1.353  1.903   -4.762  1.00 10.10 ? 108 FK5 A C4  1 
HETATM 832 C C5  . FK5 B 2 .   ? -2.912  1.900   -4.805  1.00 11.73 ? 108 FK5 A C5  1 
HETATM 833 C C6  . FK5 B 2 .   ? -3.270  3.179   -5.514  1.00 11.51 ? 108 FK5 A C6  1 
HETATM 834 C C8  . FK5 B 2 .   ? -3.211  5.501   -4.532  1.00 11.99 ? 108 FK5 A C8  1 
HETATM 835 C C9  . FK5 B 2 .   ? -4.681  5.572   -4.155  1.00 12.62 ? 108 FK5 A C9  1 
HETATM 836 C C10 . FK5 B 2 .   ? -5.480  6.342   -5.243  1.00 13.08 ? 108 FK5 A C10 1 
HETATM 837 C C11 . FK5 B 2 .   ? -4.799  7.661   -5.548  1.00 14.75 ? 108 FK5 A C11 1 
HETATM 838 C C12 . FK5 B 2 .   ? -5.456  8.255   -6.804  1.00 18.73 ? 108 FK5 A C12 1 
HETATM 839 C C13 . FK5 B 2 .   ? -5.314  7.260   -7.914  1.00 18.48 ? 108 FK5 A C13 1 
HETATM 840 C C14 . FK5 B 2 .   ? -6.085  5.992   -7.531  1.00 20.29 ? 108 FK5 A C14 1 
HETATM 841 C C15 . FK5 B 2 .   ? -6.127  4.970   -8.651  1.00 27.03 ? 108 FK5 A C15 1 
HETATM 842 C C16 . FK5 B 2 .   ? -7.586  4.703   -8.980  1.00 31.70 ? 108 FK5 A C16 1 
HETATM 843 C C17 . FK5 B 2 .   ? -7.952  4.957   -10.434 1.00 34.42 ? 108 FK5 A C17 1 
HETATM 844 C C18 . FK5 B 2 .   ? -6.917  5.270   -11.547 1.00 33.74 ? 108 FK5 A C18 1 
HETATM 845 C C19 . FK5 B 2 .   ? -5.893  4.374   -12.294 1.00 33.83 ? 108 FK5 A C19 1 
HETATM 846 C C20 . FK5 B 2 .   ? -4.980  5.099   -12.843 1.00 32.16 ? 108 FK5 A C20 1 
HETATM 847 C C21 . FK5 B 2 .   ? -3.783  4.808   -13.682 1.00 32.51 ? 108 FK5 A C21 1 
HETATM 848 C C22 . FK5 B 2 .   ? -2.556  5.214   -12.855 1.00 30.55 ? 108 FK5 A C22 1 
HETATM 849 C C23 . FK5 B 2 .   ? -2.087  4.035   -12.013 1.00 24.55 ? 108 FK5 A C23 1 
HETATM 850 C C24 . FK5 B 2 .   ? -1.001  4.401   -10.959 1.00 19.48 ? 108 FK5 A C24 1 
HETATM 851 C C25 . FK5 B 2 .   ? -1.538  4.307   -9.576  1.00 15.15 ? 108 FK5 A C25 1 
HETATM 852 C C26 . FK5 B 2 .   ? -0.627  4.913   -8.571  1.00 14.29 ? 108 FK5 A C26 1 
HETATM 853 C C27 . FK5 B 2 .   ? -0.203  6.273   -8.935  1.00 15.49 ? 108 FK5 A C27 1 
HETATM 854 C C28 . FK5 B 2 .   ? 1.129   6.438   -9.047  1.00 14.12 ? 108 FK5 A C28 1 
HETATM 855 C C29 . FK5 B 2 .   ? 1.848   7.637   -9.447  1.00 15.89 ? 108 FK5 A C29 1 
HETATM 856 C C30 . FK5 B 2 .   ? 2.809   8.138   -8.365  1.00 15.13 ? 108 FK5 A C30 1 
HETATM 857 C C31 . FK5 B 2 .   ? 3.678   9.298   -8.963  1.00 19.82 ? 108 FK5 A C31 1 
HETATM 858 C C32 . FK5 B 2 .   ? 4.386   8.903   -10.228 1.00 19.49 ? 108 FK5 A C32 1 
HETATM 859 C C33 . FK5 B 2 .   ? 3.473   8.399   -11.272 1.00 20.03 ? 108 FK5 A C33 1 
HETATM 860 C C34 . FK5 B 2 .   ? 2.500   7.297   -10.781 1.00 17.24 ? 108 FK5 A C34 1 
HETATM 861 C C35 . FK5 B 2 .   ? -4.824  8.652   -4.374  1.00 16.18 ? 108 FK5 A C35 1 
HETATM 862 C C36 . FK5 B 2 .   ? -8.831  6.172   -10.273 1.00 37.64 ? 108 FK5 A C36 1 
HETATM 863 C C37 . FK5 B 2 .   ? -5.884  2.885   -12.433 1.00 30.83 ? 108 FK5 A C37 1 
HETATM 864 C C38 . FK5 B 2 .   ? -3.953  5.707   -15.011 1.00 37.86 ? 108 FK5 A C38 1 
HETATM 865 C C39 . FK5 B 2 .   ? -4.928  6.737   -15.148 1.00 41.04 ? 108 FK5 A C39 1 
HETATM 866 C C40 . FK5 B 2 .   ? -5.833  6.881   -15.774 1.00 41.82 ? 108 FK5 A C40 1 
HETATM 867 C C41 . FK5 B 2 .   ? -1.930  2.811   -9.291  1.00 14.43 ? 108 FK5 A C41 1 
HETATM 868 C C42 . FK5 B 2 .   ? -1.275  7.368   -8.722  1.00 12.24 ? 108 FK5 A C42 1 
HETATM 869 C C43 . FK5 B 2 .   ? -4.784  8.255   -9.980  1.00 22.82 ? 108 FK5 A C43 1 
HETATM 870 C C44 . FK5 B 2 .   ? -6.025  2.329   -8.503  1.00 25.60 ? 108 FK5 A C44 1 
HETATM 871 C C45 . FK5 B 2 .   ? 4.283   10.845  -7.313  1.00 18.87 ? 108 FK5 A C45 1 
HETATM 872 N N7  . FK5 B 2 .   ? -2.621  4.476   -5.093  1.00 12.11 ? 108 FK5 A N7  1 
HETATM 873 O O1  . FK5 B 2 .   ? -1.254  4.597   -7.236  1.00 13.00 ? 108 FK5 A O1  1 
HETATM 874 O O2  . FK5 B 2 .   ? 0.694   4.241   -6.391  1.00 12.85 ? 108 FK5 A O2  1 
HETATM 875 O O3  . FK5 B 2 .   ? -2.511  6.434   -3.994  1.00 12.68 ? 108 FK5 A O3  1 
HETATM 876 O O4  . FK5 B 2 .   ? -5.332  5.005   -3.293  1.00 13.35 ? 108 FK5 A O4  1 
HETATM 877 O O5  . FK5 B 2 .   ? -5.475  5.410   -6.330  1.00 14.42 ? 108 FK5 A O5  1 
HETATM 878 O O6  . FK5 B 2 .   ? -6.801  6.365   -4.790  1.00 13.21 ? 108 FK5 A O6  1 
HETATM 879 O O7  . FK5 B 2 .   ? -5.847  7.740   -9.171  1.00 20.67 ? 108 FK5 A O7  1 
HETATM 880 O O8  . FK5 B 2 .   ? -5.477  3.657   -8.408  1.00 29.57 ? 108 FK5 A O8  1 
HETATM 881 O O9  . FK5 B 2 .   ? -2.210  6.335   -12.527 1.00 30.85 ? 108 FK5 A O9  1 
HETATM 882 O O10 . FK5 B 2 .   ? 0.118   3.502   -11.307 1.00 19.35 ? 108 FK5 A O10 1 
HETATM 883 O O11 . FK5 B 2 .   ? 4.545   9.701   -7.927  1.00 21.39 ? 108 FK5 A O11 1 
HETATM 884 O O12 . FK5 B 2 .   ? 5.093   10.110  -10.755 1.00 21.93 ? 108 FK5 A O12 1 
HETATM 885 O O   . HOH C 3 .   ? 6.105   6.953   7.883   1.00 27.85 ? 109 HOH A O   1 
HETATM 886 O O   . HOH C 3 .   ? 4.809   10.826  7.843   1.00 26.66 ? 110 HOH A O   1 
HETATM 887 O O   . HOH C 3 .   ? 11.630  -16.330 5.489   1.00 29.69 ? 111 HOH A O   1 
HETATM 888 O O   . HOH C 3 .   ? 10.252  -14.822 -0.868  1.00 39.06 ? 112 HOH A O   1 
HETATM 889 O O   . HOH C 3 .   ? -5.868  6.369   9.597   1.00 30.01 ? 113 HOH A O   1 
HETATM 890 O O   . HOH C 3 .   ? 8.254   -18.819 -0.756  1.00 43.10 ? 114 HOH A O   1 
HETATM 891 O O   . HOH C 3 .   ? 1.447   -16.531 -3.960  1.00 28.13 ? 115 HOH A O   1 
HETATM 892 O O   . HOH C 3 .   ? -0.571  -17.235 4.392   1.00 18.32 ? 116 HOH A O   1 
HETATM 893 O O   . HOH C 3 .   ? 12.484  -10.744 3.973   1.00 33.07 ? 117 HOH A O   1 
HETATM 894 O O   . HOH C 3 .   ? -0.797  -16.556 7.506   1.00 18.28 ? 118 HOH A O   1 
HETATM 895 O O   . HOH C 3 .   ? -1.092  -17.602 10.395  1.00 21.24 ? 119 HOH A O   1 
HETATM 896 O O   . HOH C 3 .   ? 5.985   -11.769 7.204   1.00 17.30 ? 120 HOH A O   1 
HETATM 897 O O   . HOH C 3 .   ? 11.972  -6.736  -3.289  1.00 44.22 ? 121 HOH A O   1 
HETATM 898 O O   . HOH C 3 .   ? 3.865   -12.304 8.936   1.00 18.59 ? 122 HOH A O   1 
HETATM 899 O O   . HOH C 3 .   ? -3.770  -16.067 10.609  1.00 34.80 ? 123 HOH A O   1 
HETATM 900 O O   . HOH C 3 .   ? -3.428  -13.783 8.221   1.00 33.53 ? 124 HOH A O   1 
HETATM 901 O O   . HOH C 3 .   ? -8.546  15.675  11.281  1.00 36.89 ? 125 HOH A O   1 
HETATM 902 O O   . HOH C 3 .   ? 14.470  4.899   -1.245  1.00 17.33 ? 126 HOH A O   1 
HETATM 903 O O   . HOH C 3 .   ? -0.601  -8.587  15.254  1.00 25.15 ? 127 HOH A O   1 
HETATM 904 O O   . HOH C 3 .   ? 1.370   -6.756  -13.833 1.00 66.18 ? 128 HOH A O   1 
HETATM 905 O O   . HOH C 3 .   ? 7.004   -5.255  9.852   1.00 62.78 ? 129 HOH A O   1 
HETATM 906 O O   . HOH C 3 .   ? 10.229  0.905   -8.500  1.00 26.44 ? 130 HOH A O   1 
HETATM 907 O O   . HOH C 3 .   ? 1.591   1.821   9.996   1.00 15.05 ? 131 HOH A O   1 
HETATM 908 O O   . HOH C 3 .   ? -0.447  5.747   11.307  1.00 23.79 ? 132 HOH A O   1 
HETATM 909 O O   . HOH C 3 .   ? 0.818   12.351  0.233   1.00 9.53  ? 133 HOH A O   1 
HETATM 910 O O   . HOH C 3 .   ? 5.072   17.277  -4.705  1.00 16.55 ? 134 HOH A O   1 
HETATM 911 O O   . HOH C 3 .   ? 5.346   17.285  2.381   1.00 22.50 ? 135 HOH A O   1 
HETATM 912 O O   . HOH C 3 .   ? -10.009 0.582   7.063   1.00 43.91 ? 136 HOH A O   1 
HETATM 913 O O   . HOH C 3 .   ? -2.512  -13.234 14.562  1.00 49.46 ? 137 HOH A O   1 
HETATM 914 O O   . HOH C 3 .   ? 6.186   -8.301  7.750   1.00 55.47 ? 138 HOH A O   1 
HETATM 915 O O   . HOH C 3 .   ? -6.508  -11.687 7.246   1.00 49.34 ? 139 HOH A O   1 
HETATM 916 O O   . HOH C 3 .   ? -8.823  15.691  2.148   1.00 57.35 ? 140 HOH A O   1 
HETATM 917 O O   . HOH C 3 .   ? 6.582   -0.353  -9.360  1.00 18.55 ? 141 HOH A O   1 
HETATM 918 O O   . HOH C 3 .   ? 8.035   3.290   -6.912  1.00 19.10 ? 142 HOH A O   1 
HETATM 919 O O   . HOH C 3 .   ? 10.194  4.861   -7.423  1.00 19.93 ? 143 HOH A O   1 
HETATM 920 O O   . HOH C 3 .   ? 2.054   5.676   -14.521 1.00 60.24 ? 144 HOH A O   1 
HETATM 921 O O   . HOH C 3 .   ? 3.607   11.991  -13.162 1.00 44.00 ? 145 HOH A O   1 
HETATM 922 O O   . HOH C 3 .   ? 0.504   15.032  -0.162  1.00 11.42 ? 146 HOH A O   1 
HETATM 923 O O   . HOH C 3 .   ? -10.665 15.529  -7.714  1.00 45.37 ? 147 HOH A O   1 
HETATM 924 O O   . HOH C 3 .   ? -4.735  -13.597 12.731  1.00 35.42 ? 148 HOH A O   1 
HETATM 925 O O   . HOH C 3 .   ? 12.618  -13.653 0.286   1.00 53.45 ? 149 HOH A O   1 
HETATM 926 O O   . HOH C 3 .   ? 14.416  -8.631  4.261   1.00 37.84 ? 150 HOH A O   1 
HETATM 927 O O   . HOH C 3 .   ? 13.914  -8.290  -5.239  1.00 37.53 ? 151 HOH A O   1 
HETATM 928 O O   . HOH C 3 .   ? 1.100   -13.455 -15.216 1.00 42.45 ? 152 HOH A O   1 
HETATM 929 O O   . HOH C 3 .   ? 4.605   -9.976  10.758  1.00 31.02 ? 153 HOH A O   1 
HETATM 930 O O   . HOH C 3 .   ? -13.459 -7.196  -2.484  1.00 51.23 ? 154 HOH A O   1 
HETATM 931 O O   . HOH C 3 .   ? -9.255  -11.755 2.322   1.00 39.06 ? 155 HOH A O   1 
HETATM 932 O O   . HOH C 3 .   ? 8.186   -0.735  9.434   1.00 34.66 ? 156 HOH A O   1 
HETATM 933 O O   . HOH C 3 .   ? -11.626 -9.823  4.540   1.00 72.85 ? 157 HOH A O   1 
HETATM 934 O O   . HOH C 3 .   ? 5.956   2.529   -16.032 1.00 59.16 ? 158 HOH A O   1 
HETATM 935 O O   . HOH C 3 .   ? -9.285  8.172   -5.034  1.00 38.47 ? 160 HOH A O   1 
HETATM 936 O O   . HOH C 3 .   ? -13.111 13.966  -5.952  1.00 45.65 ? 161 HOH A O   1 
HETATM 937 O O   . HOH C 3 .   ? 7.558   -2.100  11.790  1.00 49.06 ? 162 HOH A O   1 
HETATM 938 O O   . HOH C 3 .   ? 5.648   -20.720 5.439   1.00 70.34 ? 163 HOH A O   1 
HETATM 939 O O   . HOH C 3 .   ? 8.685   -14.412 -4.083  1.00 36.65 ? 164 HOH A O   1 
HETATM 940 O O   . HOH C 3 .   ? -4.103  6.735   11.668  1.00 34.83 ? 165 HOH A O   1 
HETATM 941 O O   . HOH C 3 .   ? -5.564  -3.598  -10.963 1.00 25.26 ? 166 HOH A O   1 
HETATM 942 O O   . HOH C 3 .   ? 8.185   12.894  4.243   1.00 25.88 ? 167 HOH A O   1 
HETATM 943 O O   . HOH C 3 .   ? 6.458   -16.481 -6.009  1.00 77.18 ? 168 HOH A O   1 
HETATM 944 O O   . HOH C 3 .   ? -6.324  -13.540 -6.171  1.00 50.10 ? 169 HOH A O   1 
HETATM 945 O O   . HOH C 3 .   ? -7.040  -4.598  3.219   1.00 32.30 ? 170 HOH A O   1 
HETATM 946 O O   . HOH C 3 .   ? 6.789   -19.891 8.007   1.00 45.09 ? 171 HOH A O   1 
HETATM 947 O O   . HOH C 3 .   ? 10.674  3.037   -14.506 1.00 51.94 ? 172 HOH A O   1 
HETATM 948 O O   . HOH C 3 .   ? -14.941 12.042  -6.240  1.00 51.17 ? 173 HOH A O   1 
# 
